data_9IIR
#
_entry.id   9IIR
#
_cell.length_a   1.00
_cell.length_b   1.00
_cell.length_c   1.00
_cell.angle_alpha   90.00
_cell.angle_beta   90.00
_cell.angle_gamma   90.00
#
_symmetry.space_group_name_H-M   'P 1'
#
loop_
_entity.id
_entity.type
_entity.pdbx_description
1 polymer 'Neuronal acetylcholine receptor subunit alpha-7'
2 branched 2-acetamido-2-deoxy-beta-D-glucopyranose-(1-4)-2-acetamido-2-deoxy-beta-D-glucopyranose
3 non-polymer (3aR,4S,9bS)-4-(4-bromophenyl)-3a,4,5,9b-tetrahydro-3H-cyclopenta[c]quinoline-8-sulfonamide
4 non-polymer 'CALCIUM ION'
5 non-polymer 2-acetamido-2-deoxy-beta-D-glucopyranose
6 non-polymer CHOLESTEROL
#
_entity_poly.entity_id   1
_entity_poly.type   'polypeptide(L)'
_entity_poly.pdbx_seq_one_letter_code
;MRCSPGGVWLALAASLLHVSLQGEFQRKLYKELVKNYNPLERPVANDSQPLTVYFSLSLLQIMDVDEKNQVLTTNIWLQM
SWTDHYLQWNVSEYPGVKTVRFPDGQIWKPDILLYNSADERFDATFHTNVLVNSSGHCQYLPPGIFKSSCYIDVRWFPFD
VQHCKLKFGSWSYGGWSLDLQMQEADISGYIPNGEWDLVGIPGKRSERFYECCKEPYPDVTFTVTMRRRTLYYGLNLLIP
CVLISALALLVFLLPADSGEKISLGITVLLSLTVFMLLVAEIMPATSDSVPLIAQYFASTMIIVGLSVVVTVIVLQYHHH
DPDGGKMPKWTRVILLNWCAWFLRMKRPGEDKVRPACQHKQRRCSLASVEMSAVAPPPASNGNLLYIGFRGLDGVHCVPT
PDSGVVCGRMACSPTHDEHLLHGGQPPEGDPDLAKILEEVRYIANRFRCQDESEAVCSEWKFAACVVDRLCLMAFSVFTI
ICTIGILMSAPNFVEAVSKDFAGGDYKDDDDK
;
_entity_poly.pdbx_strand_id   A,B,C,D,E
#
loop_
_chem_comp.id
_chem_comp.type
_chem_comp.name
_chem_comp.formula
CA non-polymer 'CALCIUM ION' 'Ca 2'
CLR non-polymer CHOLESTEROL 'C27 H46 O'
NAG D-saccharide, beta linking 2-acetamido-2-deoxy-beta-D-glucopyranose 'C8 H15 N O6'
YLI non-polymer (3aR,4S,9bS)-4-(4-bromophenyl)-3a,4,5,9b-tetrahydro-3H-cyclopenta[c]quinoline-8-sulfonamide 'C18 H17 Br N2 O2 S'
#
# COMPACT_ATOMS: atom_id res chain seq x y z
N GLY A 23 -1.30 -44.74 -35.05
CA GLY A 23 -1.31 -45.72 -36.11
C GLY A 23 -2.39 -46.78 -35.94
N GLU A 24 -2.27 -47.86 -36.70
CA GLU A 24 -3.26 -48.94 -36.62
C GLU A 24 -3.20 -49.63 -35.27
N PHE A 25 -2.01 -50.04 -34.84
CA PHE A 25 -1.88 -50.77 -33.58
C PHE A 25 -2.22 -49.89 -32.39
N GLN A 26 -1.78 -48.63 -32.40
CA GLN A 26 -2.10 -47.73 -31.28
C GLN A 26 -3.59 -47.47 -31.19
N ARG A 27 -4.24 -47.25 -32.34
CA ARG A 27 -5.69 -47.04 -32.33
C ARG A 27 -6.43 -48.27 -31.84
N LYS A 28 -5.99 -49.46 -32.29
CA LYS A 28 -6.62 -50.69 -31.82
C LYS A 28 -6.45 -50.86 -30.31
N LEU A 29 -5.25 -50.57 -29.80
CA LEU A 29 -5.01 -50.68 -28.37
C LEU A 29 -5.87 -49.70 -27.58
N TYR A 30 -5.96 -48.45 -28.05
CA TYR A 30 -6.77 -47.46 -27.36
C TYR A 30 -8.25 -47.84 -27.36
N LYS A 31 -8.73 -48.37 -28.48
CA LYS A 31 -10.13 -48.79 -28.53
C LYS A 31 -10.38 -50.01 -27.67
N GLU A 32 -9.38 -50.89 -27.53
CA GLU A 32 -9.55 -52.09 -26.72
C GLU A 32 -9.53 -51.78 -25.23
N LEU A 33 -8.62 -50.90 -24.80
CA LEU A 33 -8.49 -50.62 -23.37
C LEU A 33 -9.72 -49.91 -22.82
N VAL A 34 -10.27 -48.95 -23.57
CA VAL A 34 -11.40 -48.18 -23.07
C VAL A 34 -12.64 -49.06 -22.93
N LYS A 35 -12.81 -50.05 -23.81
CA LYS A 35 -14.00 -50.88 -23.79
C LYS A 35 -14.15 -51.60 -22.45
N ASN A 36 -15.36 -51.53 -21.88
CA ASN A 36 -15.69 -52.17 -20.60
C ASN A 36 -14.73 -51.74 -19.50
N TYR A 37 -14.47 -50.45 -19.41
CA TYR A 37 -13.64 -49.87 -18.36
C TYR A 37 -14.44 -48.82 -17.61
N ASN A 38 -14.45 -48.92 -16.28
CA ASN A 38 -15.16 -47.98 -15.42
C ASN A 38 -14.15 -47.10 -14.71
N PRO A 39 -14.17 -45.78 -14.93
CA PRO A 39 -13.16 -44.92 -14.29
C PRO A 39 -13.44 -44.69 -12.81
N LEU A 40 -14.42 -45.39 -12.25
CA LEU A 40 -14.78 -45.24 -10.86
C LEU A 40 -14.30 -46.38 -9.98
N GLU A 41 -14.07 -47.57 -10.53
CA GLU A 41 -13.67 -48.71 -9.74
C GLU A 41 -12.17 -48.67 -9.43
N ARG A 42 -11.80 -49.21 -8.29
CA ARG A 42 -10.40 -49.35 -7.93
C ARG A 42 -9.79 -50.49 -8.73
N PRO A 43 -8.67 -50.26 -9.43
CA PRO A 43 -8.11 -51.28 -10.34
C PRO A 43 -7.35 -52.37 -9.60
N VAL A 44 -8.05 -53.10 -8.73
CA VAL A 44 -7.49 -54.23 -8.03
C VAL A 44 -8.11 -55.51 -8.58
N ALA A 45 -7.35 -56.60 -8.50
CA ALA A 45 -7.77 -57.88 -9.07
C ALA A 45 -8.61 -58.72 -8.12
N ASN A 46 -8.72 -58.34 -6.85
CA ASN A 46 -9.46 -59.12 -5.88
C ASN A 46 -10.51 -58.33 -5.10
N ASP A 47 -10.50 -57.00 -5.18
CA ASP A 47 -11.43 -56.09 -4.51
C ASP A 47 -11.27 -56.08 -2.99
N SER A 48 -10.36 -56.87 -2.44
CA SER A 48 -10.08 -56.87 -1.01
C SER A 48 -8.64 -56.54 -0.68
N GLN A 49 -7.69 -56.98 -1.50
CA GLN A 49 -6.29 -56.63 -1.28
C GLN A 49 -6.09 -55.14 -1.52
N PRO A 50 -5.37 -54.45 -0.63
CA PRO A 50 -5.16 -53.02 -0.81
C PRO A 50 -4.33 -52.70 -2.04
N LEU A 51 -4.56 -51.53 -2.61
CA LEU A 51 -3.83 -51.06 -3.78
C LEU A 51 -2.67 -50.19 -3.30
N THR A 52 -1.45 -50.60 -3.61
CA THR A 52 -0.26 -49.88 -3.17
C THR A 52 -0.02 -48.69 -4.09
N VAL A 53 0.01 -47.48 -3.51
CA VAL A 53 0.27 -46.25 -4.24
C VAL A 53 1.51 -45.61 -3.65
N TYR A 54 2.52 -45.42 -4.48
CA TYR A 54 3.78 -44.80 -4.05
C TYR A 54 3.68 -43.30 -4.30
N PHE A 55 3.63 -42.53 -3.21
CA PHE A 55 3.48 -41.09 -3.28
C PHE A 55 4.79 -40.40 -2.93
N SER A 56 5.15 -39.40 -3.72
CA SER A 56 6.32 -38.58 -3.47
C SER A 56 6.13 -37.25 -4.19
N LEU A 57 6.94 -36.27 -3.81
CA LEU A 57 6.90 -34.95 -4.43
C LEU A 57 8.30 -34.54 -4.84
N SER A 58 8.36 -33.44 -5.62
CA SER A 58 9.62 -32.88 -6.09
C SER A 58 9.55 -31.37 -5.89
N LEU A 59 10.16 -30.89 -4.82
CA LEU A 59 10.13 -29.46 -4.52
C LEU A 59 10.96 -28.70 -5.55
N LEU A 60 10.38 -27.63 -6.10
CA LEU A 60 11.05 -26.80 -7.10
C LEU A 60 11.50 -25.46 -6.54
N GLN A 61 10.62 -24.74 -5.86
CA GLN A 61 10.99 -23.48 -5.23
C GLN A 61 9.93 -23.12 -4.19
N ILE A 62 10.31 -22.22 -3.30
CA ILE A 62 9.40 -21.66 -2.31
C ILE A 62 8.99 -20.28 -2.80
N MET A 63 7.70 -20.12 -3.12
CA MET A 63 7.24 -18.88 -3.72
C MET A 63 7.30 -17.72 -2.72
N ASP A 64 6.55 -17.82 -1.63
CA ASP A 64 6.52 -16.77 -0.63
C ASP A 64 6.00 -17.36 0.68
N VAL A 65 6.74 -17.12 1.77
CA VAL A 65 6.32 -17.55 3.09
C VAL A 65 5.57 -16.38 3.73
N ASP A 66 4.25 -16.41 3.62
CA ASP A 66 3.40 -15.33 4.12
C ASP A 66 3.11 -15.59 5.60
N GLU A 67 3.92 -15.00 6.47
CA GLU A 67 3.73 -15.17 7.91
C GLU A 67 2.51 -14.43 8.42
N LYS A 68 2.00 -13.46 7.64
CA LYS A 68 0.82 -12.71 8.07
C LYS A 68 -0.39 -13.63 8.20
N ASN A 69 -0.66 -14.44 7.19
CA ASN A 69 -1.78 -15.38 7.19
C ASN A 69 -1.35 -16.80 7.53
N GLN A 70 -0.07 -17.02 7.86
CA GLN A 70 0.46 -18.34 8.19
C GLN A 70 0.21 -19.34 7.05
N VAL A 71 0.49 -18.91 5.82
CA VAL A 71 0.31 -19.72 4.63
C VAL A 71 1.64 -19.80 3.88
N LEU A 72 2.01 -21.01 3.48
CA LEU A 72 3.23 -21.26 2.72
C LEU A 72 2.88 -21.57 1.28
N THR A 73 3.50 -20.84 0.34
CA THR A 73 3.26 -21.03 -1.09
C THR A 73 4.51 -21.65 -1.70
N THR A 74 4.34 -22.82 -2.32
CA THR A 74 5.45 -23.55 -2.92
C THR A 74 5.05 -24.10 -4.27
N ASN A 75 6.05 -24.30 -5.12
CA ASN A 75 5.88 -24.93 -6.43
C ASN A 75 6.35 -26.37 -6.33
N ILE A 76 5.41 -27.32 -6.36
CA ILE A 76 5.69 -28.71 -6.08
C ILE A 76 5.15 -29.58 -7.21
N TRP A 77 5.96 -30.53 -7.66
CA TRP A 77 5.54 -31.54 -8.64
C TRP A 77 5.29 -32.84 -7.88
N LEU A 78 4.01 -33.22 -7.76
CA LEU A 78 3.68 -34.47 -7.10
C LEU A 78 4.06 -35.65 -8.00
N GLN A 79 4.26 -36.80 -7.36
CA GLN A 79 4.61 -38.03 -8.07
C GLN A 79 3.82 -39.17 -7.47
N MET A 80 2.91 -39.75 -8.26
CA MET A 80 2.10 -40.89 -7.85
C MET A 80 2.30 -42.02 -8.82
N SER A 81 2.45 -43.24 -8.28
CA SER A 81 2.65 -44.43 -9.10
C SER A 81 1.86 -45.58 -8.50
N TRP A 82 0.98 -46.17 -9.30
CA TRP A 82 0.19 -47.33 -8.90
C TRP A 82 0.14 -48.30 -10.07
N THR A 83 -0.39 -49.48 -9.80
CA THR A 83 -0.51 -50.54 -10.80
C THR A 83 -1.97 -50.74 -11.17
N ASP A 84 -2.26 -50.71 -12.47
CA ASP A 84 -3.61 -50.89 -12.98
C ASP A 84 -3.73 -52.28 -13.59
N HIS A 85 -4.76 -53.02 -13.21
CA HIS A 85 -4.93 -54.39 -13.68
C HIS A 85 -5.59 -54.45 -15.05
N TYR A 86 -6.40 -53.44 -15.40
CA TYR A 86 -7.15 -53.46 -16.65
C TYR A 86 -6.47 -52.70 -17.77
N LEU A 87 -5.25 -52.22 -17.56
CA LEU A 87 -4.51 -51.48 -18.58
C LEU A 87 -3.23 -52.22 -18.97
N GLN A 88 -3.33 -53.53 -19.14
CA GLN A 88 -2.20 -54.37 -19.53
C GLN A 88 -2.44 -54.94 -20.92
N TRP A 89 -1.41 -54.89 -21.75
CA TRP A 89 -1.48 -55.41 -23.11
C TRP A 89 -0.18 -56.10 -23.45
N ASN A 90 -0.16 -56.75 -24.62
CA ASN A 90 1.00 -57.49 -25.11
C ASN A 90 1.77 -56.64 -26.10
N VAL A 91 3.07 -56.49 -25.85
CA VAL A 91 3.91 -55.68 -26.73
C VAL A 91 4.02 -56.32 -28.11
N SER A 92 4.18 -57.64 -28.17
CA SER A 92 4.30 -58.32 -29.45
C SER A 92 3.03 -58.18 -30.27
N GLU A 93 1.87 -58.29 -29.64
CA GLU A 93 0.60 -58.16 -30.36
C GLU A 93 0.36 -56.73 -30.83
N TYR A 94 0.97 -55.74 -30.19
CA TYR A 94 0.83 -54.33 -30.56
C TYR A 94 2.23 -53.75 -30.74
N PRO A 95 2.89 -54.05 -31.86
CA PRO A 95 4.26 -53.58 -32.06
C PRO A 95 4.33 -52.06 -32.11
N GLY A 96 5.42 -51.53 -31.60
CA GLY A 96 5.68 -50.09 -31.64
C GLY A 96 5.19 -49.31 -30.44
N VAL A 97 3.95 -49.53 -30.03
CA VAL A 97 3.35 -48.78 -28.92
C VAL A 97 3.75 -49.44 -27.61
N LYS A 98 4.33 -48.65 -26.71
CA LYS A 98 4.74 -49.13 -25.39
C LYS A 98 4.14 -48.33 -24.24
N THR A 99 3.54 -47.17 -24.50
CA THR A 99 2.97 -46.33 -23.47
C THR A 99 1.71 -45.67 -23.98
N VAL A 100 0.68 -45.60 -23.13
CA VAL A 100 -0.57 -44.94 -23.46
C VAL A 100 -0.89 -43.93 -22.36
N ARG A 101 -1.47 -42.80 -22.75
CA ARG A 101 -1.76 -41.71 -21.83
C ARG A 101 -3.25 -41.39 -21.88
N PHE A 102 -3.87 -41.29 -20.71
CA PHE A 102 -5.29 -41.00 -20.60
C PHE A 102 -5.51 -39.72 -19.82
N PRO A 103 -6.36 -38.82 -20.29
CA PRO A 103 -6.61 -37.58 -19.53
C PRO A 103 -7.52 -37.82 -18.34
N ASP A 104 -7.90 -36.74 -17.65
CA ASP A 104 -8.77 -36.85 -16.48
C ASP A 104 -10.15 -37.35 -16.89
N GLY A 105 -10.75 -38.18 -16.03
CA GLY A 105 -12.07 -38.71 -16.27
C GLY A 105 -12.14 -39.93 -17.14
N GLN A 106 -11.01 -40.43 -17.64
CA GLN A 106 -10.99 -41.61 -18.48
C GLN A 106 -10.45 -42.86 -17.79
N ILE A 107 -9.55 -42.70 -16.81
CA ILE A 107 -9.05 -43.81 -16.02
C ILE A 107 -9.10 -43.43 -14.55
N TRP A 108 -9.11 -44.44 -13.70
CA TRP A 108 -9.14 -44.22 -12.26
C TRP A 108 -7.82 -43.62 -11.79
N LYS A 109 -7.92 -42.64 -10.90
CA LYS A 109 -6.76 -42.03 -10.26
C LYS A 109 -6.99 -41.92 -8.77
N PRO A 110 -5.93 -41.99 -7.97
CA PRO A 110 -6.08 -41.76 -6.53
C PRO A 110 -6.49 -40.33 -6.25
N ASP A 111 -7.23 -40.15 -5.17
CA ASP A 111 -7.75 -38.85 -4.76
C ASP A 111 -6.86 -38.16 -3.73
N ILE A 112 -5.54 -38.37 -3.83
CA ILE A 112 -4.61 -37.77 -2.89
C ILE A 112 -4.59 -36.26 -3.09
N LEU A 113 -4.75 -35.52 -1.99
CA LEU A 113 -4.69 -34.06 -2.04
C LEU A 113 -4.22 -33.55 -0.69
N LEU A 114 -3.75 -32.30 -0.69
CA LEU A 114 -3.21 -31.69 0.51
C LEU A 114 -4.32 -31.47 1.54
N TYR A 115 -4.17 -32.05 2.73
CA TYR A 115 -5.18 -31.91 3.76
C TYR A 115 -5.27 -30.47 4.26
N ASN A 116 -4.14 -29.83 4.51
CA ASN A 116 -4.09 -28.49 5.08
C ASN A 116 -3.92 -27.42 4.00
N SER A 117 -4.47 -27.65 2.81
CA SER A 117 -4.37 -26.67 1.74
C SER A 117 -5.21 -25.45 2.07
N ALA A 118 -4.59 -24.27 2.02
CA ALA A 118 -5.28 -23.02 2.27
C ALA A 118 -5.74 -22.32 0.99
N ASP A 119 -5.53 -22.95 -0.16
CA ASP A 119 -5.96 -22.36 -1.42
C ASP A 119 -7.49 -22.39 -1.53
N GLU A 120 -8.04 -21.40 -2.24
CA GLU A 120 -9.48 -21.33 -2.39
C GLU A 120 -10.03 -22.55 -3.13
N ARG A 121 -9.34 -23.00 -4.17
CA ARG A 121 -9.75 -24.20 -4.89
C ARG A 121 -9.50 -25.46 -4.08
N PHE A 122 -8.55 -25.42 -3.14
CA PHE A 122 -8.23 -26.52 -2.23
C PHE A 122 -7.53 -27.67 -2.94
N ASP A 123 -7.43 -27.59 -4.27
CA ASP A 123 -6.74 -28.61 -5.04
C ASP A 123 -5.38 -28.13 -5.53
N ALA A 124 -5.35 -27.02 -6.27
CA ALA A 124 -4.11 -26.39 -6.72
C ALA A 124 -3.21 -27.39 -7.46
N THR A 125 -3.82 -28.23 -8.29
CA THR A 125 -3.09 -29.21 -9.08
C THR A 125 -3.56 -29.12 -10.52
N PHE A 126 -2.60 -29.09 -11.45
CA PHE A 126 -2.90 -29.12 -12.88
C PHE A 126 -2.97 -30.57 -13.31
N HIS A 127 -4.15 -31.03 -13.69
CA HIS A 127 -4.38 -32.43 -14.01
C HIS A 127 -3.78 -32.74 -15.38
N THR A 128 -2.75 -33.58 -15.40
CA THR A 128 -2.08 -33.98 -16.63
C THR A 128 -2.48 -35.41 -16.98
N ASN A 129 -1.89 -35.91 -18.06
CA ASN A 129 -2.13 -37.29 -18.48
C ASN A 129 -1.40 -38.26 -17.56
N VAL A 130 -1.81 -39.53 -17.63
CA VAL A 130 -1.25 -40.59 -16.80
C VAL A 130 -0.61 -41.61 -17.73
N LEU A 131 0.71 -41.71 -17.68
CA LEU A 131 1.42 -42.70 -18.49
C LEU A 131 1.16 -44.11 -17.96
N VAL A 132 0.94 -45.04 -18.88
CA VAL A 132 0.70 -46.44 -18.53
C VAL A 132 1.67 -47.31 -19.31
N ASN A 133 2.41 -48.15 -18.60
CA ASN A 133 3.35 -49.07 -19.22
C ASN A 133 2.61 -50.31 -19.73
N SER A 134 3.37 -51.23 -20.35
CA SER A 134 2.76 -52.46 -20.85
C SER A 134 2.23 -53.34 -19.73
N SER A 135 2.79 -53.21 -18.53
CA SER A 135 2.35 -53.99 -17.37
C SER A 135 1.26 -53.27 -16.58
N GLY A 136 0.80 -52.12 -17.04
CA GLY A 136 -0.25 -51.38 -16.36
C GLY A 136 0.23 -50.47 -15.24
N HIS A 137 1.53 -50.30 -15.08
CA HIS A 137 2.06 -49.44 -14.02
CA HIS A 137 2.05 -49.44 -14.01
C HIS A 137 1.84 -47.99 -14.39
N CYS A 138 0.80 -47.38 -13.81
CA CYS A 138 0.49 -45.99 -14.10
C CYS A 138 1.51 -45.06 -13.44
N GLN A 139 1.54 -43.83 -13.93
CA GLN A 139 2.46 -42.81 -13.40
C GLN A 139 1.81 -41.45 -13.55
N TYR A 140 1.70 -40.72 -12.44
CA TYR A 140 1.02 -39.44 -12.40
C TYR A 140 1.96 -38.39 -11.82
N LEU A 141 2.14 -37.28 -12.54
CA LEU A 141 2.98 -36.17 -12.09
C LEU A 141 2.21 -34.86 -12.23
N PRO A 142 1.27 -34.60 -11.33
CA PRO A 142 0.53 -33.33 -11.40
C PRO A 142 1.29 -32.20 -10.74
N PRO A 143 1.53 -31.11 -11.45
CA PRO A 143 2.18 -29.94 -10.86
C PRO A 143 1.16 -29.08 -10.15
N GLY A 144 1.63 -27.94 -9.62
CA GLY A 144 0.74 -27.01 -8.97
C GLY A 144 1.41 -26.10 -7.96
N ILE A 145 0.85 -24.91 -7.77
CA ILE A 145 1.36 -23.94 -6.80
C ILE A 145 0.54 -24.14 -5.53
N PHE A 146 1.03 -25.01 -4.65
CA PHE A 146 0.31 -25.32 -3.42
C PHE A 146 0.41 -24.18 -2.42
N LYS A 147 -0.65 -24.04 -1.62
CA LYS A 147 -0.71 -23.05 -0.54
C LYS A 147 -1.05 -23.79 0.75
N SER A 148 -0.02 -24.26 1.45
CA SER A 148 -0.21 -24.95 2.71
C SER A 148 -0.42 -23.95 3.85
N SER A 149 -0.98 -24.44 4.94
CA SER A 149 -1.23 -23.63 6.14
C SER A 149 -0.42 -24.23 7.28
N CYS A 150 0.67 -23.55 7.64
CA CYS A 150 1.55 -23.99 8.72
C CYS A 150 1.71 -22.88 9.75
N TYR A 151 1.85 -23.29 11.00
CA TYR A 151 2.09 -22.34 12.08
C TYR A 151 3.47 -21.72 11.93
N ILE A 152 3.53 -20.40 11.99
CA ILE A 152 4.78 -19.66 11.80
C ILE A 152 5.01 -18.82 13.05
N ASP A 153 6.03 -19.18 13.82
CA ASP A 153 6.41 -18.41 15.01
C ASP A 153 7.48 -17.39 14.65
N VAL A 154 7.38 -16.20 15.24
CA VAL A 154 8.30 -15.12 14.97
C VAL A 154 9.01 -14.72 16.26
N ARG A 155 9.21 -15.69 17.15
CA ARG A 155 9.86 -15.41 18.43
C ARG A 155 11.30 -14.94 18.23
N TRP A 156 12.04 -15.58 17.33
CA TRP A 156 13.45 -15.29 17.11
C TRP A 156 13.70 -14.57 15.80
N PHE A 157 12.74 -13.76 15.35
CA PHE A 157 12.92 -13.01 14.12
C PHE A 157 14.07 -12.03 14.26
N PRO A 158 14.93 -11.88 13.24
CA PRO A 158 14.92 -12.57 11.95
C PRO A 158 15.74 -13.86 11.94
N PHE A 159 16.38 -14.24 13.05
CA PHE A 159 17.13 -15.49 13.13
C PHE A 159 16.15 -16.64 13.38
N ASP A 160 15.36 -16.92 12.36
CA ASP A 160 14.19 -17.77 12.48
C ASP A 160 14.36 -19.04 11.65
N VAL A 161 13.96 -20.17 12.24
CA VAL A 161 13.92 -21.46 11.57
C VAL A 161 12.48 -21.97 11.63
N GLN A 162 11.92 -22.28 10.47
CA GLN A 162 10.53 -22.67 10.36
C GLN A 162 10.41 -24.13 9.94
N HIS A 163 9.41 -24.81 10.49
CA HIS A 163 9.10 -26.19 10.14
C HIS A 163 7.67 -26.24 9.63
N CYS A 164 7.50 -25.99 8.32
CA CYS A 164 6.18 -26.05 7.70
C CYS A 164 5.90 -27.45 7.20
N LYS A 165 4.66 -27.89 7.37
CA LYS A 165 4.27 -29.28 7.17
C LYS A 165 3.29 -29.38 6.01
N LEU A 166 3.55 -30.34 5.11
CA LEU A 166 2.67 -30.63 3.98
C LEU A 166 2.08 -32.02 4.21
N LYS A 167 0.78 -32.09 4.48
CA LYS A 167 0.12 -33.33 4.84
C LYS A 167 -0.70 -33.81 3.64
N PHE A 168 -0.25 -34.90 3.02
CA PHE A 168 -0.93 -35.49 1.86
C PHE A 168 -1.51 -36.84 2.25
N GLY A 169 -2.71 -37.12 1.74
CA GLY A 169 -3.34 -38.40 1.99
C GLY A 169 -4.61 -38.55 1.17
N SER A 170 -5.02 -39.79 1.01
CA SER A 170 -6.25 -40.07 0.26
C SER A 170 -7.47 -39.57 1.03
N TRP A 171 -8.39 -38.94 0.30
CA TRP A 171 -9.53 -38.31 0.95
C TRP A 171 -10.57 -39.32 1.41
N SER A 172 -10.83 -40.35 0.61
CA SER A 172 -11.93 -41.28 0.89
C SER A 172 -11.49 -42.71 0.67
N TYR A 173 -10.26 -43.05 1.04
CA TYR A 173 -9.77 -44.41 0.97
C TYR A 173 -9.05 -44.78 2.26
N GLY A 174 -9.32 -45.98 2.75
CA GLY A 174 -8.68 -46.49 3.94
C GLY A 174 -7.39 -47.23 3.63
N GLY A 175 -6.81 -47.82 4.69
CA GLY A 175 -5.57 -48.55 4.53
C GLY A 175 -5.73 -49.93 3.95
N TRP A 176 -6.94 -50.49 3.97
CA TRP A 176 -7.20 -51.80 3.41
C TRP A 176 -7.65 -51.75 1.96
N SER A 177 -7.81 -50.55 1.41
CA SER A 177 -8.15 -50.38 0.00
C SER A 177 -7.08 -49.62 -0.78
N LEU A 178 -6.52 -48.57 -0.20
CA LEU A 178 -5.47 -47.77 -0.84
C LEU A 178 -4.48 -47.36 0.25
N ASP A 179 -3.40 -48.10 0.38
CA ASP A 179 -2.36 -47.78 1.36
C ASP A 179 -1.28 -46.94 0.71
N LEU A 180 -0.88 -45.87 1.38
CA LEU A 180 0.15 -44.98 0.85
C LEU A 180 1.53 -45.50 1.20
N GLN A 181 2.41 -45.55 0.21
CA GLN A 181 3.83 -45.84 0.42
C GLN A 181 4.62 -44.60 0.08
N MET A 182 5.63 -44.30 0.90
CA MET A 182 6.36 -43.05 0.80
C MET A 182 7.69 -43.25 0.07
N GLN A 183 8.01 -42.32 -0.82
CA GLN A 183 9.31 -42.22 -1.44
C GLN A 183 9.90 -40.83 -1.12
N GLU A 184 11.21 -40.78 -0.95
CA GLU A 184 11.86 -39.56 -0.50
C GLU A 184 11.68 -38.44 -1.51
N ALA A 185 11.53 -37.23 -1.00
CA ALA A 185 11.32 -36.06 -1.85
C ALA A 185 12.55 -35.80 -2.72
N ASP A 186 12.30 -35.21 -3.89
CA ASP A 186 13.33 -34.96 -4.88
C ASP A 186 13.84 -33.53 -4.71
N ILE A 187 15.07 -33.40 -4.21
CA ILE A 187 15.65 -32.07 -4.02
C ILE A 187 16.28 -31.56 -5.32
N SER A 188 16.73 -32.46 -6.19
CA SER A 188 17.35 -32.05 -7.45
C SER A 188 16.38 -31.20 -8.27
N GLY A 189 16.89 -30.09 -8.80
CA GLY A 189 16.09 -29.14 -9.52
C GLY A 189 15.43 -28.08 -8.67
N TYR A 190 15.81 -27.96 -7.41
CA TYR A 190 15.24 -26.93 -6.52
C TYR A 190 15.93 -25.61 -6.76
N ILE A 191 15.16 -24.58 -7.10
CA ILE A 191 15.69 -23.24 -7.30
C ILE A 191 15.89 -22.59 -5.94
N PRO A 192 17.10 -22.15 -5.60
CA PRO A 192 17.34 -21.56 -4.28
C PRO A 192 16.61 -20.24 -4.07
N ASN A 193 15.66 -20.22 -3.15
CA ASN A 193 14.97 -18.98 -2.82
C ASN A 193 15.91 -18.01 -2.13
N GLY A 194 15.82 -16.73 -2.53
CA GLY A 194 16.73 -15.74 -1.98
C GLY A 194 16.51 -15.49 -0.49
N GLU A 195 15.26 -15.36 -0.07
CA GLU A 195 14.98 -15.00 1.32
C GLU A 195 15.19 -16.17 2.27
N TRP A 196 14.79 -17.38 1.88
CA TRP A 196 14.81 -18.53 2.76
C TRP A 196 15.81 -19.57 2.27
N ASP A 197 16.49 -20.22 3.22
CA ASP A 197 17.42 -21.29 2.95
C ASP A 197 16.78 -22.62 3.36
N LEU A 198 16.78 -23.58 2.44
CA LEU A 198 16.11 -24.86 2.66
C LEU A 198 17.09 -25.81 3.34
N VAL A 199 16.87 -26.06 4.64
CA VAL A 199 17.68 -27.04 5.35
C VAL A 199 17.41 -28.45 4.82
N GLY A 200 16.14 -28.78 4.63
CA GLY A 200 15.78 -30.08 4.11
C GLY A 200 14.29 -30.28 4.22
N ILE A 201 13.82 -31.38 3.63
CA ILE A 201 12.40 -31.71 3.66
C ILE A 201 12.24 -33.17 4.08
N PRO A 202 12.47 -33.51 5.34
CA PRO A 202 12.20 -34.87 5.80
C PRO A 202 10.71 -35.17 5.80
N GLY A 203 10.39 -36.45 5.62
CA GLY A 203 9.00 -36.87 5.60
C GLY A 203 8.80 -38.12 6.44
N LYS A 204 7.53 -38.39 6.73
CA LYS A 204 7.16 -39.53 7.57
C LYS A 204 5.79 -40.02 7.15
N ARG A 205 5.61 -41.34 7.20
CA ARG A 205 4.32 -41.96 6.94
C ARG A 205 3.70 -42.38 8.26
N SER A 206 2.47 -41.91 8.51
CA SER A 206 1.77 -42.18 9.75
C SER A 206 0.40 -42.77 9.46
N GLU A 207 -0.10 -43.56 10.41
CA GLU A 207 -1.41 -44.19 10.30
C GLU A 207 -2.31 -43.66 11.41
N ARG A 208 -3.49 -43.17 11.02
CA ARG A 208 -4.50 -42.68 11.95
C ARG A 208 -5.63 -43.69 12.05
N PHE A 209 -6.00 -44.03 13.28
CA PHE A 209 -7.04 -45.02 13.54
C PHE A 209 -8.29 -44.33 14.07
N TYR A 210 -9.45 -44.88 13.70
CA TYR A 210 -10.74 -44.43 14.19
C TYR A 210 -11.35 -45.52 15.06
N GLU A 211 -12.27 -45.11 15.93
CA GLU A 211 -12.99 -46.07 16.78
C GLU A 211 -14.25 -46.58 16.09
N CYS A 212 -14.08 -47.00 14.83
CA CYS A 212 -15.14 -47.61 14.05
C CYS A 212 -14.78 -49.01 13.57
N CYS A 213 -13.61 -49.14 12.96
CA CYS A 213 -13.35 -50.25 12.05
C CYS A 213 -12.01 -50.92 12.26
N LYS A 214 -11.12 -50.38 13.09
CA LYS A 214 -9.81 -50.98 13.38
C LYS A 214 -8.99 -51.16 12.10
N GLU A 215 -9.06 -50.17 11.21
CA GLU A 215 -8.25 -50.18 10.00
C GLU A 215 -7.45 -48.89 9.90
N PRO A 216 -6.22 -48.95 9.38
CA PRO A 216 -5.41 -47.74 9.29
C PRO A 216 -5.91 -46.79 8.22
N TYR A 217 -5.55 -45.52 8.38
CA TYR A 217 -5.80 -44.47 7.39
C TYR A 217 -4.48 -43.76 7.13
N PRO A 218 -3.60 -44.39 6.36
CA PRO A 218 -2.24 -43.85 6.21
C PRO A 218 -2.22 -42.55 5.44
N ASP A 219 -1.19 -41.74 5.71
CA ASP A 219 -0.95 -40.51 4.99
C ASP A 219 0.55 -40.24 4.99
N VAL A 220 0.99 -39.47 4.00
CA VAL A 220 2.39 -39.11 3.84
C VAL A 220 2.52 -37.61 4.04
N THR A 221 3.30 -37.21 5.04
CA THR A 221 3.50 -35.81 5.38
C THR A 221 4.96 -35.45 5.25
N PHE A 222 5.24 -34.33 4.59
CA PHE A 222 6.60 -33.82 4.41
C PHE A 222 6.76 -32.53 5.20
N THR A 223 7.78 -32.49 6.05
CA THR A 223 8.06 -31.33 6.90
C THR A 223 9.14 -30.49 6.24
N VAL A 224 8.76 -29.34 5.70
CA VAL A 224 9.71 -28.45 5.05
C VAL A 224 10.42 -27.65 6.14
N THR A 225 11.73 -27.88 6.31
CA THR A 225 12.53 -27.19 7.31
C THR A 225 13.35 -26.12 6.59
N MET A 226 13.07 -24.86 6.89
CA MET A 226 13.73 -23.73 6.26
C MET A 226 14.11 -22.69 7.30
N ARG A 227 15.20 -21.98 7.04
CA ARG A 227 15.65 -20.90 7.90
C ARG A 227 15.75 -19.61 7.09
N ARG A 228 15.48 -18.49 7.75
CA ARG A 228 15.52 -17.19 7.10
C ARG A 228 16.94 -16.64 7.05
N ARG A 229 17.31 -16.10 5.89
CA ARG A 229 18.59 -15.43 5.75
C ARG A 229 18.51 -14.02 6.31
N THR A 230 19.59 -13.59 6.97
CA THR A 230 19.58 -12.35 7.74
C THR A 230 20.40 -11.23 7.11
N LEU A 231 20.94 -11.42 5.91
CA LEU A 231 21.74 -10.35 5.30
C LEU A 231 20.88 -9.14 4.96
N TYR A 232 19.76 -9.36 4.26
CA TYR A 232 18.88 -8.26 3.90
C TYR A 232 18.22 -7.66 5.14
N TYR A 233 17.64 -8.51 5.99
CA TYR A 233 17.01 -8.02 7.21
C TYR A 233 18.03 -7.36 8.12
N GLY A 234 19.23 -7.94 8.21
CA GLY A 234 20.30 -7.31 8.96
C GLY A 234 20.60 -5.91 8.47
N LEU A 235 21.03 -5.79 7.21
CA LEU A 235 21.43 -4.50 6.67
C LEU A 235 20.28 -3.49 6.63
N ASN A 236 19.03 -3.94 6.70
CA ASN A 236 17.92 -2.99 6.66
C ASN A 236 17.34 -2.64 8.02
N LEU A 237 17.56 -3.46 9.04
CA LEU A 237 16.92 -3.23 10.34
C LEU A 237 17.90 -3.15 11.49
N LEU A 238 18.95 -3.96 11.52
CA LEU A 238 19.83 -4.04 12.68
C LEU A 238 20.92 -2.97 12.65
N ILE A 239 21.71 -2.94 11.58
CA ILE A 239 22.77 -1.92 11.46
C ILE A 239 22.21 -0.51 11.49
N PRO A 240 21.15 -0.17 10.74
CA PRO A 240 20.60 1.19 10.88
C PRO A 240 20.14 1.52 12.29
N CYS A 241 19.57 0.55 13.00
CA CYS A 241 19.15 0.80 14.38
C CYS A 241 20.35 1.05 15.28
N VAL A 242 21.43 0.28 15.11
CA VAL A 242 22.63 0.48 15.91
C VAL A 242 23.21 1.87 15.65
N LEU A 243 23.31 2.25 14.38
CA LEU A 243 23.86 3.56 14.04
C LEU A 243 22.98 4.68 14.57
N ILE A 244 21.66 4.50 14.51
CA ILE A 244 20.73 5.52 15.00
C ILE A 244 20.87 5.67 16.51
N SER A 245 21.00 4.56 17.24
CA SER A 245 21.20 4.64 18.69
C SER A 245 22.53 5.32 19.02
N ALA A 246 23.59 4.98 18.28
CA ALA A 246 24.88 5.63 18.52
C ALA A 246 24.83 7.11 18.22
N LEU A 247 24.01 7.51 17.24
CA LEU A 247 23.84 8.94 16.96
C LEU A 247 23.03 9.62 18.04
N ALA A 248 22.03 8.92 18.58
CA ALA A 248 21.27 9.45 19.70
C ALA A 248 22.14 9.64 20.94
N LEU A 249 23.21 8.85 21.06
CA LEU A 249 24.14 9.04 22.15
C LEU A 249 24.95 10.33 22.05
N LEU A 250 24.91 11.02 20.90
CA LEU A 250 25.71 12.22 20.70
C LEU A 250 25.17 13.44 21.44
N VAL A 251 23.95 13.37 21.99
CA VAL A 251 23.37 14.53 22.65
C VAL A 251 24.23 14.95 23.84
N PHE A 252 24.80 13.97 24.56
CA PHE A 252 25.60 14.25 25.73
C PHE A 252 26.94 14.91 25.42
N LEU A 253 27.33 14.94 24.15
CA LEU A 253 28.58 15.60 23.76
C LEU A 253 28.39 17.04 23.33
N LEU A 254 27.19 17.41 22.88
CA LEU A 254 26.93 18.79 22.49
C LEU A 254 27.00 19.71 23.70
N PRO A 255 27.60 20.89 23.57
CA PRO A 255 27.56 21.86 24.66
C PRO A 255 26.14 22.35 24.92
N ALA A 256 25.87 22.65 26.19
CA ALA A 256 24.55 23.16 26.56
C ALA A 256 24.33 24.61 26.12
N ASP A 257 25.39 25.32 25.72
CA ASP A 257 25.22 26.69 25.26
C ASP A 257 24.37 26.75 23.99
N SER A 258 24.62 25.83 23.06
CA SER A 258 23.79 25.73 21.86
C SER A 258 22.49 25.01 22.19
N GLY A 259 21.37 25.65 21.90
CA GLY A 259 20.07 25.08 22.20
C GLY A 259 19.57 24.14 21.14
N GLU A 260 20.26 23.01 20.95
CA GLU A 260 19.84 22.03 19.96
C GLU A 260 20.03 20.60 20.46
N LYS A 261 20.03 20.40 21.78
CA LYS A 261 20.17 19.06 22.33
C LYS A 261 18.88 18.25 22.15
N ILE A 262 17.78 18.73 22.75
CA ILE A 262 16.52 18.01 22.65
C ILE A 262 16.03 17.97 21.21
N SER A 263 16.45 18.93 20.38
CA SER A 263 16.14 18.85 18.95
C SER A 263 16.71 17.58 18.36
N LEU A 264 18.00 17.32 18.59
CA LEU A 264 18.63 16.11 18.10
C LEU A 264 17.98 14.87 18.69
N GLY A 265 17.71 14.89 20.00
CA GLY A 265 17.11 13.72 20.64
C GLY A 265 15.73 13.39 20.10
N ILE A 266 14.87 14.41 19.97
CA ILE A 266 13.52 14.16 19.49
C ILE A 266 13.53 13.82 18.01
N THR A 267 14.49 14.35 17.24
CA THR A 267 14.55 14.00 15.83
C THR A 267 15.00 12.56 15.64
N VAL A 268 15.98 12.11 16.44
CA VAL A 268 16.41 10.72 16.31
C VAL A 268 15.31 9.76 16.79
N LEU A 269 14.55 10.16 17.81
CA LEU A 269 13.41 9.35 18.22
C LEU A 269 12.34 9.30 17.14
N LEU A 270 12.09 10.43 16.48
CA LEU A 270 11.15 10.45 15.36
C LEU A 270 11.64 9.55 14.22
N SER A 271 12.95 9.51 14.00
CA SER A 271 13.51 8.59 13.01
C SER A 271 13.28 7.14 13.41
N LEU A 272 13.46 6.82 14.68
CA LEU A 272 13.18 5.47 15.16
C LEU A 272 11.70 5.11 15.06
N THR A 273 10.82 6.11 15.06
CA THR A 273 9.39 5.82 14.95
C THR A 273 9.05 5.12 13.65
N VAL A 274 9.64 5.56 12.53
CA VAL A 274 9.33 4.93 11.25
C VAL A 274 9.92 3.52 11.19
N PHE A 275 11.05 3.28 11.86
CA PHE A 275 11.57 1.92 11.95
C PHE A 275 10.63 1.03 12.74
N MET A 276 10.06 1.55 13.83
CA MET A 276 9.04 0.80 14.56
C MET A 276 7.84 0.48 13.67
N LEU A 277 7.43 1.45 12.87
CA LEU A 277 6.31 1.23 11.95
C LEU A 277 6.64 0.14 10.94
N LEU A 278 7.86 0.15 10.39
CA LEU A 278 8.27 -0.87 9.44
C LEU A 278 8.28 -2.25 10.08
N VAL A 279 8.82 -2.36 11.29
CA VAL A 279 8.86 -3.65 11.97
C VAL A 279 7.44 -4.14 12.24
N ALA A 280 6.53 -3.23 12.58
CA ALA A 280 5.14 -3.62 12.77
C ALA A 280 4.51 -4.07 11.46
N GLU A 281 4.87 -3.44 10.34
CA GLU A 281 4.26 -3.79 9.06
C GLU A 281 4.78 -5.11 8.52
N ILE A 282 6.02 -5.48 8.86
CA ILE A 282 6.57 -6.74 8.36
C ILE A 282 6.32 -7.92 9.30
N MET A 283 5.93 -7.66 10.55
CA MET A 283 5.66 -8.69 11.53
C MET A 283 4.20 -9.11 11.48
N PRO A 284 3.91 -10.39 11.75
CA PRO A 284 2.51 -10.82 11.83
C PRO A 284 1.85 -10.28 13.09
N ALA A 285 0.54 -10.52 13.17
CA ALA A 285 -0.25 -10.10 14.33
C ALA A 285 -0.28 -11.16 15.42
N THR A 286 0.66 -12.09 15.41
CA THR A 286 0.71 -13.14 16.43
C THR A 286 0.96 -12.53 17.79
N SER A 287 0.21 -12.99 18.79
CA SER A 287 0.29 -12.46 20.15
C SER A 287 0.64 -13.56 21.16
N ASP A 288 1.36 -14.58 20.70
CA ASP A 288 1.78 -15.67 21.58
C ASP A 288 3.18 -15.48 22.14
N SER A 289 4.00 -14.62 21.53
CA SER A 289 5.35 -14.37 22.02
C SER A 289 5.80 -13.01 21.52
N VAL A 290 6.83 -12.48 22.18
CA VAL A 290 7.40 -11.18 21.83
C VAL A 290 8.55 -11.42 20.87
N PRO A 291 8.53 -10.88 19.66
CA PRO A 291 9.65 -11.08 18.73
C PRO A 291 10.93 -10.48 19.27
N LEU A 292 12.05 -11.12 18.93
CA LEU A 292 13.35 -10.66 19.41
C LEU A 292 13.67 -9.26 18.88
N ILE A 293 13.44 -9.03 17.58
CA ILE A 293 13.72 -7.71 17.04
C ILE A 293 12.72 -6.69 17.58
N ALA A 294 11.52 -7.12 17.95
CA ALA A 294 10.55 -6.20 18.53
C ALA A 294 11.05 -5.66 19.87
N GLN A 295 11.49 -6.55 20.76
CA GLN A 295 12.03 -6.09 22.04
C GLN A 295 13.36 -5.36 21.86
N TYR A 296 14.13 -5.71 20.83
CA TYR A 296 15.36 -4.97 20.54
C TYR A 296 15.05 -3.52 20.18
N PHE A 297 14.10 -3.31 19.26
CA PHE A 297 13.70 -1.95 18.90
C PHE A 297 13.08 -1.22 20.09
N ALA A 298 12.29 -1.94 20.89
CA ALA A 298 11.71 -1.33 22.08
C ALA A 298 12.80 -0.86 23.04
N SER A 299 13.82 -1.68 23.26
CA SER A 299 14.92 -1.27 24.12
C SER A 299 15.67 -0.07 23.55
N THR A 300 15.90 -0.06 22.25
CA THR A 300 16.60 1.08 21.63
C THR A 300 15.80 2.36 21.81
N MET A 301 14.49 2.31 21.54
CA MET A 301 13.68 3.51 21.67
C MET A 301 13.52 3.94 23.13
N ILE A 302 13.47 2.99 24.06
CA ILE A 302 13.44 3.33 25.47
C ILE A 302 14.74 4.02 25.88
N ILE A 303 15.88 3.53 25.38
CA ILE A 303 17.16 4.18 25.66
C ILE A 303 17.16 5.61 25.12
N VAL A 304 16.62 5.79 23.91
CA VAL A 304 16.57 7.14 23.34
C VAL A 304 15.68 8.06 24.18
N GLY A 305 14.53 7.55 24.62
CA GLY A 305 13.65 8.35 25.48
C GLY A 305 14.29 8.71 26.80
N LEU A 306 15.00 7.75 27.41
CA LEU A 306 15.72 8.04 28.64
C LEU A 306 16.84 9.05 28.41
N SER A 307 17.48 9.00 27.24
CA SER A 307 18.47 10.02 26.90
C SER A 307 17.82 11.39 26.79
N VAL A 308 16.61 11.45 26.23
CA VAL A 308 15.88 12.72 26.17
C VAL A 308 15.57 13.24 27.56
N VAL A 309 15.13 12.35 28.46
CA VAL A 309 14.84 12.76 29.84
C VAL A 309 16.11 13.26 30.52
N VAL A 310 17.22 12.55 30.32
CA VAL A 310 18.50 12.96 30.89
C VAL A 310 18.92 14.32 30.34
N THR A 311 18.69 14.56 29.04
CA THR A 311 19.00 15.85 28.45
C THR A 311 18.16 16.95 29.09
N VAL A 312 16.88 16.68 29.35
CA VAL A 312 16.03 17.64 30.04
C VAL A 312 16.60 17.97 31.42
N ILE A 313 17.02 16.94 32.16
CA ILE A 313 17.60 17.15 33.48
C ILE A 313 18.89 17.97 33.38
N VAL A 314 19.73 17.66 32.39
CA VAL A 314 20.99 18.37 32.22
C VAL A 314 20.75 19.83 31.91
N LEU A 315 19.79 20.11 31.02
CA LEU A 315 19.46 21.50 30.71
C LEU A 315 18.84 22.22 31.90
N GLN A 316 18.08 21.51 32.73
CA GLN A 316 17.56 22.11 33.95
C GLN A 316 18.70 22.50 34.88
N TYR A 317 19.72 21.64 35.00
CA TYR A 317 20.90 21.99 35.80
C TYR A 317 21.67 23.16 35.19
N HIS A 318 21.81 23.17 33.86
CA HIS A 318 22.62 24.20 33.21
C HIS A 318 21.96 25.57 33.32
N HIS A 319 20.66 25.65 33.04
CA HIS A 319 19.94 26.92 33.10
C HIS A 319 19.33 27.11 34.48
N HIS A 320 20.22 27.28 35.46
CA HIS A 320 19.82 27.51 36.84
C HIS A 320 19.96 28.99 37.15
N ASP A 321 18.93 29.56 37.78
CA ASP A 321 18.92 30.99 38.05
C ASP A 321 20.00 31.34 39.06
N PRO A 322 20.66 32.49 38.90
CA PRO A 322 21.68 32.92 39.87
C PRO A 322 21.03 33.22 41.22
N ASP A 323 21.51 32.52 42.25
CA ASP A 323 21.00 32.64 43.62
C ASP A 323 19.52 32.31 43.73
N GLY A 324 18.99 31.54 42.77
CA GLY A 324 17.64 31.06 42.85
C GLY A 324 17.46 29.83 43.70
N GLY A 325 18.54 29.31 44.24
CA GLY A 325 18.48 28.14 45.10
C GLY A 325 19.88 27.86 45.64
N LYS A 326 19.93 26.86 46.53
CA LYS A 326 21.18 26.46 47.15
C LYS A 326 21.53 25.04 46.71
N MET A 327 22.76 24.84 46.27
CA MET A 327 23.20 23.52 45.84
C MET A 327 23.35 22.61 47.05
N PRO A 328 22.68 21.46 47.08
CA PRO A 328 22.77 20.58 48.25
C PRO A 328 24.19 20.09 48.47
N LYS A 329 24.52 19.86 49.75
CA LYS A 329 25.87 19.40 50.10
C LYS A 329 26.17 18.05 49.47
N TRP A 330 25.20 17.14 49.47
CA TRP A 330 25.38 15.85 48.81
C TRP A 330 25.60 16.03 47.32
N THR A 331 24.85 16.94 46.70
CA THR A 331 25.03 17.22 45.28
C THR A 331 26.45 17.69 44.99
N ARG A 332 26.96 18.60 45.81
CA ARG A 332 28.32 19.09 45.63
C ARG A 332 29.32 17.95 45.79
N VAL A 333 29.30 17.27 46.94
CA VAL A 333 30.30 16.27 47.24
C VAL A 333 30.26 15.10 46.26
N ILE A 334 29.13 14.87 45.60
CA ILE A 334 29.11 13.84 44.56
C ILE A 334 29.62 14.43 43.26
N LEU A 335 28.87 15.38 42.68
CA LEU A 335 29.14 15.79 41.31
C LEU A 335 30.47 16.52 41.18
N LEU A 336 30.73 17.51 42.04
CA LEU A 336 31.89 18.36 41.84
C LEU A 336 33.18 17.74 42.34
N ASN A 337 33.10 16.67 43.14
CA ASN A 337 34.32 16.03 43.66
C ASN A 337 34.47 14.59 43.18
N TRP A 338 33.52 13.71 43.50
CA TRP A 338 33.74 12.29 43.25
C TRP A 338 33.66 11.98 41.76
N CYS A 339 32.64 12.49 41.09
CA CYS A 339 32.51 12.27 39.66
C CYS A 339 33.51 13.11 38.87
N ALA A 340 33.89 14.27 39.42
CA ALA A 340 34.95 15.06 38.80
C ALA A 340 36.27 14.31 38.79
N TRP A 341 36.60 13.65 39.89
CA TRP A 341 37.84 12.86 39.94
C TRP A 341 37.72 11.56 39.15
N PHE A 342 36.52 10.95 39.13
CA PHE A 342 36.34 9.71 38.39
C PHE A 342 36.54 9.91 36.90
N LEU A 343 36.01 10.99 36.35
CA LEU A 343 36.04 11.24 34.91
C LEU A 343 37.06 12.32 34.52
N ARG A 344 38.02 12.61 35.40
CA ARG A 344 39.13 13.53 35.11
C ARG A 344 38.62 14.92 34.76
N MET A 345 37.99 15.56 35.75
CA MET A 345 37.54 16.94 35.64
C MET A 345 38.37 17.82 36.56
N LYS A 346 38.72 19.01 36.07
CA LYS A 346 39.60 19.91 36.81
C LYS A 346 38.88 21.14 37.36
N ARG A 347 38.13 21.85 36.52
CA ARG A 347 37.46 23.08 36.96
C ARG A 347 36.24 22.73 37.80
N PRO A 348 36.16 23.16 39.07
CA PRO A 348 35.00 22.89 39.91
C PRO A 348 33.80 23.76 39.53
N PRO A 431 34.38 68.86 49.93
CA PRO A 431 32.97 68.50 50.16
C PRO A 431 32.45 67.50 49.13
N ASP A 432 32.58 67.84 47.85
CA ASP A 432 32.11 66.96 46.78
C ASP A 432 32.99 65.74 46.58
N LEU A 433 34.17 65.69 47.22
CA LEU A 433 35.08 64.57 47.02
C LEU A 433 34.55 63.28 47.64
N ALA A 434 33.68 63.37 48.64
CA ALA A 434 33.09 62.17 49.23
C ALA A 434 31.96 61.62 48.36
N LYS A 435 31.19 62.50 47.74
CA LYS A 435 30.04 62.06 46.94
C LYS A 435 30.49 61.25 45.73
N ILE A 436 31.57 61.67 45.06
CA ILE A 436 32.05 60.94 43.90
C ILE A 436 32.49 59.53 44.30
N LEU A 437 33.19 59.41 45.43
CA LEU A 437 33.62 58.09 45.90
C LEU A 437 32.43 57.21 46.25
N GLU A 438 31.46 57.77 46.98
CA GLU A 438 30.27 57.01 47.35
C GLU A 438 29.47 56.60 46.12
N GLU A 439 29.50 57.43 45.07
CA GLU A 439 28.78 57.09 43.84
C GLU A 439 29.50 56.00 43.05
N VAL A 440 30.83 56.07 43.00
CA VAL A 440 31.59 55.08 42.24
C VAL A 440 31.69 53.75 42.96
N ARG A 441 31.46 53.74 44.28
CA ARG A 441 31.50 52.47 45.02
C ARG A 441 30.43 51.50 44.52
N TYR A 442 29.25 52.03 44.18
CA TYR A 442 28.12 51.17 43.82
C TYR A 442 28.40 50.39 42.54
N ILE A 443 29.07 51.00 41.57
CA ILE A 443 29.33 50.32 40.30
C ILE A 443 30.21 49.09 40.53
N ALA A 444 31.28 49.25 41.31
CA ALA A 444 32.15 48.12 41.58
C ALA A 444 31.47 47.07 42.47
N ASN A 445 30.62 47.51 43.40
CA ASN A 445 29.88 46.53 44.20
C ASN A 445 28.94 45.70 43.32
N ARG A 446 28.26 46.35 42.39
CA ARG A 446 27.39 45.64 41.46
C ARG A 446 28.18 44.68 40.59
N PHE A 447 29.36 45.11 40.13
CA PHE A 447 30.20 44.23 39.32
C PHE A 447 30.67 43.02 40.13
N ARG A 448 31.02 43.22 41.40
CA ARG A 448 31.42 42.10 42.25
C ARG A 448 30.26 41.13 42.44
N CYS A 449 29.05 41.66 42.66
CA CYS A 449 27.89 40.78 42.80
C CYS A 449 27.64 39.99 41.52
N GLN A 450 27.79 40.64 40.36
CA GLN A 450 27.64 39.94 39.09
C GLN A 450 28.70 38.86 38.93
N ASP A 451 29.93 39.13 39.36
CA ASP A 451 30.99 38.13 39.27
C ASP A 451 30.68 36.93 40.17
N GLU A 452 30.17 37.18 41.38
CA GLU A 452 29.79 36.06 42.25
C GLU A 452 28.67 35.24 41.65
N SER A 453 27.67 35.91 41.06
CA SER A 453 26.58 35.19 40.39
C SER A 453 27.11 34.38 39.22
N GLU A 454 28.07 34.94 38.47
CA GLU A 454 28.67 34.21 37.35
C GLU A 454 29.44 33.00 37.84
N ALA A 455 30.12 33.11 38.98
CA ALA A 455 30.82 31.96 39.56
C ALA A 455 29.83 30.86 39.94
N VAL A 456 28.70 31.24 40.54
CA VAL A 456 27.69 30.24 40.89
C VAL A 456 27.15 29.56 39.62
N CYS A 457 26.88 30.36 38.59
CA CYS A 457 26.40 29.81 37.33
C CYS A 457 27.43 28.87 36.71
N SER A 458 28.72 29.22 36.82
CA SER A 458 29.77 28.35 36.30
C SER A 458 29.82 27.03 37.06
N GLU A 459 29.62 27.07 38.38
CA GLU A 459 29.54 25.83 39.15
C GLU A 459 28.38 24.96 38.66
N TRP A 460 27.22 25.58 38.46
CA TRP A 460 26.07 24.83 37.97
C TRP A 460 26.32 24.23 36.59
N LYS A 461 26.95 25.01 35.71
CA LYS A 461 27.25 24.52 34.37
C LYS A 461 28.25 23.37 34.40
N PHE A 462 29.25 23.44 35.28
CA PHE A 462 30.18 22.33 35.40
C PHE A 462 29.48 21.09 35.94
N ALA A 463 28.55 21.26 36.89
CA ALA A 463 27.77 20.12 37.35
C ALA A 463 26.96 19.51 36.20
N ALA A 464 26.39 20.36 35.35
CA ALA A 464 25.65 19.86 34.19
C ALA A 464 26.55 19.08 33.25
N CYS A 465 27.78 19.59 33.01
CA CYS A 465 28.72 18.88 32.15
C CYS A 465 29.12 17.53 32.75
N VAL A 466 29.31 17.48 34.07
CA VAL A 466 29.64 16.23 34.74
C VAL A 466 28.51 15.23 34.56
N VAL A 467 27.27 15.68 34.75
CA VAL A 467 26.12 14.80 34.53
C VAL A 467 26.07 14.34 33.08
N ASP A 468 26.40 15.23 32.15
CA ASP A 468 26.41 14.87 30.73
C ASP A 468 27.38 13.74 30.47
N ARG A 469 28.60 13.85 30.99
CA ARG A 469 29.61 12.81 30.71
C ARG A 469 29.26 11.51 31.42
N LEU A 470 28.76 11.59 32.65
CA LEU A 470 28.34 10.38 33.36
C LEU A 470 27.25 9.65 32.58
N CYS A 471 26.25 10.39 32.10
CA CYS A 471 25.18 9.77 31.35
C CYS A 471 25.65 9.27 30.00
N LEU A 472 26.63 9.94 29.39
CA LEU A 472 27.22 9.42 28.15
C LEU A 472 27.81 8.04 28.38
N MET A 473 28.63 7.90 29.43
CA MET A 473 29.22 6.60 29.73
C MET A 473 28.15 5.57 30.04
N ALA A 474 27.18 5.92 30.89
CA ALA A 474 26.15 4.97 31.30
C ALA A 474 25.31 4.51 30.12
N PHE A 475 24.92 5.45 29.25
CA PHE A 475 24.08 5.09 28.11
C PHE A 475 24.85 4.32 27.05
N SER A 476 26.14 4.63 26.86
CA SER A 476 26.95 3.80 25.97
C SER A 476 27.02 2.37 26.47
N VAL A 477 27.26 2.20 27.78
CA VAL A 477 27.30 0.86 28.36
C VAL A 477 25.96 0.15 28.18
N PHE A 478 24.86 0.86 28.47
CA PHE A 478 23.54 0.27 28.35
C PHE A 478 23.23 -0.15 26.92
N THR A 479 23.55 0.71 25.96
CA THR A 479 23.27 0.39 24.56
C THR A 479 24.07 -0.82 24.11
N ILE A 480 25.37 -0.85 24.45
CA ILE A 480 26.20 -1.99 24.05
C ILE A 480 25.68 -3.27 24.67
N ILE A 481 25.38 -3.24 25.97
CA ILE A 481 24.93 -4.44 26.66
C ILE A 481 23.61 -4.93 26.08
N CYS A 482 22.65 -4.03 25.89
CA CYS A 482 21.35 -4.42 25.35
C CYS A 482 21.48 -5.02 23.95
N THR A 483 22.21 -4.33 23.07
CA THR A 483 22.35 -4.81 21.71
C THR A 483 23.01 -6.18 21.68
N ILE A 484 24.15 -6.33 22.36
CA ILE A 484 24.88 -7.59 22.33
C ILE A 484 24.04 -8.72 22.92
N GLY A 485 23.43 -8.47 24.08
CA GLY A 485 22.65 -9.52 24.73
C GLY A 485 21.46 -9.95 23.90
N ILE A 486 20.70 -9.00 23.37
CA ILE A 486 19.52 -9.34 22.59
C ILE A 486 19.91 -10.06 21.32
N LEU A 487 20.97 -9.59 20.63
CA LEU A 487 21.35 -10.23 19.38
C LEU A 487 21.91 -11.63 19.60
N MET A 488 22.71 -11.83 20.64
CA MET A 488 23.32 -13.13 20.87
C MET A 488 22.41 -14.09 21.64
N SER A 489 21.30 -13.62 22.19
CA SER A 489 20.38 -14.51 22.88
C SER A 489 19.67 -15.46 21.94
N ALA A 490 19.55 -15.09 20.65
CA ALA A 490 18.85 -15.93 19.70
C ALA A 490 19.65 -17.19 19.40
N PRO A 491 19.01 -18.35 19.32
CA PRO A 491 19.73 -19.56 18.91
C PRO A 491 20.21 -19.46 17.46
N ASN A 492 21.26 -20.23 17.17
CA ASN A 492 21.90 -20.29 15.84
C ASN A 492 22.18 -18.91 15.27
N PHE A 493 22.41 -17.93 16.14
CA PHE A 493 22.81 -16.61 15.70
C PHE A 493 24.19 -16.65 15.03
N VAL A 494 25.12 -17.39 15.62
CA VAL A 494 26.46 -17.49 15.05
C VAL A 494 26.43 -18.18 13.69
N GLU A 495 25.60 -19.22 13.54
CA GLU A 495 25.50 -19.89 12.25
C GLU A 495 24.96 -18.93 11.18
N ALA A 496 23.90 -18.19 11.51
CA ALA A 496 23.30 -17.27 10.54
C ALA A 496 24.26 -16.16 10.17
N VAL A 497 25.03 -15.65 11.14
CA VAL A 497 25.98 -14.59 10.82
C VAL A 497 27.10 -15.13 9.94
N SER A 498 27.66 -16.29 10.31
CA SER A 498 28.75 -16.86 9.53
C SER A 498 28.31 -17.31 8.14
N LYS A 499 27.01 -17.58 7.96
CA LYS A 499 26.53 -18.05 6.66
C LYS A 499 25.98 -16.94 5.80
N ASP A 500 25.53 -15.82 6.39
CA ASP A 500 25.03 -14.70 5.61
C ASP A 500 26.11 -13.63 5.42
N PHE A 501 26.68 -13.12 6.52
CA PHE A 501 27.64 -12.03 6.40
C PHE A 501 29.02 -12.49 5.96
N ALA A 502 29.29 -13.79 5.99
CA ALA A 502 30.60 -14.32 5.61
C ALA A 502 30.48 -15.45 4.60
N GLY B 23 -12.19 -54.72 -9.45
CA GLY B 23 -12.29 -56.13 -9.78
C GLY B 23 -13.61 -56.50 -10.44
N GLU B 24 -13.88 -57.80 -10.50
CA GLU B 24 -15.12 -58.26 -11.11
C GLU B 24 -16.34 -57.83 -10.31
N PHE B 25 -16.32 -58.10 -8.99
CA PHE B 25 -17.47 -57.77 -8.16
C PHE B 25 -17.68 -56.26 -8.06
N GLN B 26 -16.60 -55.49 -7.91
CA GLN B 26 -16.74 -54.05 -7.82
C GLN B 26 -17.27 -53.46 -9.12
N ARG B 27 -16.77 -53.94 -10.26
CA ARG B 27 -17.28 -53.46 -11.55
C ARG B 27 -18.75 -53.82 -11.73
N LYS B 28 -19.13 -55.05 -11.35
CA LYS B 28 -20.54 -55.43 -11.44
C LYS B 28 -21.41 -54.56 -10.56
N LEU B 29 -20.96 -54.28 -9.33
CA LEU B 29 -21.73 -53.43 -8.44
C LEU B 29 -21.87 -52.02 -8.99
N TYR B 30 -20.78 -51.46 -9.51
CA TYR B 30 -20.84 -50.11 -10.06
C TYR B 30 -21.76 -50.04 -11.27
N LYS B 31 -21.73 -51.06 -12.13
CA LYS B 31 -22.62 -51.08 -13.29
C LYS B 31 -24.07 -51.27 -12.86
N GLU B 32 -24.31 -52.02 -11.77
CA GLU B 32 -25.68 -52.26 -11.33
C GLU B 32 -26.28 -51.02 -10.67
N LEU B 33 -25.50 -50.33 -9.84
CA LEU B 33 -26.03 -49.18 -9.10
C LEU B 33 -26.40 -48.03 -10.03
N VAL B 34 -25.57 -47.77 -11.03
CA VAL B 34 -25.81 -46.63 -11.93
C VAL B 34 -27.06 -46.86 -12.76
N LYS B 35 -27.34 -48.10 -13.14
CA LYS B 35 -28.47 -48.40 -14.02
C LYS B 35 -29.78 -47.95 -13.39
N ASN B 36 -30.59 -47.24 -14.17
CA ASN B 36 -31.90 -46.74 -13.74
C ASN B 36 -31.80 -45.90 -12.47
N TYR B 37 -30.81 -45.00 -12.45
CA TYR B 37 -30.63 -44.07 -11.33
C TYR B 37 -30.68 -42.64 -11.86
N ASN B 38 -31.49 -41.81 -11.23
CA ASN B 38 -31.64 -40.41 -11.61
C ASN B 38 -30.97 -39.53 -10.56
N PRO B 39 -29.93 -38.77 -10.91
CA PRO B 39 -29.23 -37.97 -9.90
C PRO B 39 -30.01 -36.72 -9.49
N LEU B 40 -31.26 -36.61 -9.96
CA LEU B 40 -32.10 -35.47 -9.64
C LEU B 40 -33.18 -35.77 -8.59
N GLU B 41 -33.58 -37.02 -8.45
CA GLU B 41 -34.64 -37.37 -7.52
C GLU B 41 -34.11 -37.47 -6.09
N ARG B 42 -34.97 -37.14 -5.13
CA ARG B 42 -34.62 -37.31 -3.73
C ARG B 42 -34.70 -38.79 -3.36
N PRO B 43 -33.64 -39.36 -2.77
CA PRO B 43 -33.60 -40.81 -2.53
C PRO B 43 -34.42 -41.24 -1.33
N VAL B 44 -35.73 -40.99 -1.39
CA VAL B 44 -36.67 -41.42 -0.37
C VAL B 44 -37.52 -42.54 -0.93
N ALA B 45 -37.99 -43.42 -0.04
CA ALA B 45 -38.75 -44.59 -0.44
C ALA B 45 -40.24 -44.34 -0.58
N ASN B 46 -40.73 -43.18 -0.14
CA ASN B 46 -42.16 -42.89 -0.18
C ASN B 46 -42.50 -41.57 -0.86
N ASP B 47 -41.53 -40.71 -1.13
CA ASP B 47 -41.69 -39.41 -1.78
C ASP B 47 -42.46 -38.40 -0.93
N SER B 48 -42.92 -38.78 0.26
CA SER B 48 -43.59 -37.86 1.16
C SER B 48 -42.89 -37.74 2.51
N GLN B 49 -42.31 -38.81 3.02
CA GLN B 49 -41.56 -38.74 4.26
C GLN B 49 -40.29 -37.91 4.06
N PRO B 50 -40.00 -36.99 4.97
CA PRO B 50 -38.79 -36.16 4.80
C PRO B 50 -37.51 -36.98 4.89
N LEU B 51 -36.49 -36.51 4.20
CA LEU B 51 -35.17 -37.14 4.22
C LEU B 51 -34.31 -36.47 5.28
N THR B 52 -33.88 -37.25 6.26
CA THR B 52 -33.09 -36.72 7.36
C THR B 52 -31.63 -36.57 6.91
N VAL B 53 -31.11 -35.35 7.00
CA VAL B 53 -29.73 -35.05 6.65
C VAL B 53 -29.05 -34.48 7.89
N TYR B 54 -27.99 -35.15 8.35
CA TYR B 54 -27.23 -34.72 9.51
C TYR B 54 -26.09 -33.81 9.05
N PHE B 55 -26.18 -32.53 9.38
CA PHE B 55 -25.21 -31.54 8.94
C PHE B 55 -24.34 -31.12 10.11
N SER B 56 -23.03 -31.04 9.87
CA SER B 56 -22.08 -30.57 10.86
C SER B 56 -20.83 -30.09 10.11
N LEU B 57 -19.99 -29.34 10.81
CA LEU B 57 -18.75 -28.85 10.24
C LEU B 57 -17.60 -29.16 11.18
N SER B 58 -16.38 -28.94 10.68
CA SER B 58 -15.16 -29.16 11.44
C SER B 58 -14.25 -27.97 11.19
N LEU B 59 -14.24 -27.03 12.14
CA LEU B 59 -13.42 -25.83 11.99
C LEU B 59 -11.94 -26.20 12.09
N LEU B 60 -11.15 -25.70 11.13
CA LEU B 60 -9.72 -25.96 11.09
C LEU B 60 -8.89 -24.75 11.50
N GLN B 61 -9.15 -23.58 10.92
CA GLN B 61 -8.47 -22.37 11.31
C GLN B 61 -9.26 -21.17 10.82
N ILE B 62 -8.97 -20.02 11.40
CA ILE B 62 -9.54 -18.74 10.99
C ILE B 62 -8.49 -18.03 10.15
N MET B 63 -8.78 -17.84 8.86
CA MET B 63 -7.78 -17.29 7.94
C MET B 63 -7.51 -15.82 8.26
N ASP B 64 -8.53 -14.98 8.14
CA ASP B 64 -8.37 -13.55 8.40
C ASP B 64 -9.73 -12.94 8.67
N VAL B 65 -9.84 -12.21 9.77
CA VAL B 65 -11.08 -11.51 10.12
C VAL B 65 -10.95 -10.09 9.55
N ASP B 66 -11.50 -9.87 8.36
CA ASP B 66 -11.41 -8.59 7.67
C ASP B 66 -12.55 -7.71 8.16
N GLU B 67 -12.26 -6.87 9.17
CA GLU B 67 -13.27 -5.98 9.71
C GLU B 67 -13.58 -4.82 8.76
N LYS B 68 -12.72 -4.58 7.78
CA LYS B 68 -12.96 -3.50 6.82
C LYS B 68 -14.22 -3.77 6.00
N ASN B 69 -14.33 -4.97 5.44
CA ASN B 69 -15.49 -5.36 4.65
C ASN B 69 -16.48 -6.21 5.43
N GLN B 70 -16.24 -6.43 6.74
CA GLN B 70 -17.10 -7.24 7.59
C GLN B 70 -17.28 -8.65 7.01
N VAL B 71 -16.16 -9.26 6.61
CA VAL B 71 -16.15 -10.60 6.04
C VAL B 71 -15.20 -11.47 6.86
N LEU B 72 -15.64 -12.67 7.20
CA LEU B 72 -14.83 -13.63 7.94
C LEU B 72 -14.41 -14.76 7.01
N THR B 73 -13.11 -15.03 6.98
CA THR B 73 -12.54 -16.08 6.14
C THR B 73 -12.07 -17.22 7.03
N THR B 74 -12.62 -18.41 6.82
CA THR B 74 -12.31 -19.58 7.64
C THR B 74 -12.11 -20.79 6.74
N ASN B 75 -11.32 -21.75 7.25
CA ASN B 75 -11.10 -23.04 6.59
C ASN B 75 -11.96 -24.07 7.32
N ILE B 76 -13.02 -24.54 6.66
CA ILE B 76 -14.03 -25.37 7.29
C ILE B 76 -14.23 -26.62 6.45
N TRP B 77 -14.29 -27.78 7.10
CA TRP B 77 -14.64 -29.05 6.47
C TRP B 77 -16.07 -29.38 6.84
N LEU B 78 -16.99 -29.27 5.87
CA LEU B 78 -18.37 -29.62 6.12
C LEU B 78 -18.52 -31.13 6.24
N GLN B 79 -19.59 -31.54 6.93
CA GLN B 79 -19.89 -32.95 7.12
C GLN B 79 -21.39 -33.16 6.92
N MET B 80 -21.75 -33.89 5.87
CA MET B 80 -23.14 -34.21 5.57
C MET B 80 -23.31 -35.71 5.50
N SER B 81 -24.39 -36.22 6.09
CA SER B 81 -24.66 -37.65 6.11
C SER B 81 -26.16 -37.86 5.91
N TRP B 82 -26.52 -38.61 4.87
CA TRP B 82 -27.91 -38.97 4.60
C TRP B 82 -27.96 -40.43 4.18
N THR B 83 -29.18 -40.95 4.06
CA THR B 83 -29.40 -42.34 3.68
C THR B 83 -29.99 -42.39 2.28
N ASP B 84 -29.38 -43.20 1.42
CA ASP B 84 -29.83 -43.37 0.05
C ASP B 84 -30.50 -44.73 -0.09
N HIS B 85 -31.70 -44.73 -0.67
CA HIS B 85 -32.46 -45.97 -0.79
C HIS B 85 -32.04 -46.81 -1.99
N TYR B 86 -31.51 -46.17 -3.03
CA TYR B 86 -31.16 -46.86 -4.27
C TYR B 86 -29.70 -47.26 -4.34
N LEU B 87 -28.94 -47.05 -3.28
CA LEU B 87 -27.52 -47.40 -3.25
C LEU B 87 -27.24 -48.47 -2.20
N GLN B 88 -28.11 -49.48 -2.12
CA GLN B 88 -27.97 -50.57 -1.19
C GLN B 88 -27.70 -51.87 -1.94
N TRP B 89 -26.73 -52.64 -1.45
CA TRP B 89 -26.38 -53.92 -2.05
C TRP B 89 -26.07 -54.93 -0.96
N ASN B 90 -25.85 -56.17 -1.38
CA ASN B 90 -25.59 -57.28 -0.48
C ASN B 90 -24.10 -57.54 -0.42
N VAL B 91 -23.54 -57.57 0.79
CA VAL B 91 -22.11 -57.80 0.94
C VAL B 91 -21.74 -59.21 0.51
N SER B 92 -22.55 -60.20 0.86
CA SER B 92 -22.26 -61.57 0.49
C SER B 92 -22.28 -61.76 -1.03
N GLU B 93 -23.23 -61.13 -1.71
CA GLU B 93 -23.30 -61.24 -3.16
C GLU B 93 -22.15 -60.53 -3.86
N TYR B 94 -21.55 -59.54 -3.20
CA TYR B 94 -20.42 -58.78 -3.75
C TYR B 94 -19.28 -58.82 -2.74
N PRO B 95 -18.58 -59.95 -2.64
CA PRO B 95 -17.52 -60.07 -1.64
C PRO B 95 -16.40 -59.07 -1.88
N GLY B 96 -15.81 -58.60 -0.79
CA GLY B 96 -14.69 -57.68 -0.84
C GLY B 96 -15.02 -56.20 -0.85
N VAL B 97 -15.97 -55.80 -1.69
CA VAL B 97 -16.32 -54.39 -1.81
C VAL B 97 -17.34 -54.04 -0.74
N LYS B 98 -17.04 -52.99 0.04
CA LYS B 98 -17.91 -52.53 1.10
C LYS B 98 -18.27 -51.05 0.98
N THR B 99 -17.59 -50.30 0.13
CA THR B 99 -17.84 -48.88 -0.02
C THR B 99 -17.66 -48.48 -1.49
N VAL B 100 -18.53 -47.61 -1.98
CA VAL B 100 -18.47 -47.10 -3.35
C VAL B 100 -18.52 -45.58 -3.29
N ARG B 101 -17.78 -44.93 -4.16
CA ARG B 101 -17.66 -43.47 -4.19
C ARG B 101 -18.08 -42.96 -5.55
N PHE B 102 -18.94 -41.94 -5.56
CA PHE B 102 -19.44 -41.35 -6.78
C PHE B 102 -19.07 -39.87 -6.84
N PRO B 103 -18.57 -39.37 -7.95
CA PRO B 103 -18.25 -37.94 -8.06
C PRO B 103 -19.48 -37.08 -8.23
N ASP B 104 -19.29 -35.78 -8.43
CA ASP B 104 -20.40 -34.87 -8.61
C ASP B 104 -21.15 -35.18 -9.91
N GLY B 105 -22.46 -35.03 -9.87
CA GLY B 105 -23.31 -35.26 -11.02
C GLY B 105 -23.70 -36.70 -11.27
N GLN B 106 -23.26 -37.63 -10.43
CA GLN B 106 -23.61 -39.04 -10.59
C GLN B 106 -24.63 -39.53 -9.58
N ILE B 107 -24.65 -38.96 -8.38
CA ILE B 107 -25.65 -39.31 -7.38
C ILE B 107 -26.21 -38.03 -6.78
N TRP B 108 -27.40 -38.15 -6.21
CA TRP B 108 -28.07 -37.00 -5.60
C TRP B 108 -27.32 -36.56 -4.35
N LYS B 109 -27.18 -35.25 -4.20
CA LYS B 109 -26.58 -34.65 -3.02
C LYS B 109 -27.44 -33.51 -2.53
N PRO B 110 -27.45 -33.25 -1.22
CA PRO B 110 -28.16 -32.07 -0.72
C PRO B 110 -27.51 -30.79 -1.20
N ASP B 111 -28.33 -29.75 -1.37
CA ASP B 111 -27.89 -28.46 -1.86
C ASP B 111 -27.57 -27.48 -0.73
N ILE B 112 -27.07 -27.99 0.40
CA ILE B 112 -26.76 -27.13 1.54
C ILE B 112 -25.58 -26.24 1.19
N LEU B 113 -25.75 -24.94 1.43
CA LEU B 113 -24.68 -23.97 1.19
C LEU B 113 -24.86 -22.80 2.13
N LEU B 114 -23.78 -22.04 2.32
CA LEU B 114 -23.79 -20.91 3.24
C LEU B 114 -24.70 -19.81 2.71
N TYR B 115 -25.70 -19.44 3.52
CA TYR B 115 -26.64 -18.39 3.10
C TYR B 115 -25.96 -17.03 3.00
N ASN B 116 -25.14 -16.68 3.98
CA ASN B 116 -24.49 -15.37 4.04
C ASN B 116 -23.07 -15.41 3.48
N SER B 117 -22.81 -16.25 2.50
CA SER B 117 -21.49 -16.33 1.91
C SER B 117 -21.20 -15.07 1.11
N ALA B 118 -20.07 -14.43 1.41
CA ALA B 118 -19.64 -13.23 0.71
C ALA B 118 -18.66 -13.52 -0.42
N ASP B 119 -18.34 -14.79 -0.67
CA ASP B 119 -17.43 -15.14 -1.74
C ASP B 119 -18.09 -14.89 -3.10
N GLU B 120 -17.25 -14.58 -4.10
CA GLU B 120 -17.76 -14.30 -5.43
C GLU B 120 -18.46 -15.52 -6.02
N ARG B 121 -17.87 -16.70 -5.83
CA ARG B 121 -18.48 -17.93 -6.31
C ARG B 121 -19.71 -18.32 -5.49
N PHE B 122 -19.78 -17.86 -4.23
CA PHE B 122 -20.91 -18.07 -3.32
C PHE B 122 -21.00 -19.50 -2.85
N ASP B 123 -20.16 -20.39 -3.40
CA ASP B 123 -20.14 -21.78 -2.98
C ASP B 123 -18.91 -22.10 -2.13
N ALA B 124 -17.71 -21.83 -2.65
CA ALA B 124 -16.46 -21.99 -1.91
C ALA B 124 -16.33 -23.38 -1.29
N THR B 125 -16.73 -24.40 -2.05
CA THR B 125 -16.64 -25.78 -1.61
C THR B 125 -15.99 -26.61 -2.71
N PHE B 126 -15.02 -27.43 -2.33
CA PHE B 126 -14.38 -28.36 -3.25
C PHE B 126 -15.18 -29.65 -3.25
N HIS B 127 -15.83 -29.96 -4.37
CA HIS B 127 -16.73 -31.09 -4.46
C HIS B 127 -15.91 -32.38 -4.53
N THR B 128 -16.02 -33.21 -3.50
CA THR B 128 -15.31 -34.48 -3.43
C THR B 128 -16.29 -35.64 -3.68
N ASN B 129 -15.77 -36.86 -3.58
CA ASN B 129 -16.61 -38.03 -3.74
C ASN B 129 -17.48 -38.25 -2.50
N VAL B 130 -18.50 -39.08 -2.65
CA VAL B 130 -19.45 -39.38 -1.59
C VAL B 130 -19.36 -40.87 -1.28
N LEU B 131 -18.86 -41.20 -0.10
CA LEU B 131 -18.78 -42.60 0.31
C LEU B 131 -20.17 -43.15 0.58
N VAL B 132 -20.41 -44.38 0.15
CA VAL B 132 -21.68 -45.06 0.35
C VAL B 132 -21.42 -46.41 0.98
N ASN B 133 -22.07 -46.68 2.11
CA ASN B 133 -21.94 -47.95 2.79
C ASN B 133 -22.86 -48.99 2.14
N SER B 134 -22.82 -50.22 2.67
CA SER B 134 -23.66 -51.28 2.13
C SER B 134 -25.14 -51.00 2.36
N SER B 135 -25.47 -50.22 3.39
CA SER B 135 -26.85 -49.87 3.68
C SER B 135 -27.29 -48.59 2.99
N GLY B 136 -26.43 -47.99 2.16
CA GLY B 136 -26.77 -46.78 1.45
C GLY B 136 -26.54 -45.50 2.21
N HIS B 137 -25.94 -45.56 3.39
CA HIS B 137 -25.69 -44.36 4.19
CA HIS B 137 -25.69 -44.36 4.19
C HIS B 137 -24.56 -43.56 3.55
N CYS B 138 -24.93 -42.50 2.83
CA CYS B 138 -23.94 -41.67 2.17
C CYS B 138 -23.20 -40.80 3.19
N GLN B 139 -22.05 -40.28 2.76
CA GLN B 139 -21.23 -39.43 3.62
C GLN B 139 -20.48 -38.44 2.74
N TYR B 140 -20.64 -37.15 3.03
CA TYR B 140 -20.07 -36.08 2.23
C TYR B 140 -19.25 -35.17 3.12
N LEU B 141 -17.99 -34.94 2.74
CA LEU B 141 -17.09 -34.04 3.48
C LEU B 141 -16.45 -33.06 2.51
N PRO B 142 -17.17 -32.04 2.08
CA PRO B 142 -16.60 -31.05 1.17
C PRO B 142 -15.84 -29.99 1.94
N PRO B 143 -14.57 -29.78 1.61
CA PRO B 143 -13.80 -28.71 2.24
C PRO B 143 -14.04 -27.38 1.52
N GLY B 144 -13.34 -26.35 1.98
CA GLY B 144 -13.46 -25.05 1.34
C GLY B 144 -13.08 -23.88 2.23
N ILE B 145 -12.61 -22.79 1.62
CA ILE B 145 -12.24 -21.58 2.35
C ILE B 145 -13.46 -20.66 2.28
N PHE B 146 -14.34 -20.77 3.26
CA PHE B 146 -15.57 -20.00 3.28
C PHE B 146 -15.28 -18.54 3.61
N LYS B 147 -16.11 -17.65 3.06
CA LYS B 147 -16.05 -16.21 3.33
C LYS B 147 -17.43 -15.76 3.78
N SER B 148 -17.68 -15.85 5.08
CA SER B 148 -18.96 -15.41 5.63
C SER B 148 -18.99 -13.89 5.81
N SER B 149 -20.20 -13.36 5.92
CA SER B 149 -20.41 -11.93 6.12
C SER B 149 -21.10 -11.74 7.47
N CYS B 150 -20.33 -11.27 8.46
CA CYS B 150 -20.85 -11.03 9.80
C CYS B 150 -20.59 -9.61 10.22
N TYR B 151 -21.50 -9.05 11.01
CA TYR B 151 -21.33 -7.71 11.55
C TYR B 151 -20.20 -7.70 12.57
N ILE B 152 -19.27 -6.76 12.41
CA ILE B 152 -18.10 -6.66 13.26
C ILE B 152 -18.10 -5.27 13.90
N ASP B 153 -18.32 -5.23 15.21
CA ASP B 153 -18.28 -3.98 15.94
C ASP B 153 -16.89 -3.75 16.51
N VAL B 154 -16.44 -2.50 16.50
CA VAL B 154 -15.11 -2.14 16.97
C VAL B 154 -15.23 -1.15 18.11
N ARG B 155 -16.32 -1.25 18.88
CA ARG B 155 -16.53 -0.33 19.99
C ARG B 155 -15.45 -0.46 21.05
N TRP B 156 -15.06 -1.69 21.38
CA TRP B 156 -14.11 -1.95 22.45
C TRP B 156 -12.75 -2.41 21.92
N PHE B 157 -12.38 -1.94 20.73
CA PHE B 157 -11.08 -2.31 20.17
C PHE B 157 -9.97 -1.78 21.06
N PRO B 158 -8.91 -2.57 21.29
CA PRO B 158 -8.67 -3.94 20.81
C PRO B 158 -9.19 -5.02 21.74
N PHE B 159 -9.79 -4.67 22.88
CA PHE B 159 -10.36 -5.65 23.79
C PHE B 159 -11.75 -6.05 23.28
N ASP B 160 -11.73 -6.78 22.16
CA ASP B 160 -12.92 -7.01 21.36
C ASP B 160 -13.28 -8.50 21.35
N VAL B 161 -14.56 -8.79 21.49
CA VAL B 161 -15.10 -10.13 21.37
C VAL B 161 -16.14 -10.12 20.26
N GLN B 162 -15.97 -11.00 19.27
CA GLN B 162 -16.81 -11.04 18.09
C GLN B 162 -17.64 -12.30 18.05
N HIS B 163 -18.87 -12.17 17.58
CA HIS B 163 -19.78 -13.30 17.40
C HIS B 163 -20.17 -13.36 15.93
N CYS B 164 -19.35 -14.04 15.13
CA CYS B 164 -19.63 -14.21 13.70
C CYS B 164 -20.47 -15.47 13.48
N LYS B 165 -21.42 -15.37 12.57
CA LYS B 165 -22.45 -16.39 12.39
C LYS B 165 -22.31 -17.03 11.02
N LEU B 166 -22.36 -18.36 10.99
CA LEU B 166 -22.34 -19.14 9.75
C LEU B 166 -23.70 -19.81 9.61
N LYS B 167 -24.48 -19.38 8.63
CA LYS B 167 -25.85 -19.85 8.44
C LYS B 167 -25.87 -20.82 7.26
N PHE B 168 -26.09 -22.09 7.56
CA PHE B 168 -26.17 -23.14 6.54
C PHE B 168 -27.58 -23.68 6.45
N GLY B 169 -28.03 -23.97 5.24
CA GLY B 169 -29.35 -24.52 5.04
C GLY B 169 -29.57 -24.89 3.59
N SER B 170 -30.54 -25.78 3.37
CA SER B 170 -30.86 -26.21 2.03
C SER B 170 -31.48 -25.07 1.24
N TRP B 171 -31.05 -24.92 -0.01
CA TRP B 171 -31.48 -23.77 -0.81
C TRP B 171 -32.91 -23.93 -1.31
N SER B 172 -33.31 -25.13 -1.72
CA SER B 172 -34.60 -25.33 -2.37
C SER B 172 -35.30 -26.58 -1.84
N TYR B 173 -35.17 -26.83 -0.54
CA TYR B 173 -35.86 -27.95 0.10
C TYR B 173 -36.51 -27.48 1.39
N GLY B 174 -37.75 -27.91 1.61
CA GLY B 174 -38.48 -27.60 2.82
C GLY B 174 -38.25 -28.61 3.91
N GLY B 175 -38.98 -28.42 5.02
CA GLY B 175 -38.84 -29.31 6.15
C GLY B 175 -39.56 -30.64 6.00
N TRP B 176 -40.50 -30.74 5.07
CA TRP B 176 -41.22 -31.98 4.82
C TRP B 176 -40.58 -32.83 3.73
N SER B 177 -39.50 -32.35 3.11
CA SER B 177 -38.75 -33.11 2.13
C SER B 177 -37.31 -33.36 2.55
N LEU B 178 -36.64 -32.35 3.11
CA LEU B 178 -35.27 -32.49 3.58
C LEU B 178 -35.14 -31.67 4.86
N ASP B 179 -35.24 -32.34 6.01
CA ASP B 179 -35.10 -31.68 7.29
C ASP B 179 -33.65 -31.80 7.77
N LEU B 180 -33.10 -30.69 8.23
CA LEU B 180 -31.72 -30.67 8.71
C LEU B 180 -31.67 -31.10 10.16
N GLN B 181 -30.75 -32.01 10.47
CA GLN B 181 -30.43 -32.38 11.83
C GLN B 181 -29.02 -31.93 12.15
N MET B 182 -28.81 -31.40 13.34
CA MET B 182 -27.55 -30.77 13.71
C MET B 182 -26.69 -31.70 14.55
N GLN B 183 -25.40 -31.73 14.23
CA GLN B 183 -24.39 -32.38 15.06
C GLN B 183 -23.35 -31.34 15.45
N GLU B 184 -22.82 -31.49 16.66
CA GLU B 184 -21.93 -30.47 17.20
C GLU B 184 -20.66 -30.35 16.36
N ALA B 185 -20.16 -29.12 16.27
CA ALA B 185 -18.97 -28.85 15.47
C ALA B 185 -17.75 -29.54 16.08
N ASP B 186 -16.80 -29.87 15.21
CA ASP B 186 -15.60 -30.62 15.59
C ASP B 186 -14.48 -29.62 15.85
N ILE B 187 -14.10 -29.46 17.11
CA ILE B 187 -13.02 -28.56 17.47
C ILE B 187 -11.66 -29.23 17.31
N SER B 188 -11.61 -30.55 17.46
CA SER B 188 -10.35 -31.26 17.32
C SER B 188 -9.73 -31.02 15.96
N GLY B 189 -8.43 -30.73 15.95
CA GLY B 189 -7.73 -30.38 14.73
C GLY B 189 -7.75 -28.91 14.37
N TYR B 190 -8.20 -28.05 15.27
CA TYR B 190 -8.24 -26.61 15.01
C TYR B 190 -6.86 -26.00 15.26
N ILE B 191 -6.31 -25.35 14.23
CA ILE B 191 -5.02 -24.68 14.35
C ILE B 191 -5.25 -23.34 15.05
N PRO B 192 -4.58 -23.08 16.18
CA PRO B 192 -4.80 -21.82 16.90
C PRO B 192 -4.32 -20.60 16.12
N ASN B 193 -5.25 -19.73 15.74
CA ASN B 193 -4.89 -18.49 15.06
C ASN B 193 -4.16 -17.56 16.02
N GLY B 194 -3.10 -16.93 15.53
CA GLY B 194 -2.30 -16.07 16.39
C GLY B 194 -3.05 -14.84 16.86
N GLU B 195 -3.76 -14.17 15.94
CA GLU B 195 -4.41 -12.91 16.29
C GLU B 195 -5.66 -13.12 17.14
N TRP B 196 -6.47 -14.12 16.83
CA TRP B 196 -7.76 -14.33 17.47
C TRP B 196 -7.75 -15.61 18.30
N ASP B 197 -8.43 -15.57 19.44
CA ASP B 197 -8.61 -16.72 20.31
C ASP B 197 -10.04 -17.21 20.20
N LEU B 198 -10.20 -18.50 19.93
CA LEU B 198 -11.52 -19.08 19.69
C LEU B 198 -12.13 -19.50 21.03
N VAL B 199 -13.11 -18.74 21.50
CA VAL B 199 -13.83 -19.11 22.71
C VAL B 199 -14.64 -20.39 22.49
N GLY B 200 -15.34 -20.46 21.37
CA GLY B 200 -16.13 -21.63 21.04
C GLY B 200 -16.99 -21.36 19.83
N ILE B 201 -17.63 -22.42 19.36
CA ILE B 201 -18.53 -22.31 18.21
C ILE B 201 -19.85 -23.00 18.52
N PRO B 202 -20.69 -22.41 19.39
CA PRO B 202 -22.01 -22.99 19.62
C PRO B 202 -22.89 -22.85 18.38
N GLY B 203 -23.83 -23.80 18.25
CA GLY B 203 -24.73 -23.79 17.13
C GLY B 203 -26.16 -24.03 17.57
N LYS B 204 -27.09 -23.74 16.66
CA LYS B 204 -28.51 -23.86 16.94
C LYS B 204 -29.24 -24.19 15.64
N ARG B 205 -30.27 -25.03 15.75
CA ARG B 205 -31.14 -25.35 14.63
C ARG B 205 -32.45 -24.58 14.78
N SER B 206 -32.82 -23.82 13.76
CA SER B 206 -34.01 -22.99 13.80
C SER B 206 -34.88 -23.29 12.57
N GLU B 207 -36.18 -23.08 12.73
CA GLU B 207 -37.15 -23.29 11.66
C GLU B 207 -37.80 -21.96 11.30
N ARG B 208 -37.78 -21.63 10.02
CA ARG B 208 -38.41 -20.41 9.50
C ARG B 208 -39.68 -20.80 8.75
N PHE B 209 -40.77 -20.11 9.07
CA PHE B 209 -42.07 -20.38 8.47
C PHE B 209 -42.45 -19.25 7.51
N TYR B 210 -43.14 -19.63 6.45
CA TYR B 210 -43.69 -18.69 5.48
C TYR B 210 -45.21 -18.71 5.55
N GLU B 211 -45.82 -17.62 5.09
CA GLU B 211 -47.28 -17.54 5.05
C GLU B 211 -47.82 -18.09 3.73
N CYS B 212 -47.34 -19.28 3.36
CA CYS B 212 -47.81 -20.00 2.18
C CYS B 212 -48.35 -21.37 2.52
N CYS B 213 -47.59 -22.14 3.28
CA CYS B 213 -47.73 -23.59 3.27
C CYS B 213 -47.71 -24.23 4.66
N LYS B 214 -47.40 -23.48 5.72
CA LYS B 214 -47.38 -24.00 7.09
C LYS B 214 -46.42 -25.18 7.23
N GLU B 215 -45.27 -25.09 6.57
CA GLU B 215 -44.24 -26.11 6.71
C GLU B 215 -42.92 -25.45 7.13
N PRO B 216 -42.13 -26.13 7.94
CA PRO B 216 -40.86 -25.53 8.38
C PRO B 216 -39.83 -25.50 7.27
N TYR B 217 -38.87 -24.59 7.44
CA TYR B 217 -37.70 -24.49 6.55
C TYR B 217 -36.47 -24.48 7.44
N PRO B 218 -36.07 -25.63 7.96
CA PRO B 218 -35.00 -25.66 8.96
C PRO B 218 -33.65 -25.29 8.38
N ASP B 219 -32.79 -24.79 9.25
CA ASP B 219 -31.41 -24.47 8.90
C ASP B 219 -30.55 -24.64 10.14
N VAL B 220 -29.26 -24.87 9.92
CA VAL B 220 -28.30 -25.05 10.99
C VAL B 220 -27.30 -23.90 10.92
N THR B 221 -27.22 -23.12 12.00
CA THR B 221 -26.35 -21.96 12.06
C THR B 221 -25.37 -22.12 13.21
N PHE B 222 -24.09 -21.86 12.93
CA PHE B 222 -23.03 -21.95 13.93
C PHE B 222 -22.50 -20.54 14.21
N THR B 223 -22.49 -20.17 15.48
CA THR B 223 -22.03 -18.85 15.91
C THR B 223 -20.58 -18.97 16.38
N VAL B 224 -19.65 -18.45 15.59
CA VAL B 224 -18.24 -18.49 15.95
C VAL B 224 -17.97 -17.34 16.93
N THR B 225 -17.64 -17.69 18.16
CA THR B 225 -17.35 -16.71 19.21
C THR B 225 -15.84 -16.64 19.39
N MET B 226 -15.25 -15.49 19.06
CA MET B 226 -13.82 -15.30 19.12
C MET B 226 -13.50 -13.96 19.75
N ARG B 227 -12.36 -13.88 20.44
CA ARG B 227 -11.89 -12.65 21.04
C ARG B 227 -10.50 -12.33 20.51
N ARG B 228 -10.21 -11.04 20.40
CA ARG B 228 -8.92 -10.59 19.88
C ARG B 228 -7.87 -10.57 20.98
N ARG B 229 -6.68 -11.07 20.65
CA ARG B 229 -5.55 -10.99 21.58
C ARG B 229 -4.92 -9.61 21.51
N THR B 230 -4.50 -9.10 22.67
CA THR B 230 -4.07 -7.72 22.80
C THR B 230 -2.57 -7.56 23.01
N LEU B 231 -1.78 -8.64 22.95
CA LEU B 231 -0.34 -8.50 23.16
C LEU B 231 0.30 -7.69 22.03
N TYR B 232 0.04 -8.07 20.78
CA TYR B 232 0.61 -7.35 19.65
C TYR B 232 0.04 -5.93 19.57
N TYR B 233 -1.29 -5.81 19.61
CA TYR B 233 -1.92 -4.50 19.55
C TYR B 233 -1.50 -3.65 20.74
N GLY B 234 -1.41 -4.25 21.92
CA GLY B 234 -0.91 -3.55 23.09
C GLY B 234 0.48 -2.98 22.86
N LEU B 235 1.45 -3.86 22.62
CA LEU B 235 2.83 -3.42 22.47
C LEU B 235 3.04 -2.49 21.29
N ASN B 236 2.13 -2.47 20.32
CA ASN B 236 2.31 -1.60 19.16
C ASN B 236 1.53 -0.29 19.24
N LEU B 237 0.48 -0.21 20.06
CA LEU B 237 -0.35 0.98 20.07
C LEU B 237 -0.51 1.62 21.45
N LEU B 238 -0.61 0.82 22.51
CA LEU B 238 -0.92 1.37 23.83
C LEU B 238 0.33 1.84 24.57
N ILE B 239 1.31 0.95 24.73
CA ILE B 239 2.56 1.33 25.41
C ILE B 239 3.28 2.47 24.69
N PRO B 240 3.46 2.44 23.35
CA PRO B 240 4.08 3.59 22.70
C PRO B 240 3.31 4.88 22.91
N CYS B 241 1.98 4.82 22.93
CA CYS B 241 1.20 6.04 23.16
C CYS B 241 1.42 6.56 24.58
N VAL B 242 1.45 5.66 25.57
CA VAL B 242 1.70 6.08 26.94
C VAL B 242 3.06 6.73 27.08
N LEU B 243 4.09 6.11 26.49
CA LEU B 243 5.44 6.66 26.58
C LEU B 243 5.53 7.99 25.85
N ILE B 244 4.84 8.13 24.72
CA ILE B 244 4.86 9.38 23.97
C ILE B 244 4.18 10.49 24.76
N SER B 245 3.05 10.18 25.42
CA SER B 245 2.40 11.19 26.26
C SER B 245 3.28 11.58 27.45
N ALA B 246 3.94 10.61 28.07
CA ALA B 246 4.84 10.92 29.19
C ALA B 246 6.02 11.76 28.72
N LEU B 247 6.48 11.55 27.49
CA LEU B 247 7.56 12.38 26.95
C LEU B 247 7.05 13.79 26.63
N ALA B 248 5.81 13.89 26.15
CA ALA B 248 5.22 15.20 25.92
C ALA B 248 5.06 15.98 27.23
N LEU B 249 4.91 15.27 28.34
CA LEU B 249 4.85 15.94 29.64
C LEU B 249 6.18 16.57 30.05
N LEU B 250 7.28 16.28 29.34
CA LEU B 250 8.59 16.80 29.73
C LEU B 250 8.79 18.27 29.38
N VAL B 251 7.88 18.87 28.60
CA VAL B 251 8.07 20.27 28.21
C VAL B 251 8.07 21.17 29.42
N PHE B 252 7.26 20.85 30.43
CA PHE B 252 7.14 21.67 31.62
C PHE B 252 8.39 21.61 32.51
N LEU B 253 9.30 20.67 32.25
CA LEU B 253 10.53 20.58 33.03
C LEU B 253 11.70 21.33 32.39
N LEU B 254 11.66 21.56 31.09
CA LEU B 254 12.73 22.30 30.43
C LEU B 254 12.72 23.75 30.89
N PRO B 255 13.89 24.34 31.13
CA PRO B 255 13.93 25.78 31.43
C PRO B 255 13.49 26.60 30.24
N ALA B 256 12.87 27.75 30.54
CA ALA B 256 12.44 28.65 29.49
C ALA B 256 13.58 29.40 28.82
N ASP B 257 14.78 29.39 29.43
CA ASP B 257 15.92 30.06 28.82
C ASP B 257 16.28 29.42 27.48
N SER B 258 16.27 28.09 27.41
CA SER B 258 16.50 27.39 26.16
C SER B 258 15.23 27.40 25.32
N GLY B 259 15.34 27.91 24.10
CA GLY B 259 14.19 28.02 23.22
C GLY B 259 13.89 26.74 22.46
N GLU B 260 13.52 25.69 23.17
CA GLU B 260 13.20 24.41 22.53
C GLU B 260 12.02 23.73 23.18
N LYS B 261 11.14 24.49 23.83
CA LYS B 261 9.95 23.91 24.45
C LYS B 261 8.92 23.52 23.41
N ILE B 262 8.42 24.50 22.65
CA ILE B 262 7.40 24.22 21.65
C ILE B 262 7.97 23.32 20.56
N SER B 263 9.29 23.33 20.35
CA SER B 263 9.89 22.37 19.43
C SER B 263 9.59 20.93 19.87
N LEU B 264 9.86 20.64 21.15
CA LEU B 264 9.57 19.31 21.67
C LEU B 264 8.07 19.01 21.62
N GLY B 265 7.24 19.98 22.00
CA GLY B 265 5.80 19.75 21.99
C GLY B 265 5.26 19.45 20.61
N ILE B 266 5.65 20.27 19.63
CA ILE B 266 5.14 20.08 18.28
C ILE B 266 5.72 18.82 17.65
N THR B 267 6.95 18.44 18.02
CA THR B 267 7.52 17.22 17.47
C THR B 267 6.83 15.98 18.04
N VAL B 268 6.51 16.00 19.34
CA VAL B 268 5.81 14.85 19.90
C VAL B 268 4.38 14.77 19.36
N LEU B 269 3.75 15.93 19.10
CA LEU B 269 2.44 15.89 18.46
C LEU B 269 2.52 15.35 17.04
N LEU B 270 3.57 15.74 16.30
CA LEU B 270 3.78 15.21 14.96
C LEU B 270 4.01 13.70 15.01
N SER B 271 4.69 13.23 16.05
CA SER B 271 4.86 11.79 16.23
C SER B 271 3.52 11.10 16.48
N LEU B 272 2.67 11.72 17.30
CA LEU B 272 1.33 11.15 17.52
C LEU B 272 0.47 11.17 16.27
N THR B 273 0.77 12.07 15.32
CA THR B 273 -0.01 12.13 14.09
C THR B 273 0.08 10.81 13.31
N VAL B 274 1.27 10.23 13.21
CA VAL B 274 1.41 8.98 12.47
C VAL B 274 0.72 7.83 13.20
N PHE B 275 0.70 7.87 14.54
CA PHE B 275 -0.07 6.87 15.28
C PHE B 275 -1.57 7.00 14.99
N MET B 276 -2.06 8.24 14.91
CA MET B 276 -3.45 8.44 14.52
C MET B 276 -3.71 7.88 13.13
N LEU B 277 -2.78 8.12 12.20
CA LEU B 277 -2.93 7.58 10.85
C LEU B 277 -2.97 6.05 10.86
N LEU B 278 -2.11 5.42 11.66
CA LEU B 278 -2.11 3.97 11.74
C LEU B 278 -3.42 3.44 12.31
N VAL B 279 -3.93 4.07 13.37
CA VAL B 279 -5.19 3.64 13.95
C VAL B 279 -6.32 3.80 12.95
N ALA B 280 -6.29 4.87 12.16
CA ALA B 280 -7.29 5.04 11.11
C ALA B 280 -7.15 3.98 10.02
N GLU B 281 -5.93 3.56 9.70
CA GLU B 281 -5.74 2.58 8.63
C GLU B 281 -6.12 1.18 9.07
N ILE B 282 -6.01 0.87 10.37
CA ILE B 282 -6.36 -0.47 10.84
C ILE B 282 -7.81 -0.59 11.28
N MET B 283 -8.51 0.55 11.48
CA MET B 283 -9.89 0.57 11.90
C MET B 283 -10.83 0.56 10.69
N PRO B 284 -11.99 -0.07 10.80
CA PRO B 284 -12.97 0.00 9.71
C PRO B 284 -13.60 1.38 9.63
N ALA B 285 -14.39 1.59 8.58
CA ALA B 285 -15.10 2.83 8.36
C ALA B 285 -16.46 2.86 9.04
N THR B 286 -16.69 1.98 10.02
CA THR B 286 -17.96 1.95 10.73
C THR B 286 -18.18 3.25 11.48
N SER B 287 -19.40 3.78 11.38
CA SER B 287 -19.75 5.06 12.00
C SER B 287 -20.92 4.90 12.96
N ASP B 288 -21.06 3.72 13.57
CA ASP B 288 -22.12 3.49 14.54
C ASP B 288 -21.67 3.68 15.98
N SER B 289 -20.36 3.67 16.24
CA SER B 289 -19.85 3.87 17.59
C SER B 289 -18.42 4.37 17.50
N VAL B 290 -17.96 4.97 18.59
CA VAL B 290 -16.60 5.49 18.68
C VAL B 290 -15.71 4.40 19.29
N PRO B 291 -14.67 3.95 18.58
CA PRO B 291 -13.79 2.92 19.16
C PRO B 291 -13.10 3.42 20.42
N LEU B 292 -12.84 2.49 21.33
CA LEU B 292 -12.20 2.85 22.60
C LEU B 292 -10.80 3.38 22.37
N ILE B 293 -10.02 2.71 21.53
CA ILE B 293 -8.66 3.18 21.26
C ILE B 293 -8.70 4.49 20.48
N ALA B 294 -9.75 4.71 19.69
CA ALA B 294 -9.87 5.97 18.96
C ALA B 294 -10.00 7.15 19.92
N GLN B 295 -10.92 7.04 20.88
CA GLN B 295 -11.08 8.12 21.87
C GLN B 295 -9.87 8.20 22.79
N TYR B 296 -9.19 7.07 23.04
CA TYR B 296 -7.96 7.11 23.83
C TYR B 296 -6.89 7.94 23.13
N PHE B 297 -6.66 7.68 21.84
CA PHE B 297 -5.70 8.45 21.08
C PHE B 297 -6.13 9.92 20.97
N ALA B 298 -7.43 10.15 20.80
CA ALA B 298 -7.93 11.52 20.74
C ALA B 298 -7.64 12.26 22.04
N SER B 299 -7.87 11.60 23.18
CA SER B 299 -7.58 12.23 24.46
C SER B 299 -6.10 12.50 24.62
N THR B 300 -5.25 11.55 24.21
CA THR B 300 -3.80 11.77 24.32
C THR B 300 -3.35 12.96 23.48
N MET B 301 -3.84 13.04 22.23
CA MET B 301 -3.44 14.15 21.37
C MET B 301 -4.02 15.48 21.84
N ILE B 302 -5.23 15.46 22.41
CA ILE B 302 -5.79 16.67 22.99
C ILE B 302 -4.96 17.14 24.17
N ILE B 303 -4.50 16.19 25.01
CA ILE B 303 -3.63 16.56 26.13
C ILE B 303 -2.33 17.17 25.62
N VAL B 304 -1.77 16.60 24.55
CA VAL B 304 -0.53 17.15 23.98
C VAL B 304 -0.77 18.56 23.45
N GLY B 305 -1.89 18.77 22.75
CA GLY B 305 -2.20 20.10 22.25
C GLY B 305 -2.40 21.12 23.37
N LEU B 306 -3.09 20.72 24.43
CA LEU B 306 -3.25 21.59 25.59
C LEU B 306 -1.91 21.88 26.26
N SER B 307 -1.00 20.91 26.27
CA SER B 307 0.35 21.16 26.78
C SER B 307 1.07 22.17 25.92
N VAL B 308 0.87 22.12 24.60
CA VAL B 308 1.48 23.11 23.71
C VAL B 308 0.91 24.50 24.01
N VAL B 309 -0.41 24.59 24.21
CA VAL B 309 -1.03 25.88 24.53
C VAL B 309 -0.48 26.41 25.86
N VAL B 310 -0.36 25.52 26.85
CA VAL B 310 0.19 25.91 28.15
C VAL B 310 1.63 26.39 28.00
N THR B 311 2.40 25.72 27.15
CA THR B 311 3.77 26.14 26.91
C THR B 311 3.82 27.52 26.28
N VAL B 312 2.90 27.80 25.36
CA VAL B 312 2.81 29.13 24.77
C VAL B 312 2.52 30.18 25.85
N ILE B 313 1.58 29.87 26.74
CA ILE B 313 1.25 30.79 27.84
C ILE B 313 2.46 31.01 28.74
N VAL B 314 3.17 29.93 29.06
CA VAL B 314 4.33 30.02 29.95
C VAL B 314 5.42 30.87 29.32
N LEU B 315 5.67 30.67 28.02
CA LEU B 315 6.67 31.50 27.34
C LEU B 315 6.24 32.95 27.24
N GLN B 316 4.93 33.20 27.10
CA GLN B 316 4.43 34.56 27.12
C GLN B 316 4.69 35.22 28.47
N TYR B 317 4.50 34.46 29.55
CA TYR B 317 4.81 34.99 30.89
C TYR B 317 6.31 35.21 31.05
N HIS B 318 7.13 34.29 30.55
CA HIS B 318 8.57 34.36 30.75
C HIS B 318 9.18 35.53 29.99
N HIS B 319 8.80 35.70 28.73
CA HIS B 319 9.34 36.77 27.89
C HIS B 319 8.41 38.00 27.99
N HIS B 320 8.39 38.58 29.17
CA HIS B 320 7.60 39.77 29.45
C HIS B 320 8.52 40.99 29.45
N ASP B 321 8.10 42.04 28.74
CA ASP B 321 8.94 43.21 28.60
C ASP B 321 9.13 43.91 29.95
N PRO B 322 10.31 44.45 30.22
CA PRO B 322 10.52 45.18 31.48
C PRO B 322 9.68 46.45 31.52
N ASP B 323 8.84 46.57 32.54
CA ASP B 323 7.93 47.70 32.72
C ASP B 323 6.97 47.88 31.55
N GLY B 324 6.74 46.82 30.78
CA GLY B 324 5.74 46.84 29.73
C GLY B 324 4.33 46.60 30.20
N GLY B 325 4.15 46.38 31.50
CA GLY B 325 2.83 46.16 32.06
C GLY B 325 2.96 46.02 33.56
N LYS B 326 1.80 45.93 34.21
CA LYS B 326 1.73 45.79 35.66
C LYS B 326 1.14 44.43 36.01
N MET B 327 1.80 43.71 36.90
CA MET B 327 1.33 42.40 37.32
C MET B 327 0.08 42.57 38.17
N PRO B 328 -1.04 41.94 37.83
CA PRO B 328 -2.27 42.12 38.62
C PRO B 328 -2.10 41.60 40.03
N LYS B 329 -2.82 42.23 40.96
CA LYS B 329 -2.73 41.85 42.36
C LYS B 329 -3.18 40.41 42.57
N TRP B 330 -4.26 40.01 41.90
CA TRP B 330 -4.71 38.62 42.00
C TRP B 330 -3.64 37.68 41.45
N THR B 331 -3.01 38.05 40.33
CA THR B 331 -1.94 37.23 39.77
C THR B 331 -0.82 37.04 40.78
N ARG B 332 -0.40 38.12 41.45
CA ARG B 332 0.65 38.02 42.45
C ARG B 332 0.22 37.12 43.60
N VAL B 333 -0.91 37.44 44.23
CA VAL B 333 -1.33 36.72 45.43
C VAL B 333 -1.60 35.25 45.14
N ILE B 334 -1.90 34.89 43.89
CA ILE B 334 -2.06 33.49 43.58
C ILE B 334 -0.69 32.87 43.30
N LEU B 335 -0.04 33.31 42.22
CA LEU B 335 1.13 32.60 41.72
C LEU B 335 2.32 32.71 42.68
N LEU B 336 2.64 33.93 43.12
CA LEU B 336 3.87 34.12 43.88
C LEU B 336 3.73 33.74 45.34
N ASN B 337 2.51 33.57 45.85
CA ASN B 337 2.32 33.20 47.25
C ASN B 337 1.65 31.84 47.43
N TRP B 338 0.42 31.66 46.91
CA TRP B 338 -0.33 30.45 47.25
C TRP B 338 0.25 29.23 46.54
N CYS B 339 0.52 29.36 45.23
CA CYS B 339 1.12 28.26 44.49
C CYS B 339 2.59 28.09 44.84
N ALA B 340 3.26 29.17 45.23
CA ALA B 340 4.64 29.05 45.68
C ALA B 340 4.72 28.24 46.97
N TRP B 341 3.78 28.45 47.89
CA TRP B 341 3.77 27.66 49.12
C TRP B 341 3.25 26.24 48.88
N PHE B 342 2.29 26.09 47.95
CA PHE B 342 1.75 24.75 47.68
C PHE B 342 2.82 23.82 47.11
N LEU B 343 3.65 24.32 46.20
CA LEU B 343 4.63 23.50 45.51
C LEU B 343 6.05 23.76 46.01
N ARG B 344 6.21 24.34 47.20
CA ARG B 344 7.50 24.52 47.85
C ARG B 344 8.44 25.38 46.99
N MET B 345 8.05 26.63 46.79
CA MET B 345 8.88 27.61 46.10
C MET B 345 9.35 28.66 47.09
N LYS B 346 10.60 29.08 46.96
CA LYS B 346 11.23 30.00 47.89
C LYS B 346 11.45 31.40 47.31
N ARG B 347 12.08 31.49 46.14
CA ARG B 347 12.38 32.79 45.55
C ARG B 347 11.12 33.40 44.95
N PRO B 348 10.69 34.58 45.40
CA PRO B 348 9.50 35.24 44.83
C PRO B 348 9.78 35.85 43.46
N PRO B 431 35.69 74.11 40.64
CA PRO B 431 34.68 74.33 39.61
C PRO B 431 34.32 73.05 38.86
N ASP B 432 35.33 72.38 38.31
CA ASP B 432 35.10 71.15 37.56
C ASP B 432 34.76 69.96 38.45
N LEU B 433 34.89 70.10 39.77
CA LEU B 433 34.63 68.98 40.67
C LEU B 433 33.15 68.63 40.75
N ALA B 434 32.26 69.58 40.44
CA ALA B 434 30.83 69.28 40.42
C ALA B 434 30.42 68.56 39.14
N LYS B 435 31.04 68.92 38.01
CA LYS B 435 30.66 68.33 36.74
C LYS B 435 30.97 66.84 36.70
N ILE B 436 32.12 66.43 37.24
CA ILE B 436 32.47 65.01 37.25
C ILE B 436 31.47 64.21 38.07
N LEU B 437 31.08 64.74 39.23
CA LEU B 437 30.08 64.06 40.07
C LEU B 437 28.74 63.96 39.35
N GLU B 438 28.29 65.06 38.75
CA GLU B 438 27.01 65.04 38.04
C GLU B 438 27.05 64.10 36.86
N GLU B 439 28.22 63.95 36.23
CA GLU B 439 28.36 63.05 35.09
C GLU B 439 28.35 61.59 35.54
N VAL B 440 29.03 61.29 36.65
CA VAL B 440 29.11 59.92 37.13
C VAL B 440 27.82 59.47 37.80
N ARG B 441 26.97 60.41 38.23
CA ARG B 441 25.71 60.04 38.84
C ARG B 441 24.83 59.27 37.86
N TYR B 442 24.84 59.66 36.58
CA TYR B 442 23.95 59.08 35.59
C TYR B 442 24.24 57.60 35.37
N ILE B 443 25.51 57.20 35.39
CA ILE B 443 25.86 55.81 35.14
C ILE B 443 25.27 54.92 36.22
N ALA B 444 25.42 55.31 37.49
CA ALA B 444 24.88 54.51 38.57
C ALA B 444 23.35 54.56 38.59
N ASN B 445 22.75 55.69 38.22
CA ASN B 445 21.29 55.72 38.13
C ASN B 445 20.78 54.76 37.07
N ARG B 446 21.44 54.73 35.92
CA ARG B 446 21.07 53.80 34.85
C ARG B 446 21.25 52.35 35.31
N PHE B 447 22.34 52.08 36.02
CA PHE B 447 22.55 50.72 36.54
C PHE B 447 21.46 50.33 37.54
N ARG B 448 21.06 51.26 38.41
CA ARG B 448 19.99 50.96 39.34
C ARG B 448 18.67 50.70 38.62
N CYS B 449 18.37 51.47 37.58
CA CYS B 449 17.17 51.23 36.80
C CYS B 449 17.21 49.86 36.13
N GLN B 450 18.38 49.49 35.60
CA GLN B 450 18.53 48.17 34.99
C GLN B 450 18.34 47.07 36.02
N ASP B 451 18.85 47.27 37.25
CA ASP B 451 18.67 46.27 38.30
C ASP B 451 17.20 46.13 38.68
N GLU B 452 16.47 47.24 38.76
CA GLU B 452 15.03 47.16 39.05
C GLU B 452 14.29 46.42 37.94
N SER B 453 14.64 46.71 36.67
CA SER B 453 14.01 46.00 35.56
C SER B 453 14.34 44.51 35.61
N GLU B 454 15.58 44.17 35.98
CA GLU B 454 15.97 42.77 36.11
C GLU B 454 15.20 42.08 37.23
N ALA B 455 14.94 42.79 38.33
CA ALA B 455 14.14 42.23 39.41
C ALA B 455 12.71 41.95 38.93
N VAL B 456 12.13 42.88 38.18
CA VAL B 456 10.78 42.65 37.64
C VAL B 456 10.78 41.45 36.71
N CYS B 457 11.80 41.35 35.85
CA CYS B 457 11.89 40.21 34.94
C CYS B 457 12.05 38.91 35.70
N SER B 458 12.81 38.93 36.81
CA SER B 458 12.97 37.74 37.64
C SER B 458 11.64 37.33 38.27
N GLU B 459 10.84 38.31 38.71
CA GLU B 459 9.52 37.98 39.23
C GLU B 459 8.66 37.32 38.16
N TRP B 460 8.68 37.87 36.94
CA TRP B 460 7.90 37.28 35.85
C TRP B 460 8.39 35.87 35.54
N LYS B 461 9.70 35.66 35.53
CA LYS B 461 10.24 34.32 35.24
C LYS B 461 9.87 33.32 36.32
N PHE B 462 9.88 33.75 37.59
CA PHE B 462 9.45 32.85 38.66
C PHE B 462 7.97 32.52 38.54
N ALA B 463 7.15 33.49 38.14
CA ALA B 463 5.75 33.20 37.89
C ALA B 463 5.59 32.17 36.77
N ALA B 464 6.41 32.31 35.72
CA ALA B 464 6.37 31.34 34.62
C ALA B 464 6.77 29.95 35.11
N CYS B 465 7.78 29.86 35.96
CA CYS B 465 8.20 28.57 36.50
C CYS B 465 7.11 27.95 37.37
N VAL B 466 6.42 28.78 38.16
CA VAL B 466 5.33 28.28 38.99
C VAL B 466 4.21 27.74 38.11
N VAL B 467 3.86 28.46 37.04
CA VAL B 467 2.86 27.96 36.11
C VAL B 467 3.33 26.65 35.47
N ASP B 468 4.62 26.56 35.15
CA ASP B 468 5.17 25.34 34.55
C ASP B 468 4.96 24.15 35.48
N ARG B 469 5.30 24.31 36.77
CA ARG B 469 5.18 23.18 37.68
C ARG B 469 3.71 22.83 37.96
N LEU B 470 2.85 23.85 38.09
CA LEU B 470 1.43 23.59 38.28
C LEU B 470 0.86 22.80 37.10
N CYS B 471 1.21 23.21 35.88
CA CYS B 471 0.71 22.51 34.71
C CYS B 471 1.33 21.13 34.58
N LEU B 472 2.57 20.95 35.02
CA LEU B 472 3.16 19.62 35.04
C LEU B 472 2.34 18.68 35.91
N MET B 473 2.02 19.12 37.12
CA MET B 473 1.22 18.29 38.02
C MET B 473 -0.16 18.01 37.43
N ALA B 474 -0.81 19.07 36.93
CA ALA B 474 -2.17 18.93 36.41
C ALA B 474 -2.21 17.99 35.21
N PHE B 475 -1.25 18.13 34.29
CA PHE B 475 -1.24 17.30 33.09
C PHE B 475 -0.84 15.86 33.40
N SER B 476 0.05 15.65 34.37
CA SER B 476 0.34 14.29 34.80
C SER B 476 -0.91 13.62 35.36
N VAL B 477 -1.65 14.34 36.21
CA VAL B 477 -2.89 13.79 36.76
C VAL B 477 -3.89 13.50 35.65
N PHE B 478 -4.04 14.43 34.71
CA PHE B 478 -4.99 14.23 33.62
C PHE B 478 -4.62 13.04 32.76
N THR B 479 -3.34 12.90 32.41
CA THR B 479 -2.91 11.78 31.58
C THR B 479 -3.14 10.46 32.28
N ILE B 480 -2.77 10.38 33.57
CA ILE B 480 -2.96 9.13 34.31
C ILE B 480 -4.44 8.78 34.39
N ILE B 481 -5.28 9.77 34.73
CA ILE B 481 -6.70 9.50 34.88
C ILE B 481 -7.31 9.05 33.55
N CYS B 482 -7.01 9.77 32.47
CA CYS B 482 -7.57 9.43 31.17
C CYS B 482 -7.15 8.03 30.74
N THR B 483 -5.84 7.74 30.83
CA THR B 483 -5.35 6.44 30.39
C THR B 483 -6.00 5.32 31.20
N ILE B 484 -5.98 5.43 32.53
CA ILE B 484 -6.51 4.36 33.38
C ILE B 484 -8.00 4.18 33.13
N GLY B 485 -8.75 5.28 33.10
CA GLY B 485 -10.19 5.17 32.93
C GLY B 485 -10.58 4.58 31.59
N ILE B 486 -9.95 5.05 30.51
CA ILE B 486 -10.28 4.54 29.18
C ILE B 486 -9.90 3.07 29.06
N LEU B 487 -8.72 2.70 29.55
CA LEU B 487 -8.28 1.32 29.42
C LEU B 487 -9.13 0.36 30.26
N MET B 488 -9.50 0.76 31.48
CA MET B 488 -10.26 -0.13 32.35
C MET B 488 -11.76 -0.06 32.10
N SER B 489 -12.24 0.91 31.31
CA SER B 489 -13.67 0.96 31.00
C SER B 489 -14.11 -0.19 30.11
N ALA B 490 -13.20 -0.78 29.35
CA ALA B 490 -13.58 -1.85 28.44
C ALA B 490 -13.91 -3.12 29.23
N PRO B 491 -14.97 -3.83 28.86
CA PRO B 491 -15.26 -5.11 29.50
C PRO B 491 -14.17 -6.14 29.21
N ASN B 492 -14.07 -7.11 30.11
CA ASN B 492 -13.09 -8.21 30.05
C ASN B 492 -11.67 -7.70 29.78
N PHE B 493 -11.38 -6.48 30.22
CA PHE B 493 -10.02 -5.95 30.11
C PHE B 493 -9.06 -6.75 30.99
N VAL B 494 -9.49 -7.07 32.21
CA VAL B 494 -8.64 -7.83 33.12
C VAL B 494 -8.36 -9.23 32.57
N GLU B 495 -9.38 -9.87 31.98
CA GLU B 495 -9.18 -11.19 31.41
C GLU B 495 -8.16 -11.14 30.27
N ALA B 496 -8.30 -10.16 29.37
CA ALA B 496 -7.39 -10.06 28.24
C ALA B 496 -5.97 -9.76 28.69
N VAL B 497 -5.81 -8.91 29.71
CA VAL B 497 -4.47 -8.61 30.19
C VAL B 497 -3.85 -9.84 30.84
N SER B 498 -4.61 -10.51 31.71
CA SER B 498 -4.08 -11.70 32.39
C SER B 498 -3.83 -12.85 31.44
N LYS B 499 -4.49 -12.87 30.28
CA LYS B 499 -4.31 -13.98 29.34
C LYS B 499 -3.31 -13.68 28.25
N ASP B 500 -3.07 -12.40 27.93
CA ASP B 500 -2.07 -12.03 26.94
C ASP B 500 -0.74 -11.66 27.60
N PHE B 501 -0.73 -10.69 28.51
CA PHE B 501 0.52 -10.24 29.08
C PHE B 501 1.07 -11.17 30.15
N ALA B 502 0.27 -12.11 30.64
CA ALA B 502 0.71 -13.03 31.68
C ALA B 502 0.42 -14.48 31.31
N GLY C 23 -38.32 -41.68 -4.99
CA GLY C 23 -39.16 -42.86 -4.98
C GLY C 23 -39.65 -43.27 -6.35
N GLU C 24 -40.64 -44.15 -6.39
CA GLU C 24 -41.19 -44.61 -7.66
C GLU C 24 -41.89 -43.49 -8.41
N PHE C 25 -42.79 -42.78 -7.72
CA PHE C 25 -43.55 -41.73 -8.38
C PHE C 25 -42.66 -40.56 -8.79
N GLN C 26 -41.71 -40.17 -7.93
CA GLN C 26 -40.82 -39.07 -8.27
C GLN C 26 -39.93 -39.42 -9.45
N ARG C 27 -39.40 -40.66 -9.47
CA ARG C 27 -38.59 -41.08 -10.61
C ARG C 27 -39.40 -41.12 -11.89
N LYS C 28 -40.63 -41.63 -11.82
CA LYS C 28 -41.49 -41.64 -13.00
C LYS C 28 -41.77 -40.23 -13.50
N LEU C 29 -42.06 -39.31 -12.58
CA LEU C 29 -42.31 -37.93 -12.98
C LEU C 29 -41.08 -37.29 -13.61
N TYR C 30 -39.91 -37.51 -13.03
CA TYR C 30 -38.69 -36.93 -13.58
C TYR C 30 -38.39 -37.50 -14.96
N LYS C 31 -38.61 -38.80 -15.15
CA LYS C 31 -38.38 -39.40 -16.46
C LYS C 31 -39.41 -38.92 -17.48
N GLU C 32 -40.64 -38.64 -17.03
CA GLU C 32 -41.67 -38.20 -17.96
C GLU C 32 -41.46 -36.75 -18.39
N LEU C 33 -41.08 -35.88 -17.46
CA LEU C 33 -40.94 -34.45 -17.78
C LEU C 33 -39.79 -34.20 -18.74
N VAL C 34 -38.66 -34.90 -18.55
CA VAL C 34 -37.49 -34.66 -19.39
C VAL C 34 -37.75 -35.10 -20.83
N LYS C 35 -38.52 -36.17 -21.02
CA LYS C 35 -38.76 -36.71 -22.35
C LYS C 35 -39.40 -35.67 -23.26
N ASN C 36 -38.83 -35.53 -24.47
CA ASN C 36 -39.31 -34.59 -25.48
C ASN C 36 -39.39 -33.17 -24.94
N TYR C 37 -38.33 -32.75 -24.25
CA TYR C 37 -38.22 -31.39 -23.73
C TYR C 37 -36.95 -30.74 -24.28
N ASN C 38 -37.10 -29.54 -24.84
CA ASN C 38 -35.98 -28.81 -25.40
C ASN C 38 -35.65 -27.63 -24.49
N PRO C 39 -34.45 -27.57 -23.90
CA PRO C 39 -34.13 -26.48 -22.97
C PRO C 39 -33.86 -25.16 -23.68
N LEU C 40 -34.09 -25.12 -24.99
CA LEU C 40 -33.86 -23.92 -25.78
C LEU C 40 -35.12 -23.17 -26.15
N GLU C 41 -36.27 -23.85 -26.20
CA GLU C 41 -37.50 -23.21 -26.62
C GLU C 41 -38.13 -22.43 -25.46
N ARG C 42 -38.82 -21.35 -25.81
CA ARG C 42 -39.56 -20.59 -24.82
C ARG C 42 -40.83 -21.35 -24.44
N PRO C 43 -41.08 -21.59 -23.16
CA PRO C 43 -42.21 -22.44 -22.73
C PRO C 43 -43.55 -21.72 -22.80
N VAL C 44 -43.93 -21.30 -24.00
CA VAL C 44 -45.23 -20.68 -24.25
C VAL C 44 -46.08 -21.65 -25.04
N ALA C 45 -47.39 -21.56 -24.86
CA ALA C 45 -48.34 -22.48 -25.49
C ALA C 45 -48.76 -22.05 -26.89
N ASN C 46 -48.42 -20.83 -27.31
CA ASN C 46 -48.84 -20.34 -28.62
C ASN C 46 -47.71 -19.80 -29.48
N ASP C 47 -46.51 -19.60 -28.93
CA ASP C 47 -45.31 -19.12 -29.62
C ASP C 47 -45.43 -17.67 -30.06
N SER C 48 -46.56 -17.01 -29.82
CA SER C 48 -46.73 -15.60 -30.14
C SER C 48 -47.09 -14.75 -28.92
N GLN C 49 -47.86 -15.29 -27.98
CA GLN C 49 -48.16 -14.55 -26.76
C GLN C 49 -46.89 -14.40 -25.92
N PRO C 50 -46.63 -13.22 -25.39
CA PRO C 50 -45.41 -13.02 -24.59
C PRO C 50 -45.45 -13.82 -23.30
N LEU C 51 -44.27 -14.20 -22.82
CA LEU C 51 -44.12 -14.92 -21.57
C LEU C 51 -43.86 -13.94 -20.45
N THR C 52 -44.76 -13.90 -19.47
CA THR C 52 -44.64 -12.96 -18.36
C THR C 52 -43.63 -13.48 -17.35
N VAL C 53 -42.60 -12.70 -17.07
CA VAL C 53 -41.57 -13.05 -16.10
C VAL C 53 -41.55 -11.96 -15.03
N TYR C 54 -41.79 -12.35 -13.79
CA TYR C 54 -41.79 -11.43 -12.66
C TYR C 54 -40.39 -11.38 -12.06
N PHE C 55 -39.72 -10.24 -12.23
CA PHE C 55 -38.35 -10.06 -11.78
C PHE C 55 -38.31 -9.18 -10.54
N SER C 56 -37.54 -9.58 -9.54
CA SER C 56 -37.32 -8.80 -8.33
C SER C 56 -36.01 -9.26 -7.71
N LEU C 57 -35.50 -8.45 -6.79
CA LEU C 57 -34.27 -8.78 -6.08
C LEU C 57 -34.49 -8.61 -4.59
N SER C 58 -33.51 -9.08 -3.82
CA SER C 58 -33.53 -8.99 -2.36
C SER C 58 -32.15 -8.53 -1.92
N LEU C 59 -32.02 -7.25 -1.62
CA LEU C 59 -30.73 -6.70 -1.20
C LEU C 59 -30.37 -7.21 0.18
N LEU C 60 -29.15 -7.70 0.32
CA LEU C 60 -28.64 -8.24 1.58
C LEU C 60 -27.66 -7.30 2.27
N GLN C 61 -26.65 -6.82 1.55
CA GLN C 61 -25.70 -5.88 2.11
C GLN C 61 -24.95 -5.20 0.96
N ILE C 62 -24.34 -4.07 1.28
CA ILE C 62 -23.49 -3.33 0.36
C ILE C 62 -22.05 -3.65 0.74
N MET C 63 -21.33 -4.33 -0.15
CA MET C 63 -19.98 -4.80 0.17
C MET C 63 -19.01 -3.63 0.29
N ASP C 64 -18.83 -2.88 -0.80
CA ASP C 64 -17.90 -1.76 -0.80
C ASP C 64 -18.24 -0.84 -1.96
N VAL C 65 -18.39 0.45 -1.68
CA VAL C 65 -18.66 1.45 -2.71
C VAL C 65 -17.30 2.01 -3.11
N ASP C 66 -16.75 1.48 -4.20
CA ASP C 66 -15.42 1.88 -4.67
C ASP C 66 -15.60 3.09 -5.58
N GLU C 67 -15.45 4.29 -5.01
CA GLU C 67 -15.58 5.51 -5.79
C GLU C 67 -14.39 5.73 -6.72
N LYS C 68 -13.28 5.04 -6.49
CA LYS C 68 -12.11 5.18 -7.34
C LYS C 68 -12.41 4.73 -8.77
N ASN C 69 -12.98 3.54 -8.91
CA ASN C 69 -13.34 2.99 -10.21
C ASN C 69 -14.82 3.15 -10.54
N GLN C 70 -15.59 3.84 -9.67
CA GLN C 70 -17.02 4.05 -9.87
C GLN C 70 -17.76 2.72 -10.03
N VAL C 71 -17.46 1.77 -9.15
CA VAL C 71 -18.06 0.44 -9.16
C VAL C 71 -18.68 0.18 -7.80
N LEU C 72 -19.92 -0.31 -7.80
CA LEU C 72 -20.64 -0.65 -6.58
C LEU C 72 -20.71 -2.17 -6.44
N THR C 73 -20.29 -2.68 -5.29
CA THR C 73 -20.30 -4.11 -5.00
C THR C 73 -21.37 -4.40 -3.96
N THR C 74 -22.33 -5.26 -4.32
CA THR C 74 -23.45 -5.57 -3.46
C THR C 74 -23.72 -7.07 -3.47
N ASN C 75 -24.30 -7.57 -2.39
CA ASN C 75 -24.73 -8.96 -2.28
C ASN C 75 -26.24 -9.00 -2.48
N ILE C 76 -26.68 -9.53 -3.62
CA ILE C 76 -28.07 -9.45 -4.04
C ILE C 76 -28.56 -10.84 -4.39
N TRP C 77 -29.76 -11.19 -3.90
CA TRP C 77 -30.44 -12.42 -4.29
C TRP C 77 -31.54 -12.07 -5.29
N LEU C 78 -31.33 -12.45 -6.55
CA LEU C 78 -32.34 -12.21 -7.56
C LEU C 78 -33.53 -13.14 -7.36
N GLN C 79 -34.68 -12.72 -7.88
CA GLN C 79 -35.91 -13.50 -7.79
C GLN C 79 -36.61 -13.44 -9.14
N MET C 80 -36.70 -14.58 -9.82
CA MET C 80 -37.39 -14.70 -11.10
C MET C 80 -38.47 -15.75 -10.99
N SER C 81 -39.65 -15.45 -11.55
CA SER C 81 -40.77 -16.38 -11.53
C SER C 81 -41.48 -16.32 -12.87
N TRP C 82 -41.60 -17.46 -13.53
CA TRP C 82 -42.32 -17.58 -14.78
C TRP C 82 -43.13 -18.87 -14.77
N THR C 83 -43.96 -19.04 -15.78
CA THR C 83 -44.82 -20.21 -15.89
C THR C 83 -44.35 -21.07 -17.05
N ASP C 84 -44.15 -22.36 -16.78
CA ASP C 84 -43.71 -23.31 -17.79
C ASP C 84 -44.89 -24.20 -18.19
N HIS C 85 -45.11 -24.32 -19.50
CA HIS C 85 -46.25 -25.09 -19.98
C HIS C 85 -45.97 -26.58 -20.04
N TYR C 86 -44.71 -26.97 -20.19
CA TYR C 86 -44.34 -28.38 -20.35
C TYR C 86 -43.91 -29.04 -19.05
N LEU C 87 -44.01 -28.35 -17.92
CA LEU C 87 -43.63 -28.89 -16.62
C LEU C 87 -44.83 -28.98 -15.68
N GLN C 88 -45.97 -29.43 -16.21
CA GLN C 88 -47.20 -29.58 -15.45
C GLN C 88 -47.56 -31.05 -15.34
N TRP C 89 -47.93 -31.48 -14.13
CA TRP C 89 -48.31 -32.85 -13.88
C TRP C 89 -49.49 -32.88 -12.92
N ASN C 90 -50.02 -34.08 -12.70
CA ASN C 90 -51.18 -34.29 -11.84
C ASN C 90 -50.71 -34.78 -10.47
N VAL C 91 -51.16 -34.09 -9.42
CA VAL C 91 -50.75 -34.47 -8.07
C VAL C 91 -51.32 -35.84 -7.70
N SER C 92 -52.58 -36.09 -8.06
CA SER C 92 -53.20 -37.38 -7.73
C SER C 92 -52.48 -38.53 -8.42
N GLU C 93 -52.10 -38.34 -9.68
CA GLU C 93 -51.40 -39.40 -10.41
C GLU C 93 -49.99 -39.64 -9.88
N TYR C 94 -49.39 -38.64 -9.23
CA TYR C 94 -48.05 -38.75 -8.66
C TYR C 94 -48.13 -38.34 -7.19
N PRO C 95 -48.65 -39.21 -6.33
CA PRO C 95 -48.81 -38.86 -4.92
C PRO C 95 -47.48 -38.58 -4.25
N GLY C 96 -47.49 -37.63 -3.32
CA GLY C 96 -46.31 -37.29 -2.54
C GLY C 96 -45.43 -36.19 -3.10
N VAL C 97 -45.11 -36.27 -4.39
CA VAL C 97 -44.23 -35.29 -5.01
C VAL C 97 -45.04 -34.09 -5.44
N LYS C 98 -44.61 -32.90 -5.00
CA LYS C 98 -45.27 -31.65 -5.35
C LYS C 98 -44.34 -30.63 -5.98
N THR C 99 -43.03 -30.84 -5.94
CA THR C 99 -42.06 -29.91 -6.49
C THR C 99 -40.90 -30.67 -7.09
N VAL C 100 -40.42 -30.20 -8.24
CA VAL C 100 -39.28 -30.79 -8.92
C VAL C 100 -38.27 -29.68 -9.21
N ARG C 101 -36.98 -30.01 -9.10
CA ARG C 101 -35.91 -29.03 -9.28
C ARG C 101 -34.98 -29.52 -10.38
N PHE C 102 -34.66 -28.62 -11.31
CA PHE C 102 -33.80 -28.93 -12.43
C PHE C 102 -32.57 -28.02 -12.41
N PRO C 103 -31.36 -28.55 -12.60
CA PRO C 103 -30.17 -27.69 -12.62
C PRO C 103 -30.04 -26.93 -13.94
N ASP C 104 -28.93 -26.22 -14.09
CA ASP C 104 -28.70 -25.46 -15.31
C ASP C 104 -28.54 -26.39 -16.51
N GLY C 105 -29.05 -25.95 -17.65
CA GLY C 105 -28.94 -26.70 -18.88
C GLY C 105 -29.99 -27.78 -19.09
N GLN C 106 -30.90 -27.96 -18.14
CA GLN C 106 -31.95 -28.97 -18.26
C GLN C 106 -33.32 -28.40 -18.56
N ILE C 107 -33.61 -27.17 -18.12
CA ILE C 107 -34.86 -26.51 -18.44
C ILE C 107 -34.55 -25.08 -18.89
N TRP C 108 -35.49 -24.51 -19.62
CA TRP C 108 -35.34 -23.15 -20.11
C TRP C 108 -35.39 -22.15 -18.95
N LYS C 109 -34.49 -21.17 -19.00
CA LYS C 109 -34.47 -20.08 -18.03
C LYS C 109 -34.33 -18.76 -18.76
N PRO C 110 -34.89 -17.68 -18.20
CA PRO C 110 -34.68 -16.36 -18.78
C PRO C 110 -33.21 -15.95 -18.69
N ASP C 111 -32.78 -15.15 -19.66
CA ASP C 111 -31.40 -14.69 -19.75
C ASP C 111 -31.21 -13.31 -19.12
N ILE C 112 -31.96 -13.01 -18.06
CA ILE C 112 -31.86 -11.71 -17.41
C ILE C 112 -30.50 -11.59 -16.73
N LEU C 113 -29.81 -10.49 -17.00
CA LEU C 113 -28.52 -10.22 -16.36
C LEU C 113 -28.32 -8.72 -16.29
N LEU C 114 -27.39 -8.32 -15.41
CA LEU C 114 -27.13 -6.90 -15.19
C LEU C 114 -26.49 -6.28 -16.42
N TYR C 115 -27.13 -5.25 -16.98
CA TYR C 115 -26.60 -4.60 -18.17
C TYR C 115 -25.28 -3.88 -17.87
N ASN C 116 -25.22 -3.15 -16.77
CA ASN C 116 -24.05 -2.34 -16.42
C ASN C 116 -23.12 -3.07 -15.46
N SER C 117 -23.05 -4.38 -15.54
CA SER C 117 -22.16 -5.14 -14.67
C SER C 117 -20.71 -4.88 -15.03
N ALA C 118 -19.92 -4.49 -14.03
CA ALA C 118 -18.49 -4.23 -14.22
C ALA C 118 -17.63 -5.42 -13.85
N ASP C 119 -18.23 -6.54 -13.46
CA ASP C 119 -17.46 -7.73 -13.11
C ASP C 119 -16.83 -8.33 -14.37
N GLU C 120 -15.69 -8.98 -14.18
CA GLU C 120 -14.98 -9.59 -15.29
C GLU C 120 -15.81 -10.69 -15.95
N ARG C 121 -16.47 -11.51 -15.14
CA ARG C 121 -17.34 -12.55 -15.67
C ARG C 121 -18.62 -11.98 -16.26
N PHE C 122 -19.03 -10.79 -15.82
CA PHE C 122 -20.19 -10.06 -16.33
C PHE C 122 -21.50 -10.71 -15.91
N ASP C 123 -21.43 -11.89 -15.28
CA ASP C 123 -22.62 -12.58 -14.81
C ASP C 123 -22.75 -12.49 -13.30
N ALA C 124 -21.74 -12.93 -12.56
CA ALA C 124 -21.70 -12.82 -11.10
C ALA C 124 -22.95 -13.40 -10.44
N THR C 125 -23.41 -14.53 -10.96
CA THR C 125 -24.58 -15.22 -10.42
C THR C 125 -24.25 -16.69 -10.23
N PHE C 126 -24.58 -17.22 -9.06
CA PHE C 126 -24.43 -18.64 -8.78
C PHE C 126 -25.70 -19.35 -9.23
N HIS C 127 -25.58 -20.18 -10.27
CA HIS C 127 -26.73 -20.83 -10.87
C HIS C 127 -27.21 -21.95 -9.97
N THR C 128 -28.41 -21.81 -9.42
CA THR C 128 -29.01 -22.80 -8.55
C THR C 128 -30.13 -23.55 -9.30
N ASN C 129 -30.79 -24.45 -8.59
CA ASN C 129 -31.90 -25.18 -9.16
C ASN C 129 -33.13 -24.29 -9.28
N VAL C 130 -34.09 -24.74 -10.09
CA VAL C 130 -35.32 -24.01 -10.34
C VAL C 130 -36.48 -24.86 -9.85
N LEU C 131 -37.15 -24.39 -8.80
CA LEU C 131 -38.32 -25.10 -8.28
C LEU C 131 -39.49 -24.98 -9.25
N VAL C 132 -40.20 -26.09 -9.44
CA VAL C 132 -41.36 -26.13 -10.32
C VAL C 132 -42.54 -26.69 -9.54
N ASN C 133 -43.65 -25.96 -9.53
CA ASN C 133 -44.85 -26.41 -8.86
C ASN C 133 -45.63 -27.37 -9.77
N SER C 134 -46.76 -27.87 -9.25
CA SER C 134 -47.59 -28.78 -10.04
C SER C 134 -48.18 -28.09 -11.26
N SER C 135 -48.37 -26.78 -11.19
CA SER C 135 -48.91 -26.02 -12.31
C SER C 135 -47.83 -25.50 -13.26
N GLY C 136 -46.57 -25.85 -13.01
CA GLY C 136 -45.48 -25.41 -13.87
C GLY C 136 -44.91 -24.05 -13.55
N HIS C 137 -45.34 -23.43 -12.46
CA HIS C 137 -44.84 -22.11 -12.08
CA HIS C 137 -44.84 -22.10 -12.07
C HIS C 137 -43.41 -22.24 -11.56
N CYS C 138 -42.44 -21.92 -12.41
CA CYS C 138 -41.05 -22.02 -12.01
C CYS C 138 -40.67 -20.89 -11.06
N GLN C 139 -39.56 -21.08 -10.37
CA GLN C 139 -39.07 -20.08 -9.41
C GLN C 139 -37.56 -20.16 -9.37
N TYR C 140 -36.89 -19.04 -9.60
CA TYR C 140 -35.44 -18.97 -9.68
C TYR C 140 -34.93 -17.91 -8.72
N LEU C 141 -33.99 -18.30 -7.86
CA LEU C 141 -33.36 -17.37 -6.90
C LEU C 141 -31.86 -17.50 -6.98
N PRO C 142 -31.23 -16.92 -8.00
CA PRO C 142 -29.77 -16.99 -8.11
C PRO C 142 -29.12 -15.90 -7.29
N PRO C 143 -28.21 -16.26 -6.39
CA PRO C 143 -27.47 -15.26 -5.62
C PRO C 143 -26.27 -14.77 -6.41
N GLY C 144 -25.47 -13.91 -5.78
CA GLY C 144 -24.28 -13.41 -6.42
C GLY C 144 -23.79 -12.07 -5.88
N ILE C 145 -22.48 -11.85 -5.97
CA ILE C 145 -21.87 -10.59 -5.53
C ILE C 145 -21.74 -9.72 -6.78
N PHE C 146 -22.77 -8.93 -7.05
CA PHE C 146 -22.79 -8.10 -8.25
C PHE C 146 -21.84 -6.92 -8.11
N LYS C 147 -21.28 -6.49 -9.25
CA LYS C 147 -20.41 -5.33 -9.33
C LYS C 147 -20.97 -4.39 -10.39
N SER C 148 -21.87 -3.50 -9.99
CA SER C 148 -22.46 -2.54 -10.90
C SER C 148 -21.51 -1.36 -11.11
N SER C 149 -21.75 -0.64 -12.20
CA SER C 149 -20.96 0.55 -12.56
C SER C 149 -21.90 1.76 -12.55
N CYS C 150 -21.78 2.59 -11.51
CA CYS C 150 -22.59 3.78 -11.36
C CYS C 150 -21.71 5.00 -11.19
N TYR C 151 -22.19 6.13 -11.71
CA TYR C 151 -21.47 7.39 -11.56
C TYR C 151 -21.52 7.83 -10.09
N ILE C 152 -20.36 8.17 -9.55
CA ILE C 152 -20.22 8.56 -8.15
C ILE C 152 -19.62 9.95 -8.10
N ASP C 153 -20.41 10.93 -7.69
CA ASP C 153 -19.93 12.29 -7.53
C ASP C 153 -19.47 12.52 -6.10
N VAL C 154 -18.38 13.28 -5.95
CA VAL C 154 -17.80 13.54 -4.64
C VAL C 154 -17.80 15.04 -4.40
N ARG C 155 -18.79 15.74 -4.95
CA ARG C 155 -18.87 17.20 -4.79
C ARG C 155 -19.06 17.58 -3.32
N TRP C 156 -19.92 16.86 -2.61
CA TRP C 156 -20.27 17.20 -1.23
C TRP C 156 -19.68 16.20 -0.23
N PHE C 157 -18.52 15.64 -0.55
CA PHE C 157 -17.87 14.71 0.36
C PHE C 157 -17.49 15.42 1.65
N PRO C 158 -17.69 14.79 2.82
CA PRO C 158 -18.27 13.45 3.05
C PRO C 158 -19.78 13.46 3.24
N PHE C 159 -20.44 14.62 3.18
CA PHE C 159 -21.89 14.69 3.31
C PHE C 159 -22.51 14.37 1.95
N ASP C 160 -22.39 13.10 1.56
CA ASP C 160 -22.65 12.66 0.20
C ASP C 160 -23.83 11.70 0.16
N VAL C 161 -24.70 11.90 -0.83
CA VAL C 161 -25.81 11.00 -1.10
C VAL C 161 -25.64 10.48 -2.52
N GLN C 162 -25.64 9.16 -2.68
CA GLN C 162 -25.37 8.52 -3.96
C GLN C 162 -26.62 7.80 -4.46
N HIS C 163 -26.81 7.84 -5.77
CA HIS C 163 -27.92 7.14 -6.43
C HIS C 163 -27.31 6.19 -7.46
N CYS C 164 -26.97 4.98 -6.99
CA CYS C 164 -26.42 3.96 -7.88
C CYS C 164 -27.55 3.12 -8.48
N LYS C 165 -27.41 2.79 -9.75
CA LYS C 165 -28.48 2.19 -10.54
C LYS C 165 -28.09 0.77 -10.95
N LEU C 166 -29.02 -0.16 -10.76
CA LEU C 166 -28.87 -1.55 -11.18
C LEU C 166 -29.88 -1.81 -12.29
N LYS C 167 -29.38 -2.00 -13.51
CA LYS C 167 -30.23 -2.15 -14.69
C LYS C 167 -30.26 -3.61 -15.10
N PHE C 168 -31.41 -4.26 -14.92
CA PHE C 168 -31.60 -5.65 -15.27
C PHE C 168 -32.57 -5.76 -16.43
N GLY C 169 -32.30 -6.70 -17.33
CA GLY C 169 -33.17 -6.92 -18.46
C GLY C 169 -32.72 -8.12 -19.27
N SER C 170 -33.66 -8.66 -20.04
CA SER C 170 -33.34 -9.81 -20.88
C SER C 170 -32.40 -9.41 -22.00
N TRP C 171 -31.40 -10.26 -22.24
CA TRP C 171 -30.35 -9.91 -23.20
C TRP C 171 -30.84 -10.03 -24.65
N SER C 172 -31.61 -11.07 -24.96
CA SER C 172 -31.99 -11.34 -26.35
C SER C 172 -33.46 -11.69 -26.47
N TYR C 173 -34.31 -11.01 -25.70
CA TYR C 173 -35.75 -11.19 -25.79
C TYR C 173 -36.44 -9.84 -25.82
N GLY C 174 -37.42 -9.71 -26.71
CA GLY C 174 -38.20 -8.50 -26.83
C GLY C 174 -39.43 -8.50 -25.92
N GLY C 175 -40.24 -7.46 -26.07
CA GLY C 175 -41.43 -7.33 -25.25
C GLY C 175 -42.59 -8.20 -25.70
N TRP C 176 -42.56 -8.69 -26.93
CA TRP C 176 -43.61 -9.56 -27.44
C TRP C 176 -43.30 -11.04 -27.25
N SER C 177 -42.14 -11.37 -26.70
CA SER C 177 -41.77 -12.74 -26.38
C SER C 177 -41.53 -12.95 -24.90
N LEU C 178 -40.85 -12.02 -24.23
CA LEU C 178 -40.57 -12.11 -22.80
C LEU C 178 -40.67 -10.70 -22.23
N ASP C 179 -41.82 -10.35 -21.66
CA ASP C 179 -42.01 -9.05 -21.05
C ASP C 179 -41.71 -9.13 -19.56
N LEU C 180 -40.93 -8.17 -19.06
CA LEU C 180 -40.57 -8.14 -17.66
C LEU C 180 -41.65 -7.46 -16.84
N GLN C 181 -42.04 -8.09 -15.74
CA GLN C 181 -42.92 -7.49 -14.75
C GLN C 181 -42.14 -7.29 -13.46
N MET C 182 -42.34 -6.15 -12.81
CA MET C 182 -41.53 -5.75 -11.68
C MET C 182 -42.26 -6.01 -10.37
N GLN C 183 -41.52 -6.55 -9.40
CA GLN C 183 -41.97 -6.66 -8.03
C GLN C 183 -41.00 -5.91 -7.13
N GLU C 184 -41.53 -5.30 -6.08
CA GLU C 184 -40.73 -4.43 -5.23
C GLU C 184 -39.60 -5.20 -4.56
N ALA C 185 -38.46 -4.53 -4.39
CA ALA C 185 -37.29 -5.15 -3.79
C ALA C 185 -37.55 -5.50 -2.34
N ASP C 186 -36.87 -6.54 -1.87
CA ASP C 186 -37.06 -7.06 -0.52
C ASP C 186 -36.00 -6.45 0.39
N ILE C 187 -36.43 -5.56 1.29
CA ILE C 187 -35.51 -4.94 2.22
C ILE C 187 -35.27 -5.82 3.43
N SER C 188 -36.25 -6.65 3.80
CA SER C 188 -36.09 -7.54 4.95
C SER C 188 -34.88 -8.43 4.80
N GLY C 189 -34.09 -8.53 5.86
CA GLY C 189 -32.84 -9.28 5.82
C GLY C 189 -31.64 -8.50 5.36
N TYR C 190 -31.74 -7.18 5.24
CA TYR C 190 -30.61 -6.35 4.83
C TYR C 190 -29.71 -6.07 6.02
N ILE C 191 -28.43 -6.44 5.90
CA ILE C 191 -27.44 -6.18 6.93
C ILE C 191 -27.01 -4.73 6.82
N PRO C 192 -27.15 -3.93 7.89
CA PRO C 192 -26.77 -2.51 7.81
C PRO C 192 -25.28 -2.30 7.63
N ASN C 193 -24.88 -1.75 6.49
CA ASN C 193 -23.47 -1.44 6.25
C ASN C 193 -23.04 -0.30 7.17
N GLY C 194 -21.84 -0.43 7.73
CA GLY C 194 -21.37 0.57 8.67
C GLY C 194 -21.10 1.92 8.02
N GLU C 195 -20.45 1.92 6.85
CA GLU C 195 -20.06 3.18 6.22
C GLU C 195 -21.25 3.89 5.59
N TRP C 196 -22.14 3.16 4.94
CA TRP C 196 -23.22 3.75 4.16
C TRP C 196 -24.57 3.43 4.79
N ASP C 197 -25.48 4.40 4.73
CA ASP C 197 -26.85 4.23 5.20
C ASP C 197 -27.78 4.13 4.01
N LEU C 198 -28.60 3.09 3.98
CA LEU C 198 -29.48 2.83 2.83
C LEU C 198 -30.78 3.59 3.01
N VAL C 199 -30.97 4.67 2.25
CA VAL C 199 -32.23 5.39 2.27
C VAL C 199 -33.35 4.53 1.70
N GLY C 200 -33.09 3.87 0.59
CA GLY C 200 -34.09 3.01 -0.03
C GLY C 200 -33.62 2.57 -1.41
N ILE C 201 -34.38 1.66 -1.98
CA ILE C 201 -34.07 1.15 -3.32
C ILE C 201 -35.33 1.19 -4.18
N PRO C 202 -35.77 2.37 -4.60
CA PRO C 202 -36.90 2.43 -5.53
C PRO C 202 -36.52 1.89 -6.90
N GLY C 203 -37.52 1.35 -7.60
CA GLY C 203 -37.30 0.79 -8.91
C GLY C 203 -38.37 1.25 -9.89
N LYS C 204 -38.07 1.04 -11.17
CA LYS C 204 -38.97 1.47 -12.24
C LYS C 204 -38.80 0.53 -13.42
N ARG C 205 -39.91 0.26 -14.11
CA ARG C 205 -39.90 -0.54 -15.33
C ARG C 205 -40.05 0.40 -16.53
N SER C 206 -39.11 0.31 -17.46
CA SER C 206 -39.10 1.18 -18.63
C SER C 206 -39.02 0.33 -19.90
N GLU C 207 -39.54 0.88 -20.99
CA GLU C 207 -39.54 0.23 -22.29
C GLU C 207 -38.71 1.05 -23.26
N ARG C 208 -37.75 0.40 -23.91
CA ARG C 208 -36.91 1.03 -24.92
C ARG C 208 -37.33 0.55 -26.30
N PHE C 209 -37.52 1.49 -27.21
CA PHE C 209 -37.96 1.19 -28.57
C PHE C 209 -36.82 1.40 -29.55
N TYR C 210 -36.80 0.58 -30.59
CA TYR C 210 -35.86 0.69 -31.69
C TYR C 210 -36.60 1.07 -32.96
N GLU C 211 -35.86 1.65 -33.91
CA GLU C 211 -36.44 2.01 -35.21
C GLU C 211 -36.33 0.85 -36.19
N CYS C 212 -36.74 -0.34 -35.73
CA CYS C 212 -36.80 -1.54 -36.56
C CYS C 212 -38.18 -2.14 -36.61
N CYS C 213 -38.80 -2.33 -35.45
CA CYS C 213 -39.87 -3.31 -35.31
C CYS C 213 -41.07 -2.81 -34.52
N LYS C 214 -41.00 -1.64 -33.90
CA LYS C 214 -42.12 -1.06 -33.13
C LYS C 214 -42.59 -2.00 -32.03
N GLU C 215 -41.63 -2.66 -31.36
CA GLU C 215 -41.95 -3.50 -30.22
C GLU C 215 -41.13 -3.07 -29.02
N PRO C 216 -41.70 -3.16 -27.82
CA PRO C 216 -40.96 -2.73 -26.63
C PRO C 216 -39.84 -3.70 -26.27
N TYR C 217 -38.86 -3.17 -25.53
CA TYR C 217 -37.77 -3.97 -24.96
C TYR C 217 -37.71 -3.63 -23.48
N PRO C 218 -38.62 -4.17 -22.68
CA PRO C 218 -38.71 -3.76 -21.28
C PRO C 218 -37.52 -4.20 -20.46
N ASP C 219 -37.26 -3.44 -19.39
CA ASP C 219 -36.22 -3.78 -18.43
C ASP C 219 -36.63 -3.25 -17.07
N VAL C 220 -36.09 -3.85 -16.02
CA VAL C 220 -36.38 -3.47 -14.65
C VAL C 220 -35.09 -2.94 -14.03
N THR C 221 -35.11 -1.67 -13.60
CA THR C 221 -33.95 -1.03 -13.03
C THR C 221 -34.25 -0.58 -11.60
N PHE C 222 -33.34 -0.87 -10.69
CA PHE C 222 -33.47 -0.49 -9.30
C PHE C 222 -32.41 0.54 -8.96
N THR C 223 -32.85 1.68 -8.42
CA THR C 223 -31.96 2.78 -8.06
C THR C 223 -31.66 2.70 -6.57
N VAL C 224 -30.43 2.30 -6.22
CA VAL C 224 -30.01 2.21 -4.84
C VAL C 224 -29.64 3.60 -4.35
N THR C 225 -30.43 4.14 -3.42
CA THR C 225 -30.19 5.46 -2.86
C THR C 225 -29.57 5.30 -1.48
N MET C 226 -28.32 5.73 -1.34
CA MET C 226 -27.57 5.58 -0.10
C MET C 226 -26.84 6.87 0.21
N ARG C 227 -26.66 7.13 1.50
CA ARG C 227 -25.92 8.30 1.98
C ARG C 227 -24.77 7.84 2.87
N ARG C 228 -23.67 8.59 2.83
CA ARG C 228 -22.49 8.25 3.61
C ARG C 228 -22.62 8.79 5.04
N ARG C 229 -22.24 7.95 5.99
CA ARG C 229 -22.19 8.37 7.39
C ARG C 229 -20.91 9.15 7.66
N THR C 230 -21.01 10.20 8.46
CA THR C 230 -19.92 11.14 8.65
C THR C 230 -19.26 11.07 10.01
N LEU C 231 -19.61 10.10 10.85
CA LEU C 231 -18.98 10.01 12.17
C LEU C 231 -17.49 9.65 12.04
N TYR C 232 -17.19 8.60 11.30
CA TYR C 232 -15.79 8.20 11.12
C TYR C 232 -15.01 9.25 10.33
N TYR C 233 -15.56 9.66 9.19
CA TYR C 233 -14.90 10.68 8.38
C TYR C 233 -14.78 11.99 9.14
N GLY C 234 -15.82 12.35 9.89
CA GLY C 234 -15.76 13.52 10.74
C GLY C 234 -14.60 13.45 11.73
N LEU C 235 -14.63 12.45 12.61
CA LEU C 235 -13.62 12.34 13.65
C LEU C 235 -12.22 12.14 13.10
N ASN C 236 -12.08 11.70 11.85
CA ASN C 236 -10.75 11.48 11.31
C ASN C 236 -10.23 12.61 10.43
N LEU C 237 -11.11 13.46 9.90
CA LEU C 237 -10.67 14.49 8.96
C LEU C 237 -11.06 15.90 9.37
N LEU C 238 -12.26 16.10 9.93
CA LEU C 238 -12.75 17.45 10.19
C LEU C 238 -12.26 17.99 11.52
N ILE C 239 -12.53 17.27 12.61
CA ILE C 239 -12.08 17.72 13.93
C ILE C 239 -10.56 17.85 14.01
N PRO C 240 -9.76 16.87 13.55
CA PRO C 240 -8.31 17.09 13.55
C PRO C 240 -7.88 18.30 12.75
N CYS C 241 -8.53 18.58 11.62
CA CYS C 241 -8.17 19.76 10.85
C CYS C 241 -8.49 21.04 11.61
N VAL C 242 -9.65 21.08 12.27
CA VAL C 242 -10.03 22.26 13.05
C VAL C 242 -9.03 22.49 14.17
N LEU C 243 -8.67 21.43 14.89
CA LEU C 243 -7.72 21.56 16.00
C LEU C 243 -6.34 21.97 15.48
N ILE C 244 -5.93 21.45 14.33
CA ILE C 244 -4.63 21.80 13.77
C ILE C 244 -4.62 23.27 13.35
N SER C 245 -5.70 23.76 12.76
CA SER C 245 -5.77 25.18 12.40
C SER C 245 -5.76 26.06 13.65
N ALA C 246 -6.49 25.66 14.69
CA ALA C 246 -6.48 26.44 15.93
C ALA C 246 -5.11 26.44 16.58
N LEU C 247 -4.35 25.35 16.43
CA LEU C 247 -2.99 25.31 16.95
C LEU C 247 -2.06 26.18 16.11
N ALA C 248 -2.28 26.21 14.79
CA ALA C 248 -1.51 27.10 13.94
C ALA C 248 -1.77 28.57 14.27
N LEU C 249 -2.95 28.86 14.80
CA LEU C 249 -3.24 30.22 15.24
C LEU C 249 -2.42 30.65 16.46
N LEU C 250 -1.73 29.72 17.13
CA LEU C 250 -0.99 30.04 18.34
C LEU C 250 0.31 30.78 18.08
N VAL C 251 0.76 30.87 16.83
CA VAL C 251 2.03 31.53 16.53
C VAL C 251 1.98 32.99 16.96
N PHE C 252 0.83 33.64 16.79
CA PHE C 252 0.68 35.05 17.10
C PHE C 252 0.71 35.33 18.61
N LEU C 253 0.61 34.29 19.45
CA LEU C 253 0.68 34.48 20.89
C LEU C 253 2.08 34.30 21.46
N LEU C 254 2.95 33.57 20.77
CA LEU C 254 4.32 33.41 21.23
C LEU C 254 5.06 34.73 21.18
N PRO C 255 5.87 35.03 22.20
CA PRO C 255 6.73 36.22 22.12
C PRO C 255 7.76 36.09 21.02
N ALA C 256 8.12 37.23 20.42
CA ALA C 256 9.13 37.24 19.37
C ALA C 256 10.54 37.04 19.92
N ASP C 257 10.74 37.18 21.23
CA ASP C 257 12.06 36.96 21.81
C ASP C 257 12.53 35.53 21.60
N SER C 258 11.63 34.56 21.80
CA SER C 258 11.95 33.17 21.54
C SER C 258 11.85 32.90 20.06
N GLY C 259 12.93 32.39 19.47
CA GLY C 259 12.97 32.13 18.04
C GLY C 259 12.38 30.79 17.67
N GLU C 260 11.08 30.62 17.88
CA GLU C 260 10.41 29.38 17.53
C GLU C 260 9.02 29.61 16.94
N LYS C 261 8.80 30.79 16.35
CA LYS C 261 7.51 31.07 15.73
C LYS C 261 7.35 30.32 14.42
N ILE C 262 8.23 30.61 13.45
CA ILE C 262 8.14 29.95 12.16
C ILE C 262 8.37 28.46 12.28
N SER C 263 9.08 28.02 13.32
CA SER C 263 9.21 26.59 13.57
C SER C 263 7.83 25.97 13.79
N LEU C 264 7.03 26.56 14.68
CA LEU C 264 5.68 26.06 14.92
C LEU C 264 4.83 26.16 13.66
N GLY C 265 4.92 27.28 12.95
CA GLY C 265 4.10 27.44 11.76
C GLY C 265 4.43 26.42 10.68
N ILE C 266 5.72 26.22 10.40
CA ILE C 266 6.11 25.29 9.35
C ILE C 266 5.84 23.85 9.79
N THR C 267 5.94 23.56 11.10
CA THR C 267 5.65 22.21 11.56
C THR C 267 4.16 21.90 11.45
N VAL C 268 3.30 22.86 11.79
CA VAL C 268 1.87 22.61 11.66
C VAL C 268 1.47 22.51 10.19
N LEU C 269 2.12 23.28 9.31
CA LEU C 269 1.86 23.12 7.87
C LEU C 269 2.32 21.74 7.39
N LEU C 270 3.48 21.28 7.86
CA LEU C 270 3.95 19.95 7.52
C LEU C 270 2.98 18.88 8.00
N SER C 271 2.38 19.10 9.18
CA SER C 271 1.35 18.19 9.67
C SER C 271 0.13 18.19 8.76
N LEU C 272 -0.29 19.37 8.30
CA LEU C 272 -1.40 19.44 7.35
C LEU C 272 -1.08 18.78 6.01
N THR C 273 0.20 18.69 5.67
CA THR C 273 0.58 18.07 4.39
C THR C 273 0.13 16.61 4.34
N VAL C 274 0.32 15.86 5.44
CA VAL C 274 -0.07 14.46 5.43
C VAL C 274 -1.59 14.32 5.40
N PHE C 275 -2.32 15.26 6.00
CA PHE C 275 -3.77 15.24 5.88
C PHE C 275 -4.20 15.47 4.42
N MET C 276 -3.52 16.39 3.73
CA MET C 276 -3.79 16.58 2.31
C MET C 276 -3.52 15.30 1.53
N LEU C 277 -2.41 14.62 1.85
CA LEU C 277 -2.10 13.36 1.19
C LEU C 277 -3.19 12.32 1.43
N LEU C 278 -3.69 12.23 2.67
CA LEU C 278 -4.74 11.27 2.97
C LEU C 278 -6.03 11.60 2.21
N VAL C 279 -6.39 12.86 2.15
CA VAL C 279 -7.60 13.26 1.42
C VAL C 279 -7.44 12.94 -0.06
N ALA C 280 -6.23 13.13 -0.60
CA ALA C 280 -5.99 12.76 -1.99
C ALA C 280 -6.06 11.25 -2.19
N GLU C 281 -5.61 10.47 -1.22
CA GLU C 281 -5.62 9.02 -1.37
C GLU C 281 -7.01 8.43 -1.24
N ILE C 282 -7.90 9.07 -0.47
CA ILE C 282 -9.25 8.54 -0.31
C ILE C 282 -10.23 9.09 -1.34
N MET C 283 -9.88 10.17 -2.04
CA MET C 283 -10.73 10.79 -3.05
C MET C 283 -10.48 10.17 -4.42
N PRO C 284 -11.50 10.06 -5.26
CA PRO C 284 -11.29 9.59 -6.63
C PRO C 284 -10.56 10.64 -7.46
N ALA C 285 -10.20 10.25 -8.68
CA ALA C 285 -9.53 11.12 -9.62
C ALA C 285 -10.52 11.92 -10.48
N THR C 286 -11.77 12.02 -10.04
CA THR C 286 -12.77 12.78 -10.80
C THR C 286 -12.38 14.24 -10.88
N SER C 287 -12.50 14.82 -12.07
CA SER C 287 -12.12 16.21 -12.32
C SER C 287 -13.30 17.02 -12.84
N ASP C 288 -14.52 16.65 -12.46
CA ASP C 288 -15.70 17.39 -12.87
C ASP C 288 -16.17 18.40 -11.83
N SER C 289 -15.73 18.28 -10.59
CA SER C 289 -16.11 19.22 -9.55
C SER C 289 -15.07 19.18 -8.44
N VAL C 290 -15.05 20.24 -7.63
CA VAL C 290 -14.12 20.35 -6.52
C VAL C 290 -14.81 19.81 -5.26
N PRO C 291 -14.26 18.78 -4.62
CA PRO C 291 -14.89 18.25 -3.41
C PRO C 291 -14.94 19.31 -2.31
N LEU C 292 -15.98 19.23 -1.48
CA LEU C 292 -16.15 20.20 -0.39
C LEU C 292 -15.01 20.09 0.62
N ILE C 293 -14.65 18.87 1.00
CA ILE C 293 -13.57 18.71 1.97
C ILE C 293 -12.24 19.10 1.32
N ALA C 294 -12.12 18.95 0.00
CA ALA C 294 -10.89 19.36 -0.67
C ALA C 294 -10.67 20.86 -0.55
N GLN C 295 -11.69 21.65 -0.87
CA GLN C 295 -11.57 23.09 -0.73
C GLN C 295 -11.48 23.52 0.73
N TYR C 296 -12.10 22.75 1.64
CA TYR C 296 -11.95 23.04 3.06
C TYR C 296 -10.50 22.89 3.51
N PHE C 297 -9.86 21.78 3.14
CA PHE C 297 -8.45 21.57 3.47
C PHE C 297 -7.56 22.61 2.78
N ALA C 298 -7.90 22.96 1.53
CA ALA C 298 -7.15 23.99 0.83
C ALA C 298 -7.23 25.32 1.55
N SER C 299 -8.42 25.70 2.01
CA SER C 299 -8.57 26.94 2.76
C SER C 299 -7.80 26.90 4.06
N THR C 300 -7.84 25.77 4.77
CA THR C 300 -7.09 25.66 6.03
C THR C 300 -5.59 25.82 5.79
N MET C 301 -5.06 25.13 4.78
CA MET C 301 -3.63 25.22 4.52
C MET C 301 -3.23 26.60 3.99
N ILE C 302 -4.11 27.25 3.22
CA ILE C 302 -3.84 28.62 2.78
C ILE C 302 -3.81 29.56 3.98
N ILE C 303 -4.71 29.37 4.94
CA ILE C 303 -4.69 30.19 6.16
C ILE C 303 -3.40 29.97 6.93
N VAL C 304 -2.94 28.71 7.01
CA VAL C 304 -1.69 28.43 7.70
C VAL C 304 -0.51 29.10 6.99
N GLY C 305 -0.49 29.03 5.66
CA GLY C 305 0.58 29.68 4.91
C GLY C 305 0.58 31.20 5.08
N LEU C 306 -0.62 31.80 5.06
CA LEU C 306 -0.71 33.23 5.31
C LEU C 306 -0.29 33.59 6.72
N SER C 307 -0.56 32.71 7.69
CA SER C 307 -0.06 32.93 9.05
C SER C 307 1.46 32.88 9.08
N VAL C 308 2.07 31.99 8.30
CA VAL C 308 3.52 31.93 8.21
C VAL C 308 4.07 33.22 7.62
N VAL C 309 3.43 33.72 6.56
CA VAL C 309 3.87 34.98 5.94
C VAL C 309 3.74 36.14 6.94
N VAL C 310 2.62 36.16 7.67
CA VAL C 310 2.42 37.20 8.68
C VAL C 310 3.48 37.11 9.77
N THR C 311 3.84 35.88 10.16
CA THR C 311 4.89 35.70 11.15
C THR C 311 6.22 36.22 10.64
N VAL C 312 6.51 35.99 9.36
CA VAL C 312 7.73 36.54 8.76
C VAL C 312 7.72 38.06 8.83
N ILE C 313 6.58 38.67 8.51
CA ILE C 313 6.47 40.14 8.56
C ILE C 313 6.66 40.63 10.00
N VAL C 314 6.04 39.94 10.96
CA VAL C 314 6.15 40.34 12.36
C VAL C 314 7.58 40.25 12.84
N LEU C 315 8.29 39.18 12.48
CA LEU C 315 9.69 39.05 12.88
C LEU C 315 10.56 40.10 12.18
N GLN C 316 10.22 40.47 10.95
CA GLN C 316 10.93 41.54 10.27
C GLN C 316 10.75 42.87 11.02
N TYR C 317 9.54 43.12 11.50
CA TYR C 317 9.30 44.32 12.31
C TYR C 317 10.05 44.25 13.64
N HIS C 318 10.05 43.08 14.28
CA HIS C 318 10.64 42.95 15.61
C HIS C 318 12.15 43.10 15.55
N HIS C 319 12.81 42.44 14.60
CA HIS C 319 14.27 42.49 14.47
C HIS C 319 14.64 43.62 13.50
N HIS C 320 14.37 44.84 13.93
CA HIS C 320 14.69 46.03 13.15
C HIS C 320 15.96 46.67 13.72
N ASP C 321 16.89 47.01 12.84
CA ASP C 321 18.17 47.54 13.28
C ASP C 321 17.98 48.91 13.95
N PRO C 322 18.74 49.20 15.01
CA PRO C 322 18.64 50.52 15.65
C PRO C 322 19.13 51.61 14.71
N ASP C 323 18.25 52.58 14.45
CA ASP C 323 18.54 53.70 13.54
C ASP C 323 18.88 53.24 12.13
N GLY C 324 18.45 52.04 11.76
CA GLY C 324 18.60 51.56 10.40
C GLY C 324 17.54 52.03 9.44
N GLY C 325 16.59 52.81 9.94
CA GLY C 325 15.52 53.34 9.11
C GLY C 325 14.64 54.24 9.95
N LYS C 326 13.69 54.88 9.28
CA LYS C 326 12.75 55.79 9.94
C LYS C 326 11.34 55.21 9.83
N MET C 327 10.66 55.17 10.96
CA MET C 327 9.30 54.65 10.99
C MET C 327 8.36 55.64 10.28
N PRO C 328 7.61 55.22 9.27
CA PRO C 328 6.74 56.16 8.55
C PRO C 328 5.67 56.73 9.46
N LYS C 329 5.26 57.97 9.16
CA LYS C 329 4.26 58.64 9.97
C LYS C 329 2.93 57.88 9.95
N TRP C 330 2.54 57.39 8.77
CA TRP C 330 1.32 56.59 8.69
C TRP C 330 1.45 55.32 9.52
N THR C 331 2.62 54.67 9.48
CA THR C 331 2.84 53.47 10.28
C THR C 331 2.66 53.78 11.76
N ARG C 332 3.23 54.89 12.23
CA ARG C 332 3.08 55.26 13.63
C ARG C 332 1.62 55.52 13.97
N VAL C 333 0.97 56.44 13.23
CA VAL C 333 -0.38 56.84 13.57
C VAL C 333 -1.37 55.69 13.46
N ILE C 334 -1.06 54.66 12.68
CA ILE C 334 -1.94 53.50 12.66
C ILE C 334 -1.59 52.58 13.82
N LEU C 335 -0.38 52.00 13.78
CA LEU C 335 -0.07 50.90 14.70
C LEU C 335 0.01 51.37 16.14
N LEU C 336 0.76 52.43 16.42
CA LEU C 336 1.03 52.81 17.79
C LEU C 336 -0.12 53.57 18.44
N ASN C 337 -1.08 54.08 17.65
CA ASN C 337 -2.20 54.82 18.22
C ASN C 337 -3.55 54.14 17.97
N TRP C 338 -3.95 53.95 16.71
CA TRP C 338 -5.31 53.51 16.44
C TRP C 338 -5.49 52.04 16.82
N CYS C 339 -4.55 51.19 16.42
CA CYS C 339 -4.64 49.78 16.79
C CYS C 339 -4.29 49.56 18.25
N ALA C 340 -3.43 50.42 18.81
CA ALA C 340 -3.16 50.34 20.24
C ALA C 340 -4.40 50.63 21.07
N TRP C 341 -5.20 51.63 20.65
CA TRP C 341 -6.44 51.92 21.37
C TRP C 341 -7.52 50.88 21.07
N PHE C 342 -7.56 50.36 19.84
CA PHE C 342 -8.57 49.37 19.48
C PHE C 342 -8.42 48.09 20.31
N LEU C 343 -7.18 47.63 20.49
CA LEU C 343 -6.92 46.37 21.17
C LEU C 343 -6.37 46.56 22.58
N ARG C 344 -6.58 47.74 23.16
CA ARG C 344 -6.21 48.02 24.56
C ARG C 344 -4.72 47.82 24.81
N MET C 345 -3.92 48.64 24.15
CA MET C 345 -2.48 48.66 24.35
C MET C 345 -2.07 49.97 25.04
N LYS C 346 -1.15 49.87 25.98
CA LYS C 346 -0.74 51.02 26.78
C LYS C 346 0.66 51.53 26.45
N ARG C 347 1.66 50.66 26.42
CA ARG C 347 3.03 51.09 26.17
C ARG C 347 3.21 51.39 24.69
N PRO C 348 3.58 52.62 24.30
CA PRO C 348 3.83 52.96 22.89
C PRO C 348 5.15 52.38 22.37
N PRO C 431 45.06 71.17 36.38
CA PRO C 431 45.34 70.84 34.98
C PRO C 431 44.70 69.52 34.55
N ASP C 432 45.00 68.45 35.28
CA ASP C 432 44.46 67.14 34.95
C ASP C 432 42.99 67.00 35.30
N LEU C 433 42.40 67.96 36.02
CA LEU C 433 41.00 67.86 36.41
C LEU C 433 40.04 68.00 35.24
N ALA C 434 40.48 68.65 34.16
CA ALA C 434 39.63 68.76 32.97
C ALA C 434 39.65 67.48 32.14
N LYS C 435 40.82 66.83 32.08
CA LYS C 435 40.95 65.62 31.26
C LYS C 435 40.07 64.49 31.78
N ILE C 436 40.00 64.32 33.10
CA ILE C 436 39.18 63.26 33.67
C ILE C 436 37.70 63.49 33.34
N LEU C 437 37.25 64.74 33.45
CA LEU C 437 35.86 65.05 33.12
C LEU C 437 35.57 64.81 31.63
N GLU C 438 36.47 65.27 30.77
CA GLU C 438 36.29 65.06 29.33
C GLU C 438 36.31 63.59 28.97
N GLU C 439 37.08 62.79 29.72
CA GLU C 439 37.14 61.35 29.46
C GLU C 439 35.88 60.64 29.94
N VAL C 440 35.36 61.05 31.11
CA VAL C 440 34.17 60.40 31.66
C VAL C 440 32.89 60.84 30.94
N ARG C 441 32.93 61.97 30.23
CA ARG C 441 31.75 62.42 29.50
C ARG C 441 31.36 61.42 28.41
N TYR C 442 32.37 60.81 27.76
CA TYR C 442 32.11 59.93 26.62
C TYR C 442 31.33 58.69 27.04
N ILE C 443 31.62 58.14 28.21
CA ILE C 443 30.94 56.92 28.66
C ILE C 443 29.45 57.17 28.82
N ALA C 444 29.10 58.27 29.48
CA ALA C 444 27.69 58.59 29.66
C ALA C 444 27.02 58.98 28.35
N ASN C 445 27.73 59.65 27.46
CA ASN C 445 27.15 59.95 26.14
C ASN C 445 26.84 58.66 25.37
N ARG C 446 27.77 57.70 25.42
CA ARG C 446 27.54 56.42 24.75
C ARG C 446 26.36 55.68 25.39
N PHE C 447 26.26 55.73 26.72
CA PHE C 447 25.13 55.09 27.39
C PHE C 447 23.80 55.75 27.00
N ARG C 448 23.79 57.07 26.89
CA ARG C 448 22.57 57.76 26.46
C ARG C 448 22.19 57.38 25.04
N CYS C 449 23.18 57.27 24.15
CA CYS C 449 22.90 56.85 22.78
C CYS C 449 22.34 55.43 22.76
N GLN C 450 22.91 54.54 23.58
CA GLN C 450 22.40 53.18 23.66
C GLN C 450 20.96 53.16 24.19
N ASP C 451 20.66 54.02 25.17
CA ASP C 451 19.30 54.09 25.70
C ASP C 451 18.32 54.57 24.64
N GLU C 452 18.72 55.56 23.84
CA GLU C 452 17.85 56.03 22.75
C GLU C 452 17.62 54.92 21.73
N SER C 453 18.67 54.19 21.37
CA SER C 453 18.52 53.07 20.44
C SER C 453 17.61 52.00 21.01
N GLU C 454 17.73 51.74 22.32
CA GLU C 454 16.86 50.76 22.96
C GLU C 454 15.40 51.23 22.96
N ALA C 455 15.17 52.53 23.13
CA ALA C 455 13.82 53.06 23.05
C ALA C 455 13.23 52.86 21.66
N VAL C 456 14.04 53.13 20.61
CA VAL C 456 13.57 52.91 19.25
C VAL C 456 13.26 51.44 19.02
N CYS C 457 14.13 50.55 19.51
CA CYS C 457 13.89 49.11 19.37
C CYS C 457 12.62 48.69 20.11
N SER C 458 12.37 49.30 21.28
CA SER C 458 11.15 49.00 22.03
C SER C 458 9.91 49.44 21.26
N GLU C 459 9.98 50.60 20.60
CA GLU C 459 8.86 51.03 19.77
C GLU C 459 8.61 50.04 18.63
N TRP C 460 9.68 49.58 17.98
CA TRP C 460 9.53 48.61 16.90
C TRP C 460 8.93 47.30 17.43
N LYS C 461 9.39 46.85 18.60
CA LYS C 461 8.87 45.60 19.17
C LYS C 461 7.40 45.73 19.55
N PHE C 462 7.00 46.89 20.07
CA PHE C 462 5.58 47.09 20.37
C PHE C 462 4.75 47.12 19.10
N ALA C 463 5.27 47.71 18.02
CA ALA C 463 4.58 47.65 16.74
C ALA C 463 4.42 46.21 16.28
N ALA C 464 5.46 45.40 16.45
CA ALA C 464 5.39 43.99 16.08
C ALA C 464 4.33 43.26 16.91
N CYS C 465 4.25 43.55 18.21
CA CYS C 465 3.24 42.93 19.05
C CYS C 465 1.84 43.34 18.64
N VAL C 466 1.66 44.61 18.27
CA VAL C 466 0.35 45.08 17.80
C VAL C 466 -0.05 44.35 16.54
N VAL C 467 0.89 44.20 15.60
CA VAL C 467 0.62 43.45 14.38
C VAL C 467 0.28 42.00 14.72
N ASP C 468 0.98 41.42 15.70
CA ASP C 468 0.70 40.05 16.11
C ASP C 468 -0.73 39.90 16.59
N ARG C 469 -1.19 40.81 17.46
CA ARG C 469 -2.54 40.68 18.00
C ARG C 469 -3.60 40.95 16.93
N LEU C 470 -3.36 41.95 16.07
CA LEU C 470 -4.28 42.22 14.97
C LEU C 470 -4.43 41.00 14.07
N CYS C 471 -3.32 40.37 13.72
CA CYS C 471 -3.37 39.19 12.86
C CYS C 471 -3.98 38.01 13.59
N LEU C 472 -3.78 37.90 14.90
CA LEU C 472 -4.46 36.86 15.66
C LEU C 472 -5.97 36.98 15.54
N MET C 473 -6.49 38.19 15.76
CA MET C 473 -7.93 38.41 15.64
C MET C 473 -8.41 38.13 14.22
N ALA C 474 -7.69 38.67 13.23
CA ALA C 474 -8.12 38.52 11.83
C ALA C 474 -8.12 37.06 11.40
N PHE C 475 -7.07 36.31 11.77
CA PHE C 475 -6.98 34.91 11.37
C PHE C 475 -7.97 34.04 12.13
N SER C 476 -8.25 34.35 13.39
CA SER C 476 -9.31 33.63 14.09
C SER C 476 -10.65 33.83 13.40
N VAL C 477 -10.96 35.08 13.03
CA VAL C 477 -12.21 35.35 12.33
C VAL C 477 -12.24 34.62 11.00
N PHE C 478 -11.15 34.66 10.24
CA PHE C 478 -11.10 34.00 8.94
C PHE C 478 -11.28 32.49 9.08
N THR C 479 -10.61 31.87 10.04
CA THR C 479 -10.72 30.43 10.23
C THR C 479 -12.15 30.05 10.60
N ILE C 480 -12.75 30.78 11.54
CA ILE C 480 -14.11 30.46 11.96
C ILE C 480 -15.07 30.60 10.78
N ILE C 481 -14.96 31.71 10.04
CA ILE C 481 -15.88 31.95 8.92
C ILE C 481 -15.72 30.87 7.86
N CYS C 482 -14.48 30.57 7.48
CA CYS C 482 -14.25 29.57 6.44
C CYS C 482 -14.78 28.20 6.86
N THR C 483 -14.45 27.77 8.08
CA THR C 483 -14.90 26.45 8.53
C THR C 483 -16.42 26.37 8.57
N ILE C 484 -17.07 27.36 9.19
CA ILE C 484 -18.52 27.31 9.33
C ILE C 484 -19.19 27.36 7.96
N GLY C 485 -18.74 28.27 7.10
CA GLY C 485 -19.38 28.41 5.79
C GLY C 485 -19.22 27.17 4.93
N ILE C 486 -18.00 26.62 4.88
CA ILE C 486 -17.78 25.44 4.06
C ILE C 486 -18.55 24.24 4.60
N LEU C 487 -18.55 24.05 5.93
CA LEU C 487 -19.24 22.90 6.49
C LEU C 487 -20.75 23.00 6.32
N MET C 488 -21.32 24.19 6.52
CA MET C 488 -22.77 24.34 6.43
C MET C 488 -23.27 24.56 5.00
N SER C 489 -22.37 24.80 4.05
CA SER C 489 -22.82 24.96 2.66
C SER C 489 -23.31 23.65 2.06
N ALA C 490 -22.89 22.51 2.59
CA ALA C 490 -23.29 21.23 2.04
C ALA C 490 -24.76 20.97 2.36
N PRO C 491 -25.53 20.45 1.40
CA PRO C 491 -26.91 20.06 1.69
C PRO C 491 -26.97 18.91 2.67
N ASN C 492 -28.12 18.83 3.37
CA ASN C 492 -28.40 17.81 4.38
C ASN C 492 -27.25 17.64 5.39
N PHE C 493 -26.51 18.73 5.62
CA PHE C 493 -25.47 18.71 6.65
C PHE C 493 -26.08 18.55 8.04
N VAL C 494 -27.17 19.25 8.30
CA VAL C 494 -27.83 19.15 9.60
C VAL C 494 -28.38 17.74 9.83
N GLU C 495 -28.95 17.13 8.79
CA GLU C 495 -29.45 15.77 8.95
C GLU C 495 -28.32 14.80 9.28
N ALA C 496 -27.21 14.89 8.54
CA ALA C 496 -26.09 13.99 8.78
C ALA C 496 -25.48 14.18 10.16
N VAL C 497 -25.39 15.43 10.62
CA VAL C 497 -24.84 15.67 11.95
C VAL C 497 -25.79 15.12 13.02
N SER C 498 -27.09 15.41 12.91
CA SER C 498 -28.04 14.93 13.90
C SER C 498 -28.19 13.42 13.87
N LYS C 499 -27.88 12.76 12.76
CA LYS C 499 -28.04 11.32 12.67
C LYS C 499 -26.76 10.55 12.96
N ASP C 500 -25.59 11.17 12.80
CA ASP C 500 -24.33 10.53 13.11
C ASP C 500 -23.82 10.92 14.51
N PHE C 501 -23.66 12.22 14.76
CA PHE C 501 -23.09 12.64 16.04
C PHE C 501 -24.10 12.60 17.19
N ALA C 502 -25.39 12.46 16.89
CA ALA C 502 -26.41 12.44 17.93
C ALA C 502 -27.33 11.24 17.78
N GLY D 23 -43.57 -23.67 -27.80
CA GLY D 23 -44.79 -24.29 -28.30
C GLY D 23 -44.51 -25.41 -29.29
N GLU D 24 -45.57 -25.81 -30.01
CA GLU D 24 -45.43 -26.88 -30.99
C GLU D 24 -44.54 -26.44 -32.15
N PHE D 25 -44.84 -25.27 -32.74
CA PHE D 25 -44.08 -24.82 -33.89
C PHE D 25 -42.63 -24.50 -33.53
N GLN D 26 -42.42 -23.85 -32.39
CA GLN D 26 -41.06 -23.52 -31.97
C GLN D 26 -40.25 -24.78 -31.69
N ARG D 27 -40.85 -25.77 -31.03
CA ARG D 27 -40.15 -27.03 -30.78
C ARG D 27 -39.82 -27.74 -32.08
N LYS D 28 -40.78 -27.77 -33.02
CA LYS D 28 -40.52 -28.40 -34.31
C LYS D 28 -39.39 -27.69 -35.05
N LEU D 29 -39.38 -26.36 -35.03
CA LEU D 29 -38.32 -25.60 -35.69
C LEU D 29 -36.96 -25.88 -35.05
N TYR D 30 -36.91 -25.90 -33.71
CA TYR D 30 -35.65 -26.15 -33.04
C TYR D 30 -35.13 -27.56 -33.32
N LYS D 31 -36.03 -28.54 -33.36
CA LYS D 31 -35.62 -29.90 -33.67
C LYS D 31 -35.18 -30.03 -35.14
N GLU D 32 -35.79 -29.26 -36.03
CA GLU D 32 -35.43 -29.35 -37.45
C GLU D 32 -34.09 -28.69 -37.72
N LEU D 33 -33.83 -27.52 -37.12
CA LEU D 33 -32.59 -26.79 -37.40
C LEU D 33 -31.37 -27.55 -36.91
N VAL D 34 -31.45 -28.14 -35.72
CA VAL D 34 -30.28 -28.82 -35.15
C VAL D 34 -29.91 -30.05 -35.97
N LYS D 35 -30.90 -30.74 -36.54
CA LYS D 35 -30.64 -31.97 -37.27
C LYS D 35 -29.69 -31.73 -38.44
N ASN D 36 -28.67 -32.59 -38.53
CA ASN D 36 -27.67 -32.51 -39.61
C ASN D 36 -27.01 -31.14 -39.68
N TYR D 37 -26.63 -30.61 -38.52
CA TYR D 37 -25.92 -29.34 -38.43
C TYR D 37 -24.59 -29.57 -37.71
N ASN D 38 -23.51 -29.07 -38.31
CA ASN D 38 -22.17 -29.19 -37.75
C ASN D 38 -21.72 -27.84 -37.25
N PRO D 39 -21.46 -27.67 -35.95
CA PRO D 39 -21.07 -26.34 -35.44
C PRO D 39 -19.64 -25.98 -35.78
N LEU D 40 -18.98 -26.79 -36.60
CA LEU D 40 -17.60 -26.54 -36.99
C LEU D 40 -17.45 -25.99 -38.40
N GLU D 41 -18.40 -26.24 -39.28
CA GLU D 41 -18.29 -25.80 -40.66
C GLU D 41 -18.67 -24.33 -40.80
N ARG D 42 -18.04 -23.66 -41.75
CA ARG D 42 -18.40 -22.29 -42.07
C ARG D 42 -19.71 -22.27 -42.84
N PRO D 43 -20.71 -21.49 -42.41
CA PRO D 43 -22.05 -21.55 -43.02
C PRO D 43 -22.12 -20.79 -44.34
N VAL D 44 -21.33 -21.23 -45.31
CA VAL D 44 -21.35 -20.67 -46.66
C VAL D 44 -21.96 -21.70 -47.60
N ALA D 45 -22.59 -21.20 -48.67
CA ALA D 45 -23.30 -22.06 -49.61
C ALA D 45 -22.42 -22.62 -50.71
N ASN D 46 -21.18 -22.15 -50.84
CA ASN D 46 -20.30 -22.59 -51.91
C ASN D 46 -18.94 -23.08 -51.43
N ASP D 47 -18.56 -22.83 -50.18
CA ASP D 47 -17.30 -23.23 -49.56
C ASP D 47 -16.10 -22.50 -50.13
N SER D 48 -16.29 -21.63 -51.12
CA SER D 48 -15.20 -20.82 -51.68
C SER D 48 -15.45 -19.33 -51.56
N GLN D 49 -16.70 -18.88 -51.68
CA GLN D 49 -17.00 -17.47 -51.50
C GLN D 49 -16.80 -17.08 -50.04
N PRO D 50 -16.14 -15.95 -49.77
CA PRO D 50 -15.90 -15.55 -48.38
C PRO D 50 -17.20 -15.21 -47.67
N LEU D 51 -17.19 -15.42 -46.36
CA LEU D 51 -18.33 -15.10 -45.50
C LEU D 51 -18.14 -13.71 -44.92
N THR D 52 -19.07 -12.81 -45.25
CA THR D 52 -18.98 -11.42 -44.78
C THR D 52 -19.45 -11.33 -43.34
N VAL D 53 -18.60 -10.83 -42.47
CA VAL D 53 -18.91 -10.64 -41.05
C VAL D 53 -18.74 -9.16 -40.74
N TYR D 54 -19.82 -8.53 -40.28
CA TYR D 54 -19.81 -7.11 -39.92
C TYR D 54 -19.47 -6.99 -38.44
N PHE D 55 -18.29 -6.46 -38.15
CA PHE D 55 -17.80 -6.34 -36.78
C PHE D 55 -17.84 -4.89 -36.34
N SER D 56 -18.34 -4.67 -35.12
CA SER D 56 -18.37 -3.35 -34.50
C SER D 56 -18.44 -3.53 -33.00
N LEU D 57 -18.16 -2.47 -32.27
CA LEU D 57 -18.23 -2.48 -30.82
C LEU D 57 -19.04 -1.30 -30.33
N SER D 58 -19.35 -1.33 -29.03
CA SER D 58 -20.12 -0.26 -28.39
C SER D 58 -19.42 0.04 -27.06
N LEU D 59 -18.63 1.11 -27.05
CA LEU D 59 -17.89 1.49 -25.85
C LEU D 59 -18.86 1.99 -24.78
N LEU D 60 -18.73 1.46 -23.56
CA LEU D 60 -19.57 1.84 -22.44
C LEU D 60 -18.86 2.74 -21.44
N GLN D 61 -17.67 2.35 -20.99
CA GLN D 61 -16.90 3.18 -20.08
C GLN D 61 -15.45 2.70 -20.11
N ILE D 62 -14.57 3.57 -19.64
CA ILE D 62 -13.15 3.24 -19.46
C ILE D 62 -12.93 2.96 -17.99
N MET D 63 -12.59 1.71 -17.66
CA MET D 63 -12.48 1.31 -16.27
C MET D 63 -11.29 1.98 -15.59
N ASP D 64 -10.08 1.71 -16.07
CA ASP D 64 -8.88 2.28 -15.49
C ASP D 64 -7.75 2.19 -16.49
N VAL D 65 -7.08 3.33 -16.73
CA VAL D 65 -5.93 3.38 -17.61
C VAL D 65 -4.69 3.18 -16.75
N ASP D 66 -4.21 1.95 -16.68
CA ASP D 66 -3.07 1.59 -15.84
C ASP D 66 -1.80 1.85 -16.63
N GLU D 67 -1.22 3.03 -16.46
CA GLU D 67 0.01 3.38 -17.16
C GLU D 67 1.22 2.63 -16.62
N LYS D 68 1.10 2.06 -15.41
CA LYS D 68 2.22 1.32 -14.84
C LYS D 68 2.56 0.09 -15.69
N ASN D 69 1.55 -0.70 -16.03
CA ASN D 69 1.72 -1.89 -16.85
C ASN D 69 1.35 -1.66 -18.31
N GLN D 70 1.01 -0.42 -18.69
CA GLN D 70 0.62 -0.09 -20.06
C GLN D 70 -0.56 -0.95 -20.53
N VAL D 71 -1.56 -1.08 -19.68
CA VAL D 71 -2.76 -1.87 -19.96
C VAL D 71 -3.98 -0.98 -19.81
N LEU D 72 -4.88 -1.04 -20.79
CA LEU D 72 -6.14 -0.29 -20.77
C LEU D 72 -7.29 -1.23 -20.49
N THR D 73 -8.10 -0.89 -19.49
CA THR D 73 -9.26 -1.68 -19.10
C THR D 73 -10.52 -0.93 -19.48
N THR D 74 -11.36 -1.54 -20.32
CA THR D 74 -12.57 -0.92 -20.82
C THR D 74 -13.72 -1.92 -20.79
N ASN D 75 -14.94 -1.39 -20.69
CA ASN D 75 -16.16 -2.18 -20.76
C ASN D 75 -16.75 -1.99 -22.16
N ILE D 76 -16.69 -3.04 -22.97
CA ILE D 76 -17.03 -2.97 -24.38
C ILE D 76 -18.03 -4.06 -24.72
N TRP D 77 -19.07 -3.70 -25.46
CA TRP D 77 -20.04 -4.66 -26.00
C TRP D 77 -19.73 -4.85 -27.48
N LEU D 78 -19.20 -6.02 -27.83
CA LEU D 78 -18.91 -6.32 -29.22
C LEU D 78 -20.22 -6.55 -29.99
N GLN D 79 -20.15 -6.36 -31.30
CA GLN D 79 -21.30 -6.56 -32.17
C GLN D 79 -20.84 -7.28 -33.43
N MET D 80 -21.29 -8.51 -33.62
CA MET D 80 -20.96 -9.31 -34.79
C MET D 80 -22.24 -9.73 -35.49
N SER D 81 -22.25 -9.64 -36.81
CA SER D 81 -23.42 -10.01 -37.60
C SER D 81 -22.95 -10.71 -38.87
N TRP D 82 -23.43 -11.94 -39.06
CA TRP D 82 -23.14 -12.72 -40.26
C TRP D 82 -24.41 -13.42 -40.71
N THR D 83 -24.36 -14.03 -41.88
CA THR D 83 -25.49 -14.73 -42.47
C THR D 83 -25.23 -16.23 -42.45
N ASP D 84 -26.18 -16.99 -41.91
CA ASP D 84 -26.09 -18.43 -41.84
C ASP D 84 -27.01 -19.05 -42.88
N HIS D 85 -26.47 -19.98 -43.67
CA HIS D 85 -27.26 -20.59 -44.74
C HIS D 85 -28.14 -21.73 -44.24
N TYR D 86 -27.75 -22.39 -43.15
CA TYR D 86 -28.47 -23.56 -42.66
C TYR D 86 -29.47 -23.23 -41.55
N LEU D 87 -29.66 -21.94 -41.24
CA LEU D 87 -30.59 -21.52 -40.19
C LEU D 87 -31.72 -20.67 -40.77
N GLN D 88 -32.25 -21.09 -41.92
CA GLN D 88 -33.33 -20.40 -42.59
C GLN D 88 -34.59 -21.26 -42.57
N TRP D 89 -35.72 -20.65 -42.25
CA TRP D 89 -36.99 -21.34 -42.21
C TRP D 89 -38.08 -20.43 -42.78
N ASN D 90 -39.28 -21.00 -42.91
CA ASN D 90 -40.43 -20.30 -43.46
C ASN D 90 -41.31 -19.81 -42.33
N VAL D 91 -41.63 -18.51 -42.34
CA VAL D 91 -42.46 -17.94 -41.29
C VAL D 91 -43.88 -18.51 -41.35
N SER D 92 -44.42 -18.65 -42.56
CA SER D 92 -45.78 -19.17 -42.70
C SER D 92 -45.88 -20.61 -42.20
N GLU D 93 -44.87 -21.43 -42.50
CA GLU D 93 -44.88 -22.81 -42.05
C GLU D 93 -44.71 -22.93 -40.54
N TYR D 94 -44.11 -21.93 -39.90
CA TYR D 94 -43.89 -21.92 -38.45
C TYR D 94 -44.45 -20.63 -37.90
N PRO D 95 -45.78 -20.52 -37.78
CA PRO D 95 -46.39 -19.27 -37.32
C PRO D 95 -45.96 -18.93 -35.90
N GLY D 96 -45.83 -17.63 -35.65
CA GLY D 96 -45.49 -17.13 -34.33
C GLY D 96 -44.02 -16.96 -34.04
N VAL D 97 -43.22 -17.96 -34.35
CA VAL D 97 -41.79 -17.91 -34.07
C VAL D 97 -41.08 -17.18 -35.19
N LYS D 98 -40.30 -16.15 -34.82
CA LYS D 98 -39.53 -15.37 -35.79
C LYS D 98 -38.05 -15.30 -35.47
N THR D 99 -37.63 -15.72 -34.28
CA THR D 99 -36.23 -15.66 -33.88
C THR D 99 -35.91 -16.87 -33.01
N VAL D 100 -34.73 -17.44 -33.23
CA VAL D 100 -34.23 -18.57 -32.45
C VAL D 100 -32.85 -18.23 -31.93
N ARG D 101 -32.55 -18.68 -30.71
CA ARG D 101 -31.29 -18.37 -30.05
C ARG D 101 -30.58 -19.66 -29.67
N PHE D 102 -29.30 -19.74 -30.00
CA PHE D 102 -28.50 -20.92 -29.73
C PHE D 102 -27.32 -20.55 -28.83
N PRO D 103 -27.05 -21.33 -27.78
CA PRO D 103 -25.90 -21.02 -26.91
C PRO D 103 -24.58 -21.43 -27.56
N ASP D 104 -23.48 -21.27 -26.82
CA ASP D 104 -22.17 -21.64 -27.32
C ASP D 104 -22.08 -23.14 -27.58
N GLY D 105 -21.37 -23.50 -28.65
CA GLY D 105 -21.16 -24.89 -28.99
C GLY D 105 -22.27 -25.53 -29.79
N GLN D 106 -23.34 -24.81 -30.10
CA GLN D 106 -24.46 -25.35 -30.87
C GLN D 106 -24.50 -24.85 -32.30
N ILE D 107 -24.03 -23.63 -32.57
CA ILE D 107 -23.95 -23.10 -33.92
C ILE D 107 -22.57 -22.49 -34.13
N TRP D 108 -22.19 -22.37 -35.39
CA TRP D 108 -20.89 -21.81 -35.73
C TRP D 108 -20.87 -20.32 -35.41
N LYS D 109 -19.75 -19.86 -34.84
CA LYS D 109 -19.53 -18.45 -34.56
C LYS D 109 -18.14 -18.05 -35.03
N PRO D 110 -17.95 -16.81 -35.44
CA PRO D 110 -16.61 -16.34 -35.78
C PRO D 110 -15.72 -16.31 -34.54
N ASP D 111 -14.43 -16.52 -34.77
CA ASP D 111 -13.43 -16.58 -33.71
C ASP D 111 -12.73 -15.24 -33.50
N ILE D 112 -13.45 -14.13 -33.71
CA ILE D 112 -12.86 -12.81 -33.55
C ILE D 112 -12.55 -12.56 -32.08
N LEU D 113 -11.31 -12.14 -31.80
CA LEU D 113 -10.90 -11.82 -30.44
C LEU D 113 -9.80 -10.77 -30.51
N LEU D 114 -9.60 -10.10 -29.37
CA LEU D 114 -8.62 -9.03 -29.29
C LEU D 114 -7.21 -9.59 -29.44
N TYR D 115 -6.46 -9.10 -30.44
CA TYR D 115 -5.11 -9.58 -30.66
C TYR D 115 -4.18 -9.19 -29.52
N ASN D 116 -4.26 -7.93 -29.07
CA ASN D 116 -3.35 -7.41 -28.05
C ASN D 116 -3.98 -7.46 -26.66
N SER D 117 -4.82 -8.46 -26.39
CA SER D 117 -5.43 -8.58 -25.09
C SER D 117 -4.39 -8.97 -24.05
N ALA D 118 -4.32 -8.20 -22.97
CA ALA D 118 -3.40 -8.47 -21.88
C ALA D 118 -4.04 -9.24 -20.73
N ASP D 119 -5.31 -9.62 -20.87
CA ASP D 119 -5.98 -10.38 -19.83
C ASP D 119 -5.42 -11.80 -19.76
N GLU D 120 -5.46 -12.37 -18.56
CA GLU D 120 -4.93 -13.72 -18.37
C GLU D 120 -5.70 -14.75 -19.19
N ARG D 121 -7.04 -14.61 -19.24
CA ARG D 121 -7.85 -15.50 -20.05
C ARG D 121 -7.70 -15.22 -21.54
N PHE D 122 -7.31 -13.99 -21.89
CA PHE D 122 -7.03 -13.57 -23.27
C PHE D 122 -8.32 -13.45 -24.09
N ASP D 123 -9.45 -13.85 -23.52
CA ASP D 123 -10.73 -13.73 -24.19
C ASP D 123 -11.57 -12.61 -23.61
N ALA D 124 -11.85 -12.65 -22.30
CA ALA D 124 -12.56 -11.57 -21.59
C ALA D 124 -13.89 -11.25 -22.27
N THR D 125 -14.60 -12.29 -22.71
CA THR D 125 -15.90 -12.13 -23.33
C THR D 125 -16.89 -13.09 -22.68
N PHE D 126 -18.06 -12.58 -22.33
CA PHE D 126 -19.14 -13.42 -21.80
C PHE D 126 -19.96 -13.93 -22.98
N HIS D 127 -19.90 -15.24 -23.21
CA HIS D 127 -20.54 -15.84 -24.38
C HIS D 127 -22.05 -15.89 -24.16
N THR D 128 -22.78 -15.14 -24.96
CA THR D 128 -24.24 -15.10 -24.89
C THR D 128 -24.84 -15.88 -26.05
N ASN D 129 -26.17 -15.86 -26.14
CA ASN D 129 -26.86 -16.52 -27.23
C ASN D 129 -26.73 -15.71 -28.51
N VAL D 130 -27.03 -16.35 -29.63
CA VAL D 130 -26.92 -15.74 -30.96
C VAL D 130 -28.32 -15.72 -31.57
N LEU D 131 -28.89 -14.53 -31.73
CA LEU D 131 -30.20 -14.41 -32.36
C LEU D 131 -30.10 -14.72 -33.85
N VAL D 132 -31.09 -15.45 -34.35
CA VAL D 132 -31.15 -15.82 -35.77
C VAL D 132 -32.52 -15.41 -36.31
N ASN D 133 -32.51 -14.65 -37.39
CA ASN D 133 -33.74 -14.23 -38.04
C ASN D 133 -34.25 -15.33 -38.97
N SER D 134 -35.39 -15.08 -39.60
CA SER D 134 -35.96 -16.05 -40.52
C SER D 134 -35.08 -16.28 -41.73
N SER D 135 -34.28 -15.28 -42.11
CA SER D 135 -33.37 -15.39 -43.24
C SER D 135 -32.01 -15.92 -42.84
N GLY D 136 -31.81 -16.29 -41.58
CA GLY D 136 -30.54 -16.81 -41.12
C GLY D 136 -29.51 -15.78 -40.73
N HIS D 137 -29.87 -14.50 -40.71
CA HIS D 137 -28.94 -13.44 -40.33
CA HIS D 137 -28.94 -13.44 -40.33
C HIS D 137 -28.69 -13.51 -38.83
N CYS D 138 -27.54 -14.08 -38.45
CA CYS D 138 -27.20 -14.20 -37.04
C CYS D 138 -26.78 -12.84 -36.48
N GLN D 139 -26.79 -12.75 -35.16
CA GLN D 139 -26.42 -11.52 -34.46
C GLN D 139 -25.81 -11.89 -33.12
N TYR D 140 -24.59 -11.41 -32.87
CA TYR D 140 -23.84 -11.76 -31.67
C TYR D 140 -23.41 -10.48 -30.97
N LEU D 141 -23.73 -10.37 -29.67
CA LEU D 141 -23.35 -9.22 -28.85
C LEU D 141 -22.70 -9.71 -27.56
N PRO D 142 -21.46 -10.15 -27.62
CA PRO D 142 -20.77 -10.60 -26.40
C PRO D 142 -20.18 -9.43 -25.64
N PRO D 143 -20.52 -9.27 -24.37
CA PRO D 143 -19.92 -8.21 -23.55
C PRO D 143 -18.59 -8.69 -22.97
N GLY D 144 -17.99 -7.84 -22.15
CA GLY D 144 -16.74 -8.20 -21.50
C GLY D 144 -15.89 -7.02 -21.08
N ILE D 145 -15.09 -7.21 -20.04
CA ILE D 145 -14.19 -6.19 -19.53
C ILE D 145 -12.83 -6.47 -20.16
N PHE D 146 -12.59 -5.86 -21.33
CA PHE D 146 -11.36 -6.10 -22.06
C PHE D 146 -10.18 -5.40 -21.39
N LYS D 147 -9.00 -6.01 -21.52
CA LYS D 147 -7.74 -5.46 -21.02
C LYS D 147 -6.76 -5.41 -22.18
N SER D 148 -6.77 -4.30 -22.92
CA SER D 148 -5.85 -4.13 -24.03
C SER D 148 -4.49 -3.67 -23.54
N SER D 149 -3.48 -3.86 -24.39
CA SER D 149 -2.11 -3.45 -24.09
C SER D 149 -1.70 -2.40 -25.10
N CYS D 150 -1.64 -1.14 -24.67
CA CYS D 150 -1.26 -0.02 -25.52
C CYS D 150 -0.11 0.73 -24.90
N TYR D 151 0.75 1.27 -25.76
CA TYR D 151 1.87 2.09 -25.31
C TYR D 151 1.35 3.40 -24.73
N ILE D 152 1.80 3.75 -23.54
CA ILE D 152 1.35 4.94 -22.83
C ILE D 152 2.56 5.81 -22.54
N ASP D 153 2.66 6.95 -23.21
CA ASP D 153 3.74 7.90 -22.97
C ASP D 153 3.31 8.93 -21.94
N VAL D 154 4.25 9.30 -21.07
CA VAL D 154 3.96 10.25 -20.00
C VAL D 154 4.87 11.46 -20.15
N ARG D 155 5.21 11.79 -21.40
CA ARG D 155 6.10 12.93 -21.65
C ARG D 155 5.46 14.24 -21.20
N TRP D 156 4.18 14.43 -21.48
CA TRP D 156 3.49 15.68 -21.19
C TRP D 156 2.50 15.54 -20.02
N PHE D 157 2.81 14.67 -19.07
CA PHE D 157 1.95 14.49 -17.91
C PHE D 157 1.89 15.78 -17.10
N PRO D 158 0.71 16.20 -16.61
CA PRO D 158 -0.60 15.55 -16.76
C PRO D 158 -1.38 16.03 -17.97
N PHE D 159 -0.84 16.95 -18.78
CA PHE D 159 -1.53 17.41 -19.99
C PHE D 159 -1.27 16.40 -21.10
N ASP D 160 -1.89 15.23 -20.95
CA ASP D 160 -1.55 14.05 -21.73
C ASP D 160 -2.72 13.62 -22.60
N VAL D 161 -2.43 13.27 -23.85
CA VAL D 161 -3.41 12.72 -24.77
C VAL D 161 -2.90 11.35 -25.21
N GLN D 162 -3.73 10.32 -25.03
CA GLN D 162 -3.35 8.95 -25.29
C GLN D 162 -4.13 8.39 -26.47
N HIS D 163 -3.46 7.57 -27.27
CA HIS D 163 -4.07 6.88 -28.40
C HIS D 163 -3.90 5.39 -28.18
N CYS D 164 -4.84 4.78 -27.46
CA CYS D 164 -4.81 3.34 -27.21
C CYS D 164 -5.57 2.61 -28.32
N LYS D 165 -5.02 1.48 -28.74
CA LYS D 165 -5.49 0.77 -29.93
C LYS D 165 -6.07 -0.59 -29.52
N LEU D 166 -7.25 -0.89 -30.08
CA LEU D 166 -7.91 -2.18 -29.88
C LEU D 166 -7.93 -2.89 -31.22
N LYS D 167 -7.15 -3.97 -31.34
CA LYS D 167 -6.98 -4.69 -32.61
C LYS D 167 -7.79 -5.97 -32.55
N PHE D 168 -8.86 -6.03 -33.33
CA PHE D 168 -9.72 -7.20 -33.41
C PHE D 168 -9.59 -7.85 -34.78
N GLY D 169 -9.61 -9.18 -34.81
CA GLY D 169 -9.53 -9.90 -36.05
C GLY D 169 -9.71 -11.39 -35.82
N SER D 170 -10.08 -12.08 -36.89
CA SER D 170 -10.28 -13.52 -36.81
C SER D 170 -8.94 -14.22 -36.59
N TRP D 171 -8.95 -15.21 -35.69
CA TRP D 171 -7.70 -15.86 -35.31
C TRP D 171 -7.20 -16.82 -36.38
N SER D 172 -8.09 -17.58 -37.01
CA SER D 172 -7.68 -18.64 -37.93
C SER D 172 -8.53 -18.62 -39.21
N TYR D 173 -8.86 -17.43 -39.69
CA TYR D 173 -9.59 -17.29 -40.95
C TYR D 173 -8.94 -16.22 -41.81
N GLY D 174 -8.80 -16.51 -43.10
CA GLY D 174 -8.24 -15.57 -44.05
C GLY D 174 -9.31 -14.69 -44.67
N GLY D 175 -8.86 -13.86 -45.63
CA GLY D 175 -9.77 -12.95 -46.30
C GLY D 175 -10.66 -13.60 -47.35
N TRP D 176 -10.29 -14.79 -47.82
CA TRP D 176 -11.08 -15.51 -48.81
C TRP D 176 -12.08 -16.46 -48.18
N SER D 177 -12.09 -16.59 -46.86
CA SER D 177 -13.07 -17.39 -46.15
C SER D 177 -13.93 -16.59 -45.19
N LEU D 178 -13.33 -15.65 -44.46
CA LEU D 178 -14.08 -14.79 -43.54
C LEU D 178 -13.44 -13.41 -43.61
N ASP D 179 -14.05 -12.52 -44.38
CA ASP D 179 -13.57 -11.15 -44.51
C ASP D 179 -14.32 -10.25 -43.53
N LEU D 180 -13.58 -9.42 -42.81
CA LEU D 180 -14.18 -8.53 -41.82
C LEU D 180 -14.65 -7.24 -42.50
N GLN D 181 -15.87 -6.84 -42.19
CA GLN D 181 -16.41 -5.56 -42.60
C GLN D 181 -16.64 -4.71 -41.35
N MET D 182 -16.29 -3.43 -41.44
CA MET D 182 -16.28 -2.56 -40.27
C MET D 182 -17.52 -1.68 -40.23
N GLN D 183 -18.10 -1.56 -39.04
CA GLN D 183 -19.16 -0.60 -38.76
C GLN D 183 -18.69 0.31 -37.63
N GLU D 184 -19.09 1.58 -37.71
CA GLU D 184 -18.60 2.58 -36.77
C GLU D 184 -19.00 2.24 -35.35
N ALA D 185 -18.10 2.56 -34.41
CA ALA D 185 -18.34 2.27 -33.00
C ALA D 185 -19.52 3.09 -32.47
N ASP D 186 -20.20 2.54 -31.48
CA ASP D 186 -21.39 3.13 -30.91
C ASP D 186 -21.00 3.94 -29.67
N ILE D 187 -21.07 5.26 -29.79
CA ILE D 187 -20.73 6.13 -28.66
C ILE D 187 -21.92 6.29 -27.73
N SER D 188 -23.15 6.19 -28.24
CA SER D 188 -24.33 6.33 -27.40
C SER D 188 -24.32 5.32 -26.27
N GLY D 189 -24.63 5.80 -25.07
CA GLY D 189 -24.57 4.97 -23.87
C GLY D 189 -23.22 4.93 -23.19
N TYR D 190 -22.28 5.79 -23.58
CA TYR D 190 -20.96 5.82 -22.95
C TYR D 190 -21.02 6.62 -21.65
N ILE D 191 -20.64 5.99 -20.55
CA ILE D 191 -20.58 6.66 -19.26
C ILE D 191 -19.32 7.49 -19.20
N PRO D 192 -19.41 8.81 -18.96
CA PRO D 192 -18.21 9.65 -18.93
C PRO D 192 -17.29 9.33 -17.77
N ASN D 193 -16.09 8.85 -18.06
CA ASN D 193 -15.11 8.59 -17.02
C ASN D 193 -14.63 9.90 -16.42
N GLY D 194 -14.49 9.92 -15.10
CA GLY D 194 -14.10 11.14 -14.42
C GLY D 194 -12.68 11.58 -14.75
N GLU D 195 -11.74 10.64 -14.74
CA GLU D 195 -10.34 10.99 -14.93
C GLU D 195 -10.02 11.32 -16.38
N TRP D 196 -10.56 10.57 -17.33
CA TRP D 196 -10.22 10.70 -18.74
C TRP D 196 -11.40 11.21 -19.55
N ASP D 197 -11.11 12.05 -20.54
CA ASP D 197 -12.10 12.58 -21.46
C ASP D 197 -11.92 11.89 -22.81
N LEU D 198 -13.00 11.33 -23.35
CA LEU D 198 -12.95 10.57 -24.59
C LEU D 198 -13.12 11.52 -25.77
N VAL D 199 -12.01 11.78 -26.48
CA VAL D 199 -12.09 12.59 -27.70
C VAL D 199 -12.88 11.86 -28.78
N GLY D 200 -12.60 10.57 -28.96
CA GLY D 200 -13.31 9.79 -29.96
C GLY D 200 -12.64 8.44 -30.12
N ILE D 201 -13.29 7.58 -30.88
CA ILE D 201 -12.76 6.25 -31.15
C ILE D 201 -12.82 5.97 -32.65
N PRO D 202 -11.97 6.61 -33.45
CA PRO D 202 -11.92 6.27 -34.88
C PRO D 202 -11.37 4.87 -35.09
N GLY D 203 -11.80 4.25 -36.18
CA GLY D 203 -11.36 2.91 -36.51
C GLY D 203 -10.97 2.80 -37.97
N LYS D 204 -10.27 1.72 -38.29
CA LYS D 204 -9.78 1.48 -39.64
C LYS D 204 -9.70 -0.01 -39.88
N ARG D 205 -10.01 -0.42 -41.11
CA ARG D 205 -9.88 -1.81 -41.54
C ARG D 205 -8.63 -1.94 -42.39
N SER D 206 -7.74 -2.86 -42.02
CA SER D 206 -6.49 -3.05 -42.72
C SER D 206 -6.33 -4.51 -43.09
N GLU D 207 -5.57 -4.76 -44.16
CA GLU D 207 -5.31 -6.10 -44.65
C GLU D 207 -3.81 -6.40 -44.55
N ARG D 208 -3.48 -7.50 -43.90
CA ARG D 208 -2.09 -7.94 -43.77
C ARG D 208 -1.85 -9.13 -44.69
N PHE D 209 -0.77 -9.06 -45.47
CA PHE D 209 -0.42 -10.09 -46.43
C PHE D 209 0.79 -10.88 -45.95
N TYR D 210 0.80 -12.17 -46.26
CA TYR D 210 1.92 -13.06 -45.99
C TYR D 210 2.57 -13.48 -47.30
N GLU D 211 3.83 -13.89 -47.22
CA GLU D 211 4.53 -14.39 -48.40
C GLU D 211 4.32 -15.90 -48.56
N CYS D 212 3.07 -16.32 -48.47
CA CYS D 212 2.67 -17.70 -48.69
C CYS D 212 1.65 -17.84 -49.81
N CYS D 213 0.58 -17.05 -49.76
CA CYS D 213 -0.65 -17.39 -50.43
C CYS D 213 -1.29 -16.23 -51.19
N LYS D 214 -0.79 -15.00 -51.05
CA LYS D 214 -1.32 -13.84 -51.75
C LYS D 214 -2.81 -13.62 -51.47
N GLU D 215 -3.20 -13.83 -50.21
CA GLU D 215 -4.57 -13.57 -49.79
C GLU D 215 -4.56 -12.63 -48.59
N PRO D 216 -5.55 -11.75 -48.49
CA PRO D 216 -5.59 -10.81 -47.38
C PRO D 216 -5.95 -11.48 -46.07
N TYR D 217 -5.56 -10.84 -44.98
CA TYR D 217 -5.93 -11.25 -43.62
C TYR D 217 -6.50 -10.02 -42.93
N PRO D 218 -7.73 -9.64 -43.24
CA PRO D 218 -8.27 -8.37 -42.74
C PRO D 218 -8.49 -8.39 -41.23
N ASP D 219 -8.44 -7.20 -40.64
CA ASP D 219 -8.74 -7.02 -39.24
C ASP D 219 -9.31 -5.62 -39.05
N VAL D 220 -10.07 -5.45 -37.97
CA VAL D 220 -10.71 -4.18 -37.64
C VAL D 220 -10.09 -3.68 -36.34
N THR D 221 -9.47 -2.50 -36.38
CA THR D 221 -8.80 -1.93 -35.22
C THR D 221 -9.42 -0.58 -34.90
N PHE D 222 -9.73 -0.36 -33.63
CA PHE D 222 -10.30 0.89 -33.14
C PHE D 222 -9.28 1.60 -32.26
N THR D 223 -9.00 2.86 -32.59
CA THR D 223 -8.03 3.66 -31.86
C THR D 223 -8.78 4.55 -30.89
N VAL D 224 -8.69 4.24 -29.60
CA VAL D 224 -9.35 5.02 -28.56
C VAL D 224 -8.48 6.24 -28.27
N THR D 225 -8.98 7.42 -28.60
CA THR D 225 -8.27 8.67 -28.37
C THR D 225 -8.86 9.35 -27.15
N MET D 226 -8.07 9.46 -26.09
CA MET D 226 -8.53 10.04 -24.83
C MET D 226 -7.47 10.99 -24.28
N ARG D 227 -7.93 12.02 -23.57
CA ARG D 227 -7.06 12.98 -22.92
C ARG D 227 -7.35 13.00 -21.42
N ARG D 228 -6.31 13.25 -20.64
CA ARG D 228 -6.44 13.28 -19.19
C ARG D 228 -6.92 14.65 -18.72
N ARG D 229 -7.87 14.64 -17.79
CA ARG D 229 -8.34 15.88 -17.17
C ARG D 229 -7.36 16.31 -16.08
N THR D 230 -7.13 17.61 -15.97
CA THR D 230 -6.07 18.15 -15.13
C THR D 230 -6.59 18.87 -13.88
N LEU D 231 -7.89 18.85 -13.62
CA LEU D 231 -8.40 19.55 -12.44
C LEU D 231 -7.91 18.88 -11.15
N TYR D 232 -8.09 17.56 -11.03
CA TYR D 232 -7.64 16.85 -9.85
C TYR D 232 -6.13 16.87 -9.75
N TYR D 233 -5.44 16.49 -10.83
CA TYR D 233 -3.97 16.50 -10.83
C TYR D 233 -3.44 17.91 -10.61
N GLY D 234 -4.07 18.90 -11.22
CA GLY D 234 -3.71 20.29 -10.98
C GLY D 234 -3.78 20.64 -9.51
N LEU D 235 -4.99 20.56 -8.92
CA LEU D 235 -5.19 20.97 -7.54
C LEU D 235 -4.39 20.13 -6.55
N ASN D 236 -3.93 18.94 -6.94
CA ASN D 236 -3.18 18.11 -6.01
C ASN D 236 -1.67 18.19 -6.19
N LEU D 237 -1.18 18.61 -7.35
CA LEU D 237 0.25 18.59 -7.60
C LEU D 237 0.83 19.93 -8.01
N LEU D 238 0.13 20.72 -8.81
CA LEU D 238 0.70 21.95 -9.36
C LEU D 238 0.55 23.13 -8.40
N ILE D 239 -0.68 23.43 -7.99
CA ILE D 239 -0.90 24.54 -7.06
C ILE D 239 -0.17 24.34 -5.74
N PRO D 240 -0.22 23.15 -5.09
CA PRO D 240 0.57 22.98 -3.87
C PRO D 240 2.07 23.19 -4.09
N CYS D 241 2.59 22.75 -5.23
CA CYS D 241 4.01 22.96 -5.51
C CYS D 241 4.33 24.44 -5.68
N VAL D 242 3.47 25.19 -6.36
CA VAL D 242 3.69 26.62 -6.53
C VAL D 242 3.67 27.33 -5.18
N LEU D 243 2.68 26.99 -4.34
CA LEU D 243 2.60 27.62 -3.03
C LEU D 243 3.79 27.26 -2.16
N ILE D 244 4.25 26.01 -2.26
CA ILE D 244 5.40 25.57 -1.46
C ILE D 244 6.66 26.30 -1.91
N SER D 245 6.84 26.48 -3.22
CA SER D 245 8.00 27.24 -3.69
C SER D 245 7.92 28.70 -3.26
N ALA D 246 6.73 29.30 -3.33
CA ALA D 246 6.59 30.69 -2.88
C ALA D 246 6.85 30.82 -1.38
N LEU D 247 6.51 29.78 -0.61
CA LEU D 247 6.81 29.81 0.82
C LEU D 247 8.31 29.63 1.07
N ALA D 248 8.96 28.81 0.25
CA ALA D 248 10.41 28.66 0.35
C ALA D 248 11.12 29.96 0.01
N LEU D 249 10.50 30.80 -0.81
CA LEU D 249 11.08 32.11 -1.09
C LEU D 249 11.06 33.05 0.11
N LEU D 250 10.35 32.71 1.18
CA LEU D 250 10.24 33.59 2.34
C LEU D 250 11.49 33.64 3.21
N VAL D 251 12.45 32.74 2.98
CA VAL D 251 13.64 32.70 3.81
C VAL D 251 14.40 34.02 3.71
N PHE D 252 14.43 34.61 2.52
CA PHE D 252 15.17 35.84 2.29
C PHE D 252 14.54 37.06 2.96
N LEU D 253 13.31 36.94 3.47
CA LEU D 253 12.66 38.04 4.17
C LEU D 253 12.86 37.98 5.68
N LEU D 254 13.13 36.80 6.23
CA LEU D 254 13.36 36.69 7.67
C LEU D 254 14.65 37.41 8.05
N PRO D 255 14.67 38.13 9.17
CA PRO D 255 15.93 38.72 9.64
C PRO D 255 16.92 37.64 10.04
N ALA D 256 18.20 37.94 9.86
CA ALA D 256 19.25 37.00 10.25
C ALA D 256 19.45 36.91 11.75
N ASP D 257 18.89 37.86 12.52
CA ASP D 257 19.03 37.80 13.97
C ASP D 257 18.35 36.56 14.54
N SER D 258 17.16 36.23 14.04
CA SER D 258 16.48 35.01 14.44
C SER D 258 17.08 33.83 13.70
N GLY D 259 17.54 32.83 14.45
CA GLY D 259 18.16 31.66 13.87
C GLY D 259 17.18 30.61 13.42
N GLU D 260 16.36 30.93 12.42
CA GLU D 260 15.37 29.99 11.91
C GLU D 260 15.25 30.06 10.40
N LYS D 261 16.29 30.53 9.71
CA LYS D 261 16.25 30.60 8.25
C LYS D 261 16.39 29.21 7.63
N ILE D 262 17.52 28.55 7.89
CA ILE D 262 17.75 27.23 7.31
C ILE D 262 16.75 26.23 7.85
N SER D 263 16.18 26.48 9.03
CA SER D 263 15.10 25.62 9.51
C SER D 263 13.93 25.65 8.54
N LEU D 264 13.48 26.85 8.16
CA LEU D 264 12.40 26.98 7.21
C LEU D 264 12.77 26.39 5.86
N GLY D 265 13.99 26.65 5.40
CA GLY D 265 14.40 26.12 4.09
C GLY D 265 14.43 24.60 4.05
N ILE D 266 15.04 23.99 5.07
CA ILE D 266 15.14 22.54 5.08
C ILE D 266 13.78 21.91 5.33
N THR D 267 12.90 22.57 6.09
CA THR D 267 11.57 22.01 6.29
C THR D 267 10.74 22.07 5.01
N VAL D 268 10.83 23.16 4.26
CA VAL D 268 10.08 23.22 3.01
C VAL D 268 10.65 22.23 1.98
N LEU D 269 11.97 22.02 1.99
CA LEU D 269 12.54 20.99 1.13
C LEU D 269 12.07 19.60 1.54
N LEU D 270 12.01 19.34 2.85
CA LEU D 270 11.47 18.06 3.33
C LEU D 270 10.02 17.88 2.91
N SER D 271 9.25 18.97 2.92
CA SER D 271 7.88 18.90 2.43
C SER D 271 7.83 18.57 0.95
N LEU D 272 8.72 19.16 0.15
CA LEU D 272 8.79 18.82 -1.27
C LEU D 272 9.22 17.38 -1.50
N THR D 273 9.95 16.79 -0.55
CA THR D 273 10.38 15.40 -0.70
C THR D 273 9.20 14.46 -0.85
N VAL D 274 8.15 14.64 -0.03
CA VAL D 274 7.00 13.74 -0.11
C VAL D 274 6.23 13.97 -1.42
N PHE D 275 6.22 15.19 -1.93
CA PHE D 275 5.63 15.43 -3.25
C PHE D 275 6.40 14.70 -4.34
N MET D 276 7.73 14.72 -4.25
CA MET D 276 8.55 13.93 -5.19
C MET D 276 8.21 12.45 -5.09
N LEU D 277 8.04 11.95 -3.86
CA LEU D 277 7.69 10.54 -3.68
C LEU D 277 6.33 10.23 -4.30
N LEU D 278 5.35 11.13 -4.13
CA LEU D 278 4.04 10.92 -4.73
C LEU D 278 4.11 10.90 -6.26
N VAL D 279 4.86 11.84 -6.83
CA VAL D 279 4.99 11.87 -8.29
C VAL D 279 5.67 10.61 -8.80
N ALA D 280 6.65 10.11 -8.04
CA ALA D 280 7.28 8.84 -8.41
C ALA D 280 6.31 7.67 -8.30
N GLU D 281 5.42 7.69 -7.31
CA GLU D 281 4.50 6.58 -7.12
C GLU D 281 3.38 6.58 -8.15
N ILE D 282 3.00 7.75 -8.68
CA ILE D 282 1.93 7.80 -9.67
C ILE D 282 2.44 7.70 -11.10
N MET D 283 3.74 7.89 -11.33
CA MET D 283 4.35 7.82 -12.64
C MET D 283 4.80 6.40 -12.96
N PRO D 284 4.73 5.99 -14.22
CA PRO D 284 5.26 4.68 -14.60
C PRO D 284 6.78 4.68 -14.56
N ALA D 285 7.34 3.48 -14.75
CA ALA D 285 8.79 3.30 -14.77
C ALA D 285 9.37 3.49 -16.17
N THR D 286 8.64 4.14 -17.07
CA THR D 286 9.14 4.37 -18.42
C THR D 286 10.37 5.25 -18.39
N SER D 287 11.39 4.86 -19.17
CA SER D 287 12.66 5.57 -19.20
C SER D 287 12.99 6.05 -20.62
N ASP D 288 11.97 6.33 -21.42
CA ASP D 288 12.16 6.83 -22.78
C ASP D 288 12.09 8.34 -22.88
N SER D 289 11.51 9.01 -21.87
CA SER D 289 11.41 10.46 -21.89
C SER D 289 11.24 10.95 -20.46
N VAL D 290 11.53 12.24 -20.26
CA VAL D 290 11.41 12.87 -18.95
C VAL D 290 10.03 13.50 -18.86
N PRO D 291 9.20 13.10 -17.90
CA PRO D 291 7.87 13.71 -17.77
C PRO D 291 7.96 15.20 -17.48
N LEU D 292 6.99 15.95 -17.97
CA LEU D 292 6.97 17.40 -17.78
C LEU D 292 6.85 17.76 -16.30
N ILE D 293 5.94 17.10 -15.59
CA ILE D 293 5.79 17.39 -14.17
C ILE D 293 7.01 16.92 -13.39
N ALA D 294 7.71 15.89 -13.89
CA ALA D 294 8.92 15.43 -13.22
C ALA D 294 10.00 16.51 -13.25
N GLN D 295 10.26 17.07 -14.43
CA GLN D 295 11.25 18.14 -14.52
C GLN D 295 10.77 19.41 -13.84
N TYR D 296 9.45 19.64 -13.79
CA TYR D 296 8.92 20.78 -13.05
C TYR D 296 9.23 20.65 -11.56
N PHE D 297 8.94 19.49 -10.97
CA PHE D 297 9.26 19.25 -9.56
C PHE D 297 10.76 19.29 -9.33
N ALA D 298 11.55 18.76 -10.26
CA ALA D 298 13.00 18.82 -10.13
C ALA D 298 13.49 20.26 -10.10
N SER D 299 12.95 21.11 -10.98
CA SER D 299 13.33 22.51 -10.99
C SER D 299 12.94 23.20 -9.70
N THR D 300 11.73 22.91 -9.19
CA THR D 300 11.30 23.53 -7.94
C THR D 300 12.21 23.13 -6.78
N MET D 301 12.53 21.84 -6.68
CA MET D 301 13.40 21.40 -5.58
C MET D 301 14.82 21.90 -5.74
N ILE D 302 15.31 22.04 -6.98
CA ILE D 302 16.62 22.62 -7.20
C ILE D 302 16.64 24.08 -6.78
N ILE D 303 15.55 24.81 -7.07
CA ILE D 303 15.46 26.21 -6.64
C ILE D 303 15.46 26.29 -5.11
N VAL D 304 14.75 25.37 -4.45
CA VAL D 304 14.73 25.37 -2.99
C VAL D 304 16.13 25.08 -2.43
N GLY D 305 16.84 24.11 -3.03
CA GLY D 305 18.19 23.81 -2.57
C GLY D 305 19.14 24.97 -2.78
N LEU D 306 19.04 25.66 -3.93
CA LEU D 306 19.85 26.84 -4.16
C LEU D 306 19.51 27.95 -3.18
N SER D 307 18.22 28.07 -2.80
CA SER D 307 17.84 29.03 -1.77
C SER D 307 18.49 28.68 -0.44
N VAL D 308 18.56 27.39 -0.13
CA VAL D 308 19.24 26.96 1.11
C VAL D 308 20.72 27.32 1.06
N VAL D 309 21.37 27.09 -0.08
CA VAL D 309 22.78 27.45 -0.22
C VAL D 309 22.97 28.96 -0.08
N VAL D 310 22.09 29.73 -0.70
CA VAL D 310 22.14 31.19 -0.58
C VAL D 310 21.95 31.63 0.86
N THR D 311 21.05 30.96 1.58
CA THR D 311 20.84 31.27 2.99
C THR D 311 22.09 30.99 3.80
N VAL D 312 22.78 29.88 3.49
CA VAL D 312 24.04 29.58 4.16
C VAL D 312 25.06 30.69 3.91
N ILE D 313 25.15 31.15 2.65
CA ILE D 313 26.09 32.23 2.33
C ILE D 313 25.72 33.51 3.07
N VAL D 314 24.43 33.82 3.12
CA VAL D 314 23.97 35.03 3.79
C VAL D 314 24.29 34.98 5.27
N LEU D 315 24.05 33.83 5.91
CA LEU D 315 24.39 33.69 7.32
C LEU D 315 25.89 33.75 7.55
N GLN D 316 26.68 33.23 6.61
CA GLN D 316 28.13 33.36 6.73
C GLN D 316 28.55 34.83 6.68
N TYR D 317 27.92 35.61 5.81
CA TYR D 317 28.20 37.05 5.77
C TYR D 317 27.74 37.75 7.05
N HIS D 318 26.57 37.36 7.56
CA HIS D 318 26.01 38.04 8.73
C HIS D 318 26.83 37.77 9.98
N HIS D 319 27.19 36.50 10.22
CA HIS D 319 27.96 36.13 11.40
C HIS D 319 29.45 36.15 11.06
N HIS D 320 29.95 37.37 10.81
CA HIS D 320 31.36 37.59 10.50
C HIS D 320 32.05 38.13 11.74
N ASP D 321 33.20 37.56 12.07
CA ASP D 321 33.91 37.94 13.29
C ASP D 321 34.40 39.38 13.18
N PRO D 322 34.36 40.13 14.29
CA PRO D 322 34.87 41.51 14.27
C PRO D 322 36.38 41.52 14.05
N ASP D 323 36.81 42.21 12.99
CA ASP D 323 38.22 42.30 12.60
C ASP D 323 38.84 40.95 12.31
N GLY D 324 38.02 39.95 11.99
CA GLY D 324 38.51 38.65 11.57
C GLY D 324 38.89 38.57 10.11
N GLY D 325 38.71 39.66 9.38
CA GLY D 325 39.07 39.71 7.98
C GLY D 325 38.83 41.11 7.45
N LYS D 326 39.22 41.31 6.20
CA LYS D 326 39.06 42.60 5.53
C LYS D 326 38.09 42.45 4.38
N MET D 327 37.11 43.35 4.32
CA MET D 327 36.13 43.32 3.25
C MET D 327 36.78 43.74 1.94
N PRO D 328 36.71 42.92 0.89
CA PRO D 328 37.37 43.28 -0.37
C PRO D 328 36.78 44.55 -0.98
N LYS D 329 37.63 45.29 -1.69
CA LYS D 329 37.19 46.53 -2.30
C LYS D 329 36.08 46.30 -3.31
N TRP D 330 36.20 45.24 -4.12
CA TRP D 330 35.15 44.90 -5.06
C TRP D 330 33.86 44.56 -4.33
N THR D 331 33.96 43.81 -3.23
CA THR D 331 32.78 43.48 -2.43
C THR D 331 32.08 44.74 -1.95
N ARG D 332 32.86 45.71 -1.44
CA ARG D 332 32.26 46.96 -0.97
C ARG D 332 31.60 47.70 -2.12
N VAL D 333 32.35 47.98 -3.19
CA VAL D 333 31.84 48.80 -4.27
C VAL D 333 30.64 48.15 -4.97
N ILE D 334 30.50 46.83 -4.88
CA ILE D 334 29.31 46.21 -5.43
C ILE D 334 28.18 46.28 -4.41
N LEU D 335 28.33 45.58 -3.29
CA LEU D 335 27.21 45.37 -2.39
C LEU D 335 26.76 46.66 -1.72
N LEU D 336 27.69 47.42 -1.15
CA LEU D 336 27.31 48.56 -0.33
C LEU D 336 26.96 49.79 -1.16
N ASN D 337 27.31 49.82 -2.44
CA ASN D 337 27.01 50.98 -3.28
C ASN D 337 26.07 50.65 -4.43
N TRP D 338 26.46 49.75 -5.34
CA TRP D 338 25.68 49.56 -6.56
C TRP D 338 24.36 48.85 -6.27
N CYS D 339 24.42 47.76 -5.50
CA CYS D 339 23.20 47.05 -5.15
C CYS D 339 22.39 47.83 -4.11
N ALA D 340 23.06 48.62 -3.27
CA ALA D 340 22.34 49.48 -2.33
C ALA D 340 21.51 50.52 -3.07
N TRP D 341 22.08 51.11 -4.13
CA TRP D 341 21.32 52.07 -4.92
C TRP D 341 20.28 51.40 -5.81
N PHE D 342 20.59 50.20 -6.32
CA PHE D 342 19.64 49.51 -7.18
C PHE D 342 18.36 49.15 -6.43
N LEU D 343 18.49 48.67 -5.19
CA LEU D 343 17.35 48.20 -4.42
C LEU D 343 16.94 49.17 -3.32
N ARG D 344 17.35 50.44 -3.43
CA ARG D 344 16.93 51.50 -2.52
C ARG D 344 17.32 51.19 -1.06
N MET D 345 18.63 51.13 -0.84
CA MET D 345 19.18 50.95 0.50
C MET D 345 19.89 52.24 0.93
N LYS D 346 19.72 52.61 2.19
CA LYS D 346 20.25 53.87 2.72
C LYS D 346 21.43 53.68 3.67
N ARG D 347 21.29 52.82 4.68
CA ARG D 347 22.35 52.63 5.66
C ARG D 347 23.47 51.79 5.06
N PRO D 348 24.70 52.30 4.98
CA PRO D 348 25.83 51.51 4.47
C PRO D 348 26.32 50.47 5.46
N PRO D 431 49.64 64.02 43.09
CA PRO D 431 50.32 62.77 42.72
C PRO D 431 49.35 61.70 42.20
N ASP D 432 48.33 61.39 43.00
CA ASP D 432 47.36 60.38 42.62
C ASP D 432 46.40 60.86 41.53
N LEU D 433 46.41 62.14 41.19
CA LEU D 433 45.48 62.66 40.20
C LEU D 433 45.81 62.18 38.79
N ALA D 434 47.06 61.79 38.53
CA ALA D 434 47.41 61.25 37.22
C ALA D 434 46.99 59.78 37.08
N LYS D 435 47.10 59.02 38.17
CA LYS D 435 46.77 57.60 38.12
C LYS D 435 45.29 57.37 37.82
N ILE D 436 44.41 58.16 38.41
CA ILE D 436 42.98 58.00 38.16
C ILE D 436 42.66 58.27 36.69
N LEU D 437 43.25 59.32 36.12
CA LEU D 437 43.03 59.63 34.71
C LEU D 437 43.57 58.51 33.82
N GLU D 438 44.79 58.03 34.10
CA GLU D 438 45.35 56.95 33.29
C GLU D 438 44.53 55.67 33.42
N GLU D 439 43.91 55.46 34.57
CA GLU D 439 43.08 54.27 34.77
C GLU D 439 41.75 54.39 34.03
N VAL D 440 41.15 55.58 34.06
CA VAL D 440 39.85 55.77 33.42
C VAL D 440 39.98 55.89 31.90
N ARG D 441 41.18 56.19 31.39
CA ARG D 441 41.36 56.25 29.94
C ARG D 441 41.09 54.91 29.28
N TYR D 442 41.49 53.82 29.95
CA TYR D 442 41.40 52.48 29.35
C TYR D 442 39.95 52.08 29.09
N ILE D 443 39.05 52.44 30.01
CA ILE D 443 37.64 52.05 29.85
C ILE D 443 37.05 52.67 28.60
N ALA D 444 37.29 53.97 28.39
CA ALA D 444 36.77 54.64 27.21
C ALA D 444 37.46 54.16 25.94
N ASN D 445 38.76 53.84 26.01
CA ASN D 445 39.43 53.29 24.84
C ASN D 445 38.83 51.95 24.45
N ARG D 446 38.56 51.09 25.43
CA ARG D 446 37.92 49.81 25.16
C ARG D 446 36.53 50.00 24.58
N PHE D 447 35.77 50.96 25.11
CA PHE D 447 34.45 51.23 24.57
C PHE D 447 34.51 51.72 23.13
N ARG D 448 35.49 52.57 22.82
CA ARG D 448 35.67 53.04 21.44
C ARG D 448 36.02 51.88 20.51
N CYS D 449 36.89 50.98 20.96
CA CYS D 449 37.22 49.81 20.15
C CYS D 449 35.99 48.94 19.92
N GLN D 450 35.18 48.75 20.96
CA GLN D 450 33.95 47.97 20.81
C GLN D 450 33.00 48.66 19.82
N ASP D 451 32.91 49.98 19.86
CA ASP D 451 32.05 50.70 18.93
C ASP D 451 32.54 50.53 17.49
N GLU D 452 33.86 50.59 17.27
CA GLU D 452 34.39 50.37 15.93
C GLU D 452 34.09 48.95 15.44
N SER D 453 34.26 47.96 16.33
CA SER D 453 33.92 46.59 15.96
C SER D 453 32.44 46.45 15.64
N GLU D 454 31.59 47.12 16.41
CA GLU D 454 30.16 47.09 16.14
C GLU D 454 29.83 47.73 14.80
N ALA D 455 30.53 48.81 14.44
CA ALA D 455 30.33 49.43 13.14
C ALA D 455 30.72 48.47 12.01
N VAL D 456 31.84 47.76 12.17
CA VAL D 456 32.24 46.78 11.16
C VAL D 456 31.19 45.67 11.04
N CYS D 457 30.70 45.19 12.18
CA CYS D 457 29.67 44.16 12.18
C CYS D 457 28.39 44.66 11.51
N SER D 458 28.04 45.94 11.73
CA SER D 458 26.87 46.51 11.08
C SER D 458 27.05 46.58 9.58
N GLU D 459 28.25 46.92 9.12
CA GLU D 459 28.52 46.90 7.68
C GLU D 459 28.34 45.50 7.11
N TRP D 460 28.87 44.49 7.81
CA TRP D 460 28.72 43.11 7.35
C TRP D 460 27.25 42.69 7.32
N LYS D 461 26.49 43.07 8.35
CA LYS D 461 25.07 42.72 8.40
C LYS D 461 24.29 43.40 7.28
N PHE D 462 24.62 44.66 6.98
CA PHE D 462 23.95 45.33 5.85
C PHE D 462 24.30 44.66 4.53
N ALA D 463 25.55 44.22 4.37
CA ALA D 463 25.91 43.46 3.18
C ALA D 463 25.09 42.17 3.08
N ALA D 464 24.91 41.50 4.21
CA ALA D 464 24.09 40.28 4.23
C ALA D 464 22.65 40.58 3.84
N CYS D 465 22.09 41.69 4.33
CA CYS D 465 20.72 42.06 3.98
C CYS D 465 20.61 42.38 2.49
N VAL D 466 21.62 43.06 1.93
CA VAL D 466 21.62 43.35 0.51
C VAL D 466 21.64 42.08 -0.31
N VAL D 467 22.48 41.12 0.09
CA VAL D 467 22.51 39.83 -0.59
C VAL D 467 21.15 39.14 -0.46
N ASP D 468 20.53 39.23 0.71
CA ASP D 468 19.22 38.63 0.92
C ASP D 468 18.20 39.18 -0.06
N ARG D 469 18.14 40.50 -0.21
CA ARG D 469 17.13 41.09 -1.10
C ARG D 469 17.44 40.79 -2.57
N LEU D 470 18.72 40.84 -2.95
CA LEU D 470 19.11 40.49 -4.31
C LEU D 470 18.69 39.06 -4.64
N CYS D 471 18.95 38.13 -3.73
CA CYS D 471 18.59 36.74 -3.98
C CYS D 471 17.09 36.55 -3.94
N LEU D 472 16.37 37.33 -3.13
CA LEU D 472 14.91 37.27 -3.15
C LEU D 472 14.39 37.62 -4.55
N MET D 473 14.86 38.73 -5.10
CA MET D 473 14.43 39.13 -6.45
C MET D 473 14.82 38.08 -7.48
N ALA D 474 16.07 37.61 -7.43
CA ALA D 474 16.55 36.65 -8.43
C ALA D 474 15.77 35.34 -8.36
N PHE D 475 15.51 34.83 -7.15
CA PHE D 475 14.81 33.57 -7.01
C PHE D 475 13.33 33.70 -7.34
N SER D 476 12.72 34.85 -7.05
CA SER D 476 11.34 35.07 -7.50
C SER D 476 11.26 35.03 -9.02
N VAL D 477 12.20 35.72 -9.68
CA VAL D 477 12.22 35.72 -11.14
C VAL D 477 12.43 34.30 -11.67
N PHE D 478 13.38 33.57 -11.09
CA PHE D 478 13.66 32.21 -11.54
C PHE D 478 12.46 31.30 -11.36
N THR D 479 11.79 31.37 -10.21
CA THR D 479 10.63 30.52 -9.96
C THR D 479 9.50 30.84 -10.93
N ILE D 480 9.23 32.12 -11.15
CA ILE D 480 8.15 32.50 -12.07
C ILE D 480 8.47 32.01 -13.48
N ILE D 481 9.71 32.24 -13.93
CA ILE D 481 10.09 31.87 -15.29
C ILE D 481 10.00 30.36 -15.47
N CYS D 482 10.55 29.59 -14.52
CA CYS D 482 10.54 28.15 -14.63
C CYS D 482 9.12 27.60 -14.64
N THR D 483 8.29 28.06 -13.70
CA THR D 483 6.92 27.56 -13.63
C THR D 483 6.16 27.87 -14.91
N ILE D 484 6.20 29.12 -15.35
CA ILE D 484 5.43 29.52 -16.54
C ILE D 484 5.93 28.77 -17.77
N GLY D 485 7.25 28.71 -17.97
CA GLY D 485 7.78 28.06 -19.15
C GLY D 485 7.46 26.58 -19.18
N ILE D 486 7.66 25.88 -18.06
CA ILE D 486 7.40 24.45 -18.03
C ILE D 486 5.91 24.16 -18.23
N LEU D 487 5.04 24.94 -17.58
CA LEU D 487 3.62 24.68 -17.69
C LEU D 487 3.10 24.98 -19.10
N MET D 488 3.56 26.08 -19.71
CA MET D 488 3.06 26.44 -21.03
C MET D 488 3.78 25.73 -22.17
N SER D 489 4.89 25.04 -21.90
CA SER D 489 5.57 24.31 -22.95
C SER D 489 4.77 23.10 -23.43
N ALA D 490 3.88 22.57 -22.59
CA ALA D 490 3.10 21.41 -22.98
C ALA D 490 2.08 21.77 -24.06
N PRO D 491 1.91 20.93 -25.08
CA PRO D 491 0.85 21.18 -26.06
C PRO D 491 -0.53 21.06 -25.43
N ASN D 492 -1.49 21.74 -26.07
CA ASN D 492 -2.90 21.79 -25.66
C ASN D 492 -3.05 22.09 -24.16
N PHE D 493 -2.09 22.84 -23.61
CA PHE D 493 -2.20 23.29 -22.23
C PHE D 493 -3.37 24.27 -22.07
N VAL D 494 -3.53 25.18 -23.02
CA VAL D 494 -4.61 26.16 -22.95
C VAL D 494 -5.96 25.46 -23.06
N GLU D 495 -6.08 24.45 -23.93
CA GLU D 495 -7.33 23.72 -24.04
C GLU D 495 -7.68 23.01 -22.73
N ALA D 496 -6.70 22.33 -22.13
CA ALA D 496 -6.95 21.60 -20.89
C ALA D 496 -7.32 22.55 -19.76
N VAL D 497 -6.67 23.72 -19.69
CA VAL D 497 -7.00 24.66 -18.63
C VAL D 497 -8.40 25.22 -18.84
N SER D 498 -8.72 25.64 -20.07
CA SER D 498 -10.04 26.20 -20.34
C SER D 498 -11.15 25.18 -20.21
N LYS D 499 -10.83 23.89 -20.34
CA LYS D 499 -11.87 22.86 -20.25
C LYS D 499 -11.99 22.24 -18.87
N ASP D 500 -10.93 22.29 -18.06
CA ASP D 500 -10.99 21.77 -16.71
C ASP D 500 -11.27 22.88 -15.68
N PHE D 501 -10.42 23.92 -15.66
CA PHE D 501 -10.58 24.95 -14.65
C PHE D 501 -11.71 25.93 -14.96
N ALA D 502 -12.22 25.93 -16.18
CA ALA D 502 -13.28 26.86 -16.57
C ALA D 502 -14.45 26.13 -17.22
N GLY E 23 -20.68 -25.55 -46.38
CA GLY E 23 -21.38 -26.06 -47.55
C GLY E 23 -21.48 -27.57 -47.59
N GLU E 24 -21.84 -28.10 -48.75
CA GLU E 24 -21.97 -29.55 -48.89
C GLU E 24 -20.62 -30.24 -48.76
N PHE E 25 -19.62 -29.76 -49.50
CA PHE E 25 -18.31 -30.41 -49.49
C PHE E 25 -17.63 -30.26 -48.12
N GLN E 26 -17.73 -29.08 -47.51
CA GLN E 26 -17.11 -28.87 -46.21
C GLN E 26 -17.77 -29.74 -45.14
N ARG E 27 -19.10 -29.84 -45.17
CA ARG E 27 -19.80 -30.70 -44.22
C ARG E 27 -19.43 -32.16 -44.42
N LYS E 28 -19.36 -32.60 -45.68
CA LYS E 28 -18.96 -33.98 -45.96
C LYS E 28 -17.55 -34.25 -45.45
N LEU E 29 -16.62 -33.31 -45.67
CA LEU E 29 -15.25 -33.48 -45.22
C LEU E 29 -15.18 -33.54 -43.69
N TYR E 30 -15.91 -32.66 -43.01
CA TYR E 30 -15.90 -32.65 -41.56
C TYR E 30 -16.49 -33.94 -41.00
N LYS E 31 -17.56 -34.44 -41.60
CA LYS E 31 -18.14 -35.70 -41.14
C LYS E 31 -17.22 -36.88 -41.43
N GLU E 32 -16.46 -36.83 -42.52
CA GLU E 32 -15.57 -37.93 -42.86
C GLU E 32 -14.35 -37.97 -41.94
N LEU E 33 -13.76 -36.81 -41.66
CA LEU E 33 -12.53 -36.77 -40.87
C LEU E 33 -12.77 -37.24 -39.43
N VAL E 34 -13.88 -36.82 -38.83
CA VAL E 34 -14.16 -37.17 -37.44
C VAL E 34 -14.38 -38.66 -37.28
N LYS E 35 -14.99 -39.30 -38.27
CA LYS E 35 -15.33 -40.71 -38.17
C LYS E 35 -14.08 -41.56 -37.94
N ASN E 36 -14.16 -42.46 -36.95
CA ASN E 36 -13.07 -43.37 -36.61
C ASN E 36 -11.76 -42.60 -36.32
N TYR E 37 -11.87 -41.53 -35.54
CA TYR E 37 -10.72 -40.75 -35.12
C TYR E 37 -10.67 -40.72 -33.59
N ASN E 38 -9.51 -41.04 -33.04
CA ASN E 38 -9.30 -41.04 -31.60
C ASN E 38 -8.43 -39.85 -31.22
N PRO E 39 -8.92 -38.91 -30.42
CA PRO E 39 -8.11 -37.73 -30.08
C PRO E 39 -7.01 -38.02 -29.07
N LEU E 40 -6.83 -39.30 -28.74
CA LEU E 40 -5.81 -39.71 -27.77
C LEU E 40 -4.57 -40.32 -28.41
N GLU E 41 -4.69 -40.89 -29.61
CA GLU E 41 -3.56 -41.54 -30.24
C GLU E 41 -2.63 -40.53 -30.91
N ARG E 42 -1.35 -40.87 -30.93
CA ARG E 42 -0.38 -40.04 -31.63
C ARG E 42 -0.52 -40.26 -33.14
N PRO E 43 -0.68 -39.21 -33.94
CA PRO E 43 -0.98 -39.36 -35.38
C PRO E 43 0.25 -39.71 -36.20
N VAL E 44 0.84 -40.86 -35.89
CA VAL E 44 1.97 -41.39 -36.65
C VAL E 44 1.50 -42.61 -37.43
N ALA E 45 2.16 -42.86 -38.57
CA ALA E 45 1.77 -43.93 -39.47
C ALA E 45 2.39 -45.28 -39.12
N ASN E 46 3.35 -45.31 -38.20
CA ASN E 46 4.04 -46.56 -37.87
C ASN E 46 4.05 -46.87 -36.37
N ASP E 47 3.69 -45.93 -35.50
CA ASP E 47 3.64 -46.07 -34.04
C ASP E 47 5.01 -46.22 -33.42
N SER E 48 6.08 -46.25 -34.20
CA SER E 48 7.43 -46.32 -33.68
C SER E 48 8.31 -45.15 -34.11
N GLN E 49 8.12 -44.63 -35.33
CA GLN E 49 8.87 -43.47 -35.76
C GLN E 49 8.42 -42.24 -34.96
N PRO E 50 9.35 -41.42 -34.48
CA PRO E 50 8.96 -40.25 -33.69
C PRO E 50 8.21 -39.23 -34.53
N LEU E 51 7.34 -38.48 -33.87
CA LEU E 51 6.58 -37.42 -34.51
C LEU E 51 7.31 -36.09 -34.33
N THR E 52 7.69 -35.49 -35.44
CA THR E 52 8.44 -34.24 -35.40
C THR E 52 7.49 -33.07 -35.15
N VAL E 53 7.74 -32.32 -34.09
CA VAL E 53 6.94 -31.15 -33.73
C VAL E 53 7.86 -29.94 -33.71
N TYR E 54 7.57 -28.95 -34.54
CA TYR E 54 8.36 -27.73 -34.62
C TYR E 54 7.77 -26.72 -33.65
N PHE E 55 8.51 -26.41 -32.59
CA PHE E 55 8.05 -25.51 -31.55
C PHE E 55 8.79 -24.17 -31.64
N SER E 56 8.04 -23.09 -31.53
CA SER E 56 8.61 -21.75 -31.51
C SER E 56 7.60 -20.82 -30.83
N LEU E 57 8.07 -19.64 -30.43
CA LEU E 57 7.22 -18.66 -29.81
C LEU E 57 7.40 -17.31 -30.49
N SER E 58 6.52 -16.38 -30.15
CA SER E 58 6.55 -15.02 -30.69
C SER E 58 6.34 -14.06 -29.53
N LEU E 59 7.44 -13.49 -29.03
CA LEU E 59 7.35 -12.57 -27.90
C LEU E 59 6.68 -11.28 -28.33
N LEU E 60 5.70 -10.83 -27.54
CA LEU E 60 4.95 -9.61 -27.81
C LEU E 60 5.34 -8.47 -26.89
N GLN E 61 5.35 -8.71 -25.58
CA GLN E 61 5.77 -7.69 -24.63
C GLN E 61 6.12 -8.36 -23.31
N ILE E 62 6.85 -7.63 -22.48
CA ILE E 62 7.17 -8.07 -21.12
C ILE E 62 6.24 -7.30 -20.19
N MET E 63 5.36 -8.03 -19.50
CA MET E 63 4.34 -7.38 -18.68
C MET E 63 4.96 -6.72 -17.46
N ASP E 64 5.59 -7.51 -16.60
CA ASP E 64 6.21 -6.97 -15.39
C ASP E 64 7.22 -7.98 -14.87
N VAL E 65 8.44 -7.51 -14.62
CA VAL E 65 9.50 -8.34 -14.04
C VAL E 65 9.43 -8.16 -12.54
N ASP E 66 8.75 -9.09 -11.86
CA ASP E 66 8.56 -9.02 -10.41
C ASP E 66 9.75 -9.67 -9.74
N GLU E 67 10.75 -8.85 -9.37
CA GLU E 67 11.94 -9.38 -8.71
C GLU E 67 11.66 -9.79 -7.28
N LYS E 68 10.54 -9.35 -6.70
CA LYS E 68 10.20 -9.72 -5.32
C LYS E 68 9.98 -11.22 -5.21
N ASN E 69 9.16 -11.78 -6.10
CA ASN E 69 8.87 -13.21 -6.12
C ASN E 69 9.68 -13.96 -7.17
N GLN E 70 10.58 -13.29 -7.88
CA GLN E 70 11.41 -13.91 -8.92
C GLN E 70 10.54 -14.56 -9.99
N VAL E 71 9.52 -13.83 -10.44
CA VAL E 71 8.60 -14.31 -11.46
C VAL E 71 8.57 -13.30 -12.61
N LEU E 72 8.65 -13.81 -13.83
CA LEU E 72 8.62 -13.00 -15.03
C LEU E 72 7.28 -13.20 -15.74
N THR E 73 6.60 -12.10 -16.03
CA THR E 73 5.30 -12.12 -16.69
C THR E 73 5.47 -11.57 -18.11
N THR E 74 5.13 -12.39 -19.11
CA THR E 74 5.30 -12.02 -20.50
C THR E 74 4.06 -12.42 -21.29
N ASN E 75 3.83 -11.71 -22.40
CA ASN E 75 2.75 -12.04 -23.33
C ASN E 75 3.39 -12.72 -24.53
N ILE E 76 3.15 -14.02 -24.67
CA ILE E 76 3.84 -14.86 -25.65
C ILE E 76 2.80 -15.62 -26.47
N TRP E 77 3.00 -15.64 -27.79
CA TRP E 77 2.21 -16.46 -28.70
C TRP E 77 3.03 -17.68 -29.09
N LEU E 78 2.66 -18.84 -28.58
CA LEU E 78 3.34 -20.07 -28.95
C LEU E 78 3.02 -20.45 -30.38
N GLN E 79 3.91 -21.23 -30.99
CA GLN E 79 3.74 -21.71 -32.35
C GLN E 79 4.15 -23.17 -32.41
N MET E 80 3.19 -24.06 -32.66
CA MET E 80 3.45 -25.48 -32.79
C MET E 80 2.96 -25.96 -34.15
N SER E 81 3.75 -26.80 -34.80
CA SER E 81 3.42 -27.34 -36.12
C SER E 81 3.84 -28.80 -36.18
N TRP E 82 2.88 -29.68 -36.46
CA TRP E 82 3.13 -31.09 -36.63
C TRP E 82 2.32 -31.60 -37.80
N THR E 83 2.58 -32.84 -38.19
CA THR E 83 1.91 -33.47 -39.32
C THR E 83 0.97 -34.55 -38.82
N ASP E 84 -0.29 -34.50 -39.26
CA ASP E 84 -1.30 -35.47 -38.87
C ASP E 84 -1.57 -36.40 -40.03
N HIS E 85 -1.54 -37.71 -39.78
CA HIS E 85 -1.71 -38.68 -40.84
C HIS E 85 -3.18 -38.94 -41.17
N TYR E 86 -4.08 -38.74 -40.20
CA TYR E 86 -5.48 -39.04 -40.38
C TYR E 86 -6.32 -37.84 -40.77
N LEU E 87 -5.69 -36.69 -41.02
CA LEU E 87 -6.40 -35.48 -41.41
C LEU E 87 -6.00 -35.03 -42.81
N GLN E 88 -5.88 -35.98 -43.73
CA GLN E 88 -5.52 -35.70 -45.12
C GLN E 88 -6.70 -36.01 -46.03
N TRP E 89 -6.96 -35.11 -46.97
CA TRP E 89 -8.04 -35.28 -47.93
C TRP E 89 -7.59 -34.79 -49.30
N ASN E 90 -8.45 -35.01 -50.28
CA ASN E 90 -8.17 -34.64 -51.66
C ASN E 90 -8.87 -33.32 -51.99
N VAL E 91 -8.10 -32.36 -52.49
CA VAL E 91 -8.67 -31.05 -52.82
C VAL E 91 -9.66 -31.16 -53.97
N SER E 92 -9.34 -31.97 -54.99
CA SER E 92 -10.23 -32.11 -56.13
C SER E 92 -11.56 -32.75 -55.71
N GLU E 93 -11.51 -33.75 -54.84
CA GLU E 93 -12.73 -34.41 -54.38
C GLU E 93 -13.57 -33.50 -53.50
N TYR E 94 -12.97 -32.50 -52.86
CA TYR E 94 -13.66 -31.55 -52.00
C TYR E 94 -13.33 -30.14 -52.46
N PRO E 95 -13.92 -29.69 -53.56
CA PRO E 95 -13.58 -28.38 -54.10
C PRO E 95 -13.94 -27.26 -53.13
N GLY E 96 -13.12 -26.22 -53.13
CA GLY E 96 -13.35 -25.04 -52.31
C GLY E 96 -12.73 -25.05 -50.93
N VAL E 97 -12.89 -26.15 -50.21
CA VAL E 97 -12.37 -26.24 -48.84
C VAL E 97 -10.91 -26.66 -48.90
N LYS E 98 -10.05 -25.87 -48.24
CA LYS E 98 -8.62 -26.17 -48.17
C LYS E 98 -8.07 -26.24 -46.76
N THR E 99 -8.84 -25.81 -45.76
CA THR E 99 -8.39 -25.81 -44.37
C THR E 99 -9.56 -26.14 -43.46
N VAL E 100 -9.31 -26.94 -42.44
CA VAL E 100 -10.30 -27.31 -41.44
C VAL E 100 -9.74 -27.04 -40.06
N ARG E 101 -10.58 -26.57 -39.16
CA ARG E 101 -10.17 -26.19 -37.81
C ARG E 101 -10.97 -26.99 -36.79
N PHE E 102 -10.26 -27.57 -35.82
CA PHE E 102 -10.88 -28.38 -34.78
C PHE E 102 -10.58 -27.77 -33.41
N PRO E 103 -11.58 -27.65 -32.54
CA PRO E 103 -11.34 -27.12 -31.20
C PRO E 103 -10.66 -28.13 -30.28
N ASP E 104 -10.48 -27.77 -29.02
CA ASP E 104 -9.85 -28.67 -28.07
C ASP E 104 -10.72 -29.90 -27.83
N GLY E 105 -10.05 -31.04 -27.65
CA GLY E 105 -10.73 -32.29 -27.38
C GLY E 105 -11.23 -33.04 -28.60
N GLN E 106 -11.04 -32.50 -29.80
CA GLN E 106 -11.49 -33.15 -31.03
C GLN E 106 -10.36 -33.77 -31.83
N ILE E 107 -9.15 -33.21 -31.77
CA ILE E 107 -7.99 -33.78 -32.43
C ILE E 107 -6.83 -33.82 -31.45
N TRP E 108 -5.88 -34.69 -31.74
CA TRP E 108 -4.69 -34.82 -30.89
C TRP E 108 -3.83 -33.57 -30.99
N LYS E 109 -3.32 -33.11 -29.84
CA LYS E 109 -2.40 -32.00 -29.78
C LYS E 109 -1.23 -32.36 -28.87
N PRO E 110 -0.05 -31.82 -29.14
CA PRO E 110 1.07 -32.02 -28.21
C PRO E 110 0.80 -31.36 -26.87
N ASP E 111 1.37 -31.96 -25.82
CA ASP E 111 1.18 -31.49 -24.45
C ASP E 111 2.32 -30.58 -23.99
N ILE E 112 2.87 -29.79 -24.92
CA ILE E 112 3.98 -28.89 -24.58
C ILE E 112 3.46 -27.80 -23.66
N LEU E 113 4.17 -27.59 -22.54
CA LEU E 113 3.82 -26.54 -21.60
C LEU E 113 5.08 -26.09 -20.88
N LEU E 114 5.02 -24.91 -20.29
CA LEU E 114 6.16 -24.32 -19.60
C LEU E 114 6.48 -25.13 -18.35
N TYR E 115 7.72 -25.64 -18.27
CA TYR E 115 8.11 -26.44 -17.11
C TYR E 115 8.18 -25.60 -15.85
N ASN E 116 8.77 -24.40 -15.93
CA ASN E 116 8.97 -23.54 -14.77
C ASN E 116 7.88 -22.49 -14.64
N SER E 117 6.66 -22.81 -15.06
CA SER E 117 5.56 -21.86 -14.95
C SER E 117 5.18 -21.66 -13.49
N ALA E 118 5.15 -20.40 -13.06
CA ALA E 118 4.77 -20.05 -11.70
C ALA E 118 3.31 -19.65 -11.58
N ASP E 119 2.54 -19.73 -12.66
CA ASP E 119 1.13 -19.40 -12.61
C ASP E 119 0.36 -20.46 -11.84
N GLU E 120 -0.73 -20.04 -11.20
CA GLU E 120 -1.53 -20.96 -10.41
C GLU E 120 -2.14 -22.04 -11.28
N ARG E 121 -2.63 -21.69 -12.47
CA ARG E 121 -3.16 -22.68 -13.40
C ARG E 121 -2.07 -23.53 -14.03
N PHE E 122 -0.83 -23.02 -14.08
CA PHE E 122 0.35 -23.72 -14.56
C PHE E 122 0.31 -23.91 -16.07
N ASP E 123 -0.80 -23.53 -16.72
CA ASP E 123 -0.93 -23.63 -18.16
C ASP E 123 -0.84 -22.26 -18.83
N ALA E 124 -1.72 -21.33 -18.42
CA ALA E 124 -1.69 -19.95 -18.91
C ALA E 124 -1.69 -19.87 -20.43
N THR E 125 -2.49 -20.73 -21.06
CA THR E 125 -2.61 -20.75 -22.51
C THR E 125 -4.09 -20.76 -22.88
N PHE E 126 -4.47 -19.89 -23.82
CA PHE E 126 -5.83 -19.86 -24.35
C PHE E 126 -5.90 -20.85 -25.51
N HIS E 127 -6.67 -21.92 -25.33
CA HIS E 127 -6.72 -22.99 -26.32
C HIS E 127 -7.56 -22.54 -27.51
N THR E 128 -6.93 -22.40 -28.67
CA THR E 128 -7.59 -22.00 -29.89
C THR E 128 -7.76 -23.20 -30.83
N ASN E 129 -8.30 -22.94 -32.00
CA ASN E 129 -8.46 -23.99 -33.00
C ASN E 129 -7.12 -24.33 -33.64
N VAL E 130 -7.07 -25.48 -34.31
CA VAL E 130 -5.86 -25.98 -34.96
C VAL E 130 -6.15 -26.07 -36.45
N LEU E 131 -5.48 -25.23 -37.24
CA LEU E 131 -5.63 -25.27 -38.68
C LEU E 131 -4.98 -26.53 -39.25
N VAL E 132 -5.65 -27.16 -40.20
CA VAL E 132 -5.16 -28.36 -40.85
C VAL E 132 -5.18 -28.15 -42.36
N ASN E 133 -4.04 -28.36 -43.01
CA ASN E 133 -3.95 -28.22 -44.45
C ASN E 133 -4.43 -29.52 -45.13
N SER E 134 -4.41 -29.50 -46.46
CA SER E 134 -4.84 -30.68 -47.20
C SER E 134 -3.92 -31.87 -46.98
N SER E 135 -2.66 -31.62 -46.64
CA SER E 135 -1.69 -32.67 -46.37
C SER E 135 -1.66 -33.08 -44.90
N GLY E 136 -2.53 -32.51 -44.07
CA GLY E 136 -2.58 -32.85 -42.67
C GLY E 136 -1.61 -32.10 -41.79
N HIS E 137 -0.91 -31.10 -42.32
CA HIS E 137 0.05 -30.34 -41.53
CA HIS E 137 0.05 -30.34 -41.53
C HIS E 137 -0.72 -29.41 -40.58
N CYS E 138 -0.82 -29.81 -39.32
CA CYS E 138 -1.53 -29.01 -38.34
C CYS E 138 -0.70 -27.78 -37.96
N GLN E 139 -1.38 -26.81 -37.35
CA GLN E 139 -0.75 -25.57 -36.93
C GLN E 139 -1.48 -25.04 -35.71
N TYR E 140 -0.73 -24.81 -34.63
CA TYR E 140 -1.31 -24.40 -33.36
C TYR E 140 -0.62 -23.13 -32.89
N LEU E 141 -1.40 -22.10 -32.57
CA LEU E 141 -0.88 -20.82 -32.08
C LEU E 141 -1.66 -20.42 -30.82
N PRO E 142 -1.36 -21.05 -29.68
CA PRO E 142 -2.04 -20.69 -28.44
C PRO E 142 -1.38 -19.49 -27.78
N PRO E 143 -2.14 -18.43 -27.51
CA PRO E 143 -1.60 -17.28 -26.79
C PRO E 143 -1.65 -17.51 -25.29
N GLY E 144 -1.23 -16.50 -24.54
CA GLY E 144 -1.29 -16.59 -23.09
C GLY E 144 -0.32 -15.67 -22.37
N ILE E 145 -0.67 -15.28 -21.15
CA ILE E 145 0.17 -14.42 -20.31
C ILE E 145 0.94 -15.36 -19.39
N PHE E 146 2.12 -15.79 -19.85
CA PHE E 146 2.92 -16.73 -19.09
C PHE E 146 3.57 -16.06 -17.89
N LYS E 147 3.75 -16.84 -16.82
CA LYS E 147 4.42 -16.40 -15.60
C LYS E 147 5.56 -17.37 -15.31
N SER E 148 6.73 -17.10 -15.87
CA SER E 148 7.89 -17.95 -15.63
C SER E 148 8.54 -17.60 -14.31
N SER E 149 9.34 -18.54 -13.80
CA SER E 149 10.07 -18.38 -12.55
C SER E 149 11.57 -18.43 -12.87
N CYS E 150 12.21 -17.27 -12.84
CA CYS E 150 13.64 -17.17 -13.13
C CYS E 150 14.35 -16.48 -11.97
N TYR E 151 15.60 -16.88 -11.73
CA TYR E 151 16.41 -16.25 -10.70
C TYR E 151 16.77 -14.84 -11.14
N ILE E 152 16.55 -13.88 -10.24
CA ILE E 152 16.78 -12.46 -10.51
C ILE E 152 17.77 -11.95 -9.49
N ASP E 153 18.98 -11.63 -9.93
CA ASP E 153 20.01 -11.06 -9.06
C ASP E 153 19.95 -9.53 -9.13
N VAL E 154 20.15 -8.89 -7.98
CA VAL E 154 20.08 -7.44 -7.88
C VAL E 154 21.42 -6.91 -7.40
N ARG E 155 22.51 -7.61 -7.75
CA ARG E 155 23.84 -7.19 -7.32
C ARG E 155 24.21 -5.83 -7.89
N TRP E 156 23.92 -5.61 -9.17
CA TRP E 156 24.30 -4.38 -9.85
C TRP E 156 23.12 -3.45 -10.12
N PHE E 157 22.12 -3.49 -9.26
CA PHE E 157 20.96 -2.62 -9.42
C PHE E 157 21.39 -1.15 -9.32
N PRO E 158 20.87 -0.26 -10.18
CA PRO E 158 19.90 -0.51 -11.26
C PRO E 158 20.55 -0.84 -12.60
N PHE E 159 21.89 -0.87 -12.69
CA PHE E 159 22.58 -1.23 -13.93
C PHE E 159 22.61 -2.75 -14.05
N ASP E 160 21.43 -3.31 -14.29
CA ASP E 160 21.20 -4.74 -14.15
C ASP E 160 20.86 -5.36 -15.50
N VAL E 161 21.45 -6.52 -15.77
CA VAL E 161 21.13 -7.31 -16.95
C VAL E 161 20.65 -8.67 -16.47
N GLN E 162 19.46 -9.08 -16.91
CA GLN E 162 18.82 -10.30 -16.45
C GLN E 162 18.75 -11.32 -17.58
N HIS E 163 18.92 -12.59 -17.23
CA HIS E 163 18.79 -13.71 -18.17
C HIS E 163 17.70 -14.64 -17.64
N CYS E 164 16.46 -14.34 -18.00
CA CYS E 164 15.33 -15.18 -17.60
C CYS E 164 15.10 -16.27 -18.64
N LYS E 165 14.77 -17.47 -18.16
CA LYS E 165 14.74 -18.67 -18.98
C LYS E 165 13.32 -19.20 -19.06
N LEU E 166 12.87 -19.52 -20.27
CA LEU E 166 11.58 -20.13 -20.53
C LEU E 166 11.82 -21.54 -21.03
N LYS E 167 11.49 -22.54 -20.23
CA LYS E 167 11.76 -23.94 -20.54
C LYS E 167 10.47 -24.61 -20.98
N PHE E 168 10.39 -24.96 -22.26
CA PHE E 168 9.22 -25.62 -22.83
C PHE E 168 9.60 -27.04 -23.24
N GLY E 169 8.68 -27.97 -23.03
CA GLY E 169 8.90 -29.35 -23.41
C GLY E 169 7.66 -30.18 -23.19
N SER E 170 7.60 -31.31 -23.89
CA SER E 170 6.46 -32.20 -23.75
C SER E 170 6.46 -32.84 -22.37
N TRP E 171 5.27 -32.91 -21.77
CA TRP E 171 5.17 -33.39 -20.40
C TRP E 171 5.33 -34.90 -20.29
N SER E 172 4.75 -35.66 -21.22
CA SER E 172 4.71 -37.11 -21.11
C SER E 172 5.05 -37.78 -22.44
N TYR E 173 6.00 -37.21 -23.18
CA TYR E 173 6.46 -37.81 -24.42
C TYR E 173 7.98 -37.80 -24.46
N GLY E 174 8.56 -38.92 -24.90
CA GLY E 174 9.99 -39.04 -25.04
C GLY E 174 10.47 -38.60 -26.41
N GLY E 175 11.78 -38.79 -26.63
CA GLY E 175 12.37 -38.41 -27.90
C GLY E 175 12.12 -39.37 -29.04
N TRP E 176 11.72 -40.60 -28.73
CA TRP E 176 11.41 -41.60 -29.75
C TRP E 176 9.94 -41.60 -30.14
N SER E 177 9.12 -40.79 -29.50
CA SER E 177 7.72 -40.64 -29.85
C SER E 177 7.36 -39.24 -30.30
N LEU E 178 7.87 -38.22 -29.61
CA LEU E 178 7.62 -36.83 -29.97
C LEU E 178 8.90 -36.05 -29.72
N ASP E 179 9.68 -35.82 -30.77
CA ASP E 179 10.92 -35.07 -30.66
C ASP E 179 10.65 -33.61 -31.00
N LEU E 180 11.17 -32.71 -30.18
CA LEU E 180 10.98 -31.28 -30.40
C LEU E 180 12.03 -30.75 -31.35
N GLN E 181 11.59 -29.98 -32.35
CA GLN E 181 12.47 -29.24 -33.22
C GLN E 181 12.26 -27.76 -32.99
N MET E 182 13.35 -27.00 -32.97
CA MET E 182 13.31 -25.60 -32.57
C MET E 182 13.34 -24.68 -33.79
N GLN E 183 12.50 -23.66 -33.74
CA GLN E 183 12.54 -22.56 -34.70
C GLN E 183 12.75 -21.26 -33.93
N GLU E 184 13.50 -20.35 -34.54
CA GLU E 184 13.90 -19.13 -33.85
C GLU E 184 12.68 -18.29 -33.47
N ALA E 185 12.80 -17.63 -32.31
CA ALA E 185 11.70 -16.81 -31.80
C ALA E 185 11.44 -15.63 -32.72
N ASP E 186 10.19 -15.18 -32.73
CA ASP E 186 9.74 -14.10 -33.61
C ASP E 186 9.79 -12.79 -32.83
N ILE E 187 10.75 -11.93 -33.20
CA ILE E 187 10.88 -10.63 -32.53
C ILE E 187 9.93 -9.60 -33.14
N SER E 188 9.59 -9.76 -34.42
CA SER E 188 8.69 -8.82 -35.08
C SER E 188 7.36 -8.74 -34.34
N GLY E 189 6.88 -7.51 -34.13
CA GLY E 189 5.68 -7.30 -33.37
C GLY E 189 5.87 -7.16 -31.87
N TYR E 190 7.11 -7.04 -31.40
CA TYR E 190 7.38 -6.90 -29.98
C TYR E 190 7.19 -5.44 -29.57
N ILE E 191 6.31 -5.22 -28.59
CA ILE E 191 6.07 -3.88 -28.06
C ILE E 191 7.20 -3.54 -27.09
N PRO E 192 7.93 -2.45 -27.30
CA PRO E 192 9.04 -2.11 -26.41
C PRO E 192 8.59 -1.74 -25.01
N ASN E 193 8.96 -2.56 -24.02
CA ASN E 193 8.64 -2.24 -22.64
C ASN E 193 9.44 -1.03 -22.17
N GLY E 194 8.77 -0.14 -21.45
CA GLY E 194 9.43 1.08 -21.01
C GLY E 194 10.55 0.83 -20.02
N GLU E 195 10.33 -0.03 -19.03
CA GLU E 195 11.30 -0.23 -17.97
C GLU E 195 12.50 -1.05 -18.44
N TRP E 196 12.25 -2.11 -19.22
CA TRP E 196 13.28 -3.06 -19.61
C TRP E 196 13.55 -2.99 -21.11
N ASP E 197 14.82 -3.14 -21.47
CA ASP E 197 15.25 -3.19 -22.87
C ASP E 197 15.61 -4.63 -23.22
N LEU E 198 15.03 -5.14 -24.30
CA LEU E 198 15.21 -6.53 -24.70
C LEU E 198 16.47 -6.64 -25.57
N VAL E 199 17.54 -7.20 -25.01
CA VAL E 199 18.74 -7.44 -25.79
C VAL E 199 18.48 -8.50 -26.85
N GLY E 200 17.82 -9.59 -26.46
CA GLY E 200 17.50 -10.66 -27.39
C GLY E 200 16.96 -11.85 -26.64
N ILE E 201 16.49 -12.83 -27.43
CA ILE E 201 15.95 -14.05 -26.85
C ILE E 201 16.57 -15.25 -27.56
N PRO E 202 17.84 -15.55 -27.30
CA PRO E 202 18.42 -16.77 -27.87
C PRO E 202 17.82 -18.01 -27.24
N GLY E 203 17.80 -19.10 -28.02
CA GLY E 203 17.25 -20.35 -27.55
C GLY E 203 18.17 -21.51 -27.88
N LYS E 204 17.90 -22.64 -27.23
CA LYS E 204 18.72 -23.84 -27.39
C LYS E 204 17.85 -25.07 -27.18
N ARG E 205 18.11 -26.11 -27.95
CA ARG E 205 17.44 -27.40 -27.78
C ARG E 205 18.39 -28.35 -27.08
N SER E 206 17.95 -28.94 -25.97
CA SER E 206 18.77 -29.83 -25.18
C SER E 206 18.02 -31.14 -24.95
N GLU E 207 18.79 -32.21 -24.76
CA GLU E 207 18.25 -33.54 -24.51
C GLU E 207 18.66 -34.01 -23.13
N ARG E 208 17.69 -34.41 -22.33
CA ARG E 208 17.93 -34.94 -20.99
C ARG E 208 17.74 -36.45 -21.00
N PHE E 209 18.70 -37.17 -20.45
CA PHE E 209 18.67 -38.62 -20.41
C PHE E 209 18.41 -39.12 -19.00
N TYR E 210 17.69 -40.24 -18.90
CA TYR E 210 17.43 -40.92 -17.65
C TYR E 210 18.15 -42.26 -17.63
N GLU E 211 18.39 -42.76 -16.43
CA GLU E 211 19.01 -44.08 -16.28
C GLU E 211 17.96 -45.19 -16.26
N CYS E 212 17.05 -45.14 -17.23
CA CYS E 212 16.03 -46.16 -17.42
C CYS E 212 16.09 -46.78 -18.80
N CYS E 213 16.14 -45.96 -19.84
CA CYS E 213 15.72 -46.38 -21.16
C CYS E 213 16.66 -45.95 -22.28
N LYS E 214 17.66 -45.11 -22.01
CA LYS E 214 18.63 -44.67 -23.01
C LYS E 214 17.95 -43.99 -24.20
N GLU E 215 16.92 -43.18 -23.91
CA GLU E 215 16.25 -42.41 -24.94
C GLU E 215 16.24 -40.93 -24.55
N PRO E 216 16.36 -40.03 -25.51
CA PRO E 216 16.37 -38.60 -25.18
C PRO E 216 15.00 -38.09 -24.76
N TYR E 217 15.02 -36.99 -24.02
CA TYR E 217 13.81 -36.27 -23.63
C TYR E 217 14.02 -34.81 -24.01
N PRO E 218 13.90 -34.48 -25.30
CA PRO E 218 14.27 -33.14 -25.75
C PRO E 218 13.31 -32.07 -25.24
N ASP E 219 13.83 -30.86 -25.13
CA ASP E 219 13.04 -29.69 -24.77
C ASP E 219 13.65 -28.47 -25.43
N VAL E 220 12.83 -27.44 -25.60
CA VAL E 220 13.24 -26.19 -26.22
C VAL E 220 13.14 -25.10 -25.17
N THR E 221 14.26 -24.45 -24.87
CA THR E 221 14.32 -23.41 -23.86
C THR E 221 14.80 -22.11 -24.49
N PHE E 222 14.10 -21.01 -24.19
CA PHE E 222 14.44 -19.69 -24.69
C PHE E 222 14.91 -18.83 -23.52
N THR E 223 16.09 -18.25 -23.66
CA THR E 223 16.69 -17.41 -22.62
C THR E 223 16.42 -15.95 -22.97
N VAL E 224 15.52 -15.31 -22.23
CA VAL E 224 15.20 -13.91 -22.45
C VAL E 224 16.28 -13.06 -21.78
N THR E 225 17.05 -12.35 -22.59
CA THR E 225 18.13 -11.49 -22.09
C THR E 225 17.65 -10.04 -22.16
N MET E 226 17.49 -9.41 -21.00
CA MET E 226 16.98 -8.06 -20.90
C MET E 226 17.82 -7.27 -19.92
N ARG E 227 17.92 -5.96 -20.16
CA ARG E 227 18.62 -5.05 -19.27
C ARG E 227 17.68 -3.94 -18.82
N ARG E 228 17.88 -3.47 -17.60
CA ARG E 228 17.04 -2.42 -17.03
C ARG E 228 17.51 -1.05 -17.48
N ARG E 229 16.56 -0.20 -17.86
CA ARG E 229 16.86 1.18 -18.19
C ARG E 229 17.00 2.00 -16.92
N THR E 230 17.95 2.93 -16.91
CA THR E 230 18.32 3.65 -15.70
C THR E 230 17.91 5.11 -15.69
N LEU E 231 17.16 5.57 -16.69
CA LEU E 231 16.75 6.98 -16.69
C LEU E 231 15.79 7.29 -15.54
N TYR E 232 14.73 6.49 -15.40
CA TYR E 232 13.77 6.70 -14.32
C TYR E 232 14.42 6.44 -12.96
N TYR E 233 15.07 5.28 -12.82
CA TYR E 233 15.73 4.97 -11.56
C TYR E 233 16.83 5.97 -11.25
N GLY E 234 17.58 6.39 -12.26
CA GLY E 234 18.56 7.43 -12.09
C GLY E 234 17.96 8.71 -11.53
N LEU E 235 17.05 9.31 -12.28
CA LEU E 235 16.47 10.59 -11.87
C LEU E 235 15.69 10.50 -10.56
N ASN E 236 15.29 9.30 -10.13
CA ASN E 236 14.53 9.19 -8.89
C ASN E 236 15.36 8.78 -7.70
N LEU E 237 16.52 8.17 -7.88
CA LEU E 237 17.30 7.66 -6.76
C LEU E 237 18.73 8.18 -6.70
N LEU E 238 19.41 8.34 -7.84
CA LEU E 238 20.83 8.69 -7.82
C LEU E 238 21.04 10.19 -7.72
N ILE E 239 20.47 10.97 -8.64
CA ILE E 239 20.62 12.43 -8.59
C ILE E 239 20.07 13.02 -7.30
N PRO E 240 18.87 12.66 -6.83
CA PRO E 240 18.43 13.19 -5.53
C PRO E 240 19.37 12.85 -4.39
N CYS E 241 19.94 11.64 -4.39
CA CYS E 241 20.89 11.27 -3.35
C CYS E 241 22.15 12.12 -3.42
N VAL E 242 22.66 12.36 -4.62
CA VAL E 242 23.85 13.19 -4.78
C VAL E 242 23.58 14.61 -4.28
N LEU E 243 22.44 15.18 -4.68
CA LEU E 243 22.10 16.53 -4.24
C LEU E 243 21.90 16.60 -2.73
N ILE E 244 21.29 15.56 -2.15
CA ILE E 244 21.07 15.53 -0.71
C ILE E 244 22.40 15.46 0.04
N SER E 245 23.33 14.64 -0.45
CA SER E 245 24.65 14.58 0.17
C SER E 245 25.39 15.91 0.05
N ALA E 246 25.31 16.55 -1.12
CA ALA E 246 25.95 17.85 -1.28
C ALA E 246 25.33 18.90 -0.39
N LEU E 247 24.02 18.80 -0.11
CA LEU E 247 23.39 19.72 0.81
C LEU E 247 23.79 19.42 2.25
N ALA E 248 23.98 18.15 2.58
CA ALA E 248 24.47 17.78 3.90
C ALA E 248 25.88 18.30 4.12
N LEU E 249 26.66 18.46 3.05
CA LEU E 249 27.99 19.05 3.17
C LEU E 249 27.97 20.52 3.54
N LEU E 250 26.81 21.18 3.50
CA LEU E 250 26.72 22.61 3.78
C LEU E 250 26.83 22.94 5.27
N VAL E 251 26.77 21.94 6.15
CA VAL E 251 26.82 22.23 7.59
C VAL E 251 28.13 22.90 7.96
N PHE E 252 29.23 22.49 7.30
CA PHE E 252 30.55 23.02 7.61
C PHE E 252 30.72 24.47 7.16
N LEU E 253 29.80 25.00 6.37
CA LEU E 253 29.89 26.40 5.93
C LEU E 253 29.09 27.34 6.82
N LEU E 254 28.09 26.84 7.53
CA LEU E 254 27.32 27.69 8.43
C LEU E 254 28.19 28.17 9.59
N PRO E 255 28.07 29.42 10.00
CA PRO E 255 28.79 29.86 11.20
C PRO E 255 28.25 29.17 12.45
N ALA E 256 29.15 28.96 13.41
CA ALA E 256 28.75 28.33 14.67
C ALA E 256 27.95 29.26 15.57
N ASP E 257 27.93 30.56 15.28
CA ASP E 257 27.14 31.48 16.09
C ASP E 257 25.65 31.17 16.00
N SER E 258 25.17 30.87 14.79
CA SER E 258 23.78 30.45 14.62
C SER E 258 23.63 28.98 15.01
N GLY E 259 22.73 28.71 15.94
CA GLY E 259 22.54 27.35 16.42
C GLY E 259 21.61 26.53 15.55
N GLU E 260 22.01 26.28 14.30
CA GLU E 260 21.19 25.48 13.39
C GLU E 260 22.03 24.53 12.55
N LYS E 261 23.21 24.15 13.04
CA LYS E 261 24.05 23.20 12.31
C LYS E 261 23.50 21.79 12.39
N ILE E 262 23.41 21.25 13.61
CA ILE E 262 22.92 19.89 13.77
C ILE E 262 21.46 19.78 13.35
N SER E 263 20.72 20.89 13.37
CA SER E 263 19.37 20.88 12.82
C SER E 263 19.39 20.50 11.35
N LEU E 264 20.25 21.18 10.57
CA LEU E 264 20.37 20.85 9.15
C LEU E 264 20.88 19.43 8.95
N GLY E 265 21.88 19.02 9.74
CA GLY E 265 22.42 17.68 9.58
C GLY E 265 21.40 16.60 9.86
N ILE E 266 20.68 16.72 10.97
CA ILE E 266 19.71 15.70 11.34
C ILE E 266 18.51 15.74 10.38
N THR E 267 18.16 16.91 9.86
CA THR E 267 17.06 16.98 8.92
C THR E 267 17.42 16.32 7.59
N VAL E 268 18.65 16.54 7.11
CA VAL E 268 19.05 15.90 5.86
C VAL E 268 19.19 14.39 6.05
N LEU E 269 19.64 13.95 7.23
CA LEU E 269 19.66 12.52 7.50
C LEU E 269 18.25 11.93 7.55
N LEU E 270 17.30 12.66 8.16
CA LEU E 270 15.91 12.23 8.17
C LEU E 270 15.36 12.15 6.75
N SER E 271 15.78 13.07 5.88
CA SER E 271 15.38 13.01 4.48
C SER E 271 15.94 11.77 3.80
N LEU E 272 17.21 11.44 4.09
CA LEU E 272 17.79 10.22 3.54
C LEU E 272 17.11 8.96 4.07
N THR E 273 16.49 9.03 5.25
CA THR E 273 15.81 7.87 5.80
C THR E 273 14.69 7.37 4.89
N VAL E 274 13.90 8.30 4.33
CA VAL E 274 12.80 7.88 3.47
C VAL E 274 13.33 7.33 2.15
N PHE E 275 14.48 7.83 1.67
CA PHE E 275 15.10 7.23 0.50
C PHE E 275 15.55 5.80 0.79
N MET E 276 16.11 5.57 1.97
CA MET E 276 16.46 4.21 2.37
C MET E 276 15.22 3.32 2.40
N LEU E 277 14.11 3.84 2.93
CA LEU E 277 12.87 3.08 2.96
C LEU E 277 12.39 2.73 1.55
N LEU E 278 12.47 3.70 0.63
CA LEU E 278 12.07 3.44 -0.75
C LEU E 278 12.94 2.38 -1.40
N VAL E 279 14.26 2.46 -1.19
CA VAL E 279 15.15 1.46 -1.78
C VAL E 279 14.86 0.08 -1.19
N ALA E 280 14.53 0.02 0.09
CA ALA E 280 14.14 -1.25 0.69
C ALA E 280 12.83 -1.77 0.12
N GLU E 281 11.89 -0.87 -0.17
CA GLU E 281 10.59 -1.31 -0.68
C GLU E 281 10.65 -1.76 -2.14
N ILE E 282 11.59 -1.22 -2.92
CA ILE E 282 11.69 -1.62 -4.33
C ILE E 282 12.66 -2.78 -4.54
N MET E 283 13.50 -3.10 -3.55
CA MET E 283 14.47 -4.18 -3.65
C MET E 283 13.86 -5.49 -3.15
N PRO E 284 14.24 -6.63 -3.73
CA PRO E 284 13.78 -7.91 -3.21
C PRO E 284 14.44 -8.23 -1.87
N ALA E 285 13.97 -9.32 -1.26
CA ALA E 285 14.51 -9.80 0.01
C ALA E 285 15.69 -10.74 -0.18
N THR E 286 16.31 -10.74 -1.36
CA THR E 286 17.44 -11.62 -1.61
C THR E 286 18.61 -11.27 -0.69
N SER E 287 19.23 -12.29 -0.11
CA SER E 287 20.32 -12.11 0.85
C SER E 287 21.58 -12.82 0.38
N ASP E 288 21.76 -12.95 -0.94
CA ASP E 288 22.95 -13.57 -1.49
C ASP E 288 24.03 -12.57 -1.88
N SER E 289 23.67 -11.30 -2.04
CA SER E 289 24.65 -10.27 -2.39
C SER E 289 24.12 -8.92 -1.95
N VAL E 290 25.03 -7.95 -1.84
CA VAL E 290 24.69 -6.60 -1.44
C VAL E 290 24.45 -5.78 -2.72
N PRO E 291 23.26 -5.21 -2.90
CA PRO E 291 23.02 -4.40 -4.10
C PRO E 291 23.93 -3.18 -4.15
N LEU E 292 24.29 -2.78 -5.37
CA LEU E 292 25.18 -1.65 -5.56
C LEU E 292 24.56 -0.36 -5.03
N ILE E 293 23.28 -0.12 -5.35
CA ILE E 293 22.64 1.09 -4.87
C ILE E 293 22.43 1.01 -3.36
N ALA E 294 22.30 -0.19 -2.81
CA ALA E 294 22.15 -0.33 -1.37
C ALA E 294 23.41 0.15 -0.64
N GLN E 295 24.58 -0.33 -1.08
CA GLN E 295 25.82 0.13 -0.46
C GLN E 295 26.10 1.58 -0.79
N TYR E 296 25.64 2.08 -1.94
CA TYR E 296 25.78 3.50 -2.26
C TYR E 296 25.00 4.36 -1.27
N PHE E 297 23.74 4.01 -1.02
CA PHE E 297 22.93 4.74 -0.04
C PHE E 297 23.50 4.59 1.36
N ALA E 298 24.01 3.41 1.69
CA ALA E 298 24.63 3.20 2.99
C ALA E 298 25.84 4.11 3.17
N SER E 299 26.68 4.23 2.14
CA SER E 299 27.84 5.10 2.21
C SER E 299 27.41 6.56 2.34
N THR E 300 26.38 6.98 1.60
CA THR E 300 25.91 8.36 1.69
C THR E 300 25.41 8.67 3.10
N MET E 301 24.60 7.77 3.67
CA MET E 301 24.07 8.02 5.01
C MET E 301 25.16 7.93 6.08
N ILE E 302 26.16 7.07 5.89
CA ILE E 302 27.29 7.03 6.81
C ILE E 302 28.07 8.33 6.75
N ILE E 303 28.26 8.88 5.54
CA ILE E 303 28.94 10.16 5.41
C ILE E 303 28.15 11.26 6.11
N VAL E 304 26.82 11.24 5.98
CA VAL E 304 25.99 12.24 6.66
C VAL E 304 26.11 12.10 8.17
N GLY E 305 26.09 10.87 8.69
CA GLY E 305 26.24 10.66 10.12
C GLY E 305 27.60 11.11 10.63
N LEU E 306 28.65 10.82 9.88
CA LEU E 306 29.99 11.31 10.25
C LEU E 306 30.05 12.82 10.21
N SER E 307 29.35 13.46 9.27
CA SER E 307 29.27 14.91 9.25
C SER E 307 28.58 15.43 10.50
N VAL E 308 27.53 14.73 10.95
CA VAL E 308 26.86 15.13 12.18
C VAL E 308 27.80 15.01 13.38
N VAL E 309 28.58 13.92 13.44
CA VAL E 309 29.54 13.76 14.53
C VAL E 309 30.59 14.85 14.49
N VAL E 310 31.08 15.18 13.28
CA VAL E 310 32.06 16.24 13.11
C VAL E 310 31.47 17.58 13.56
N THR E 311 30.20 17.82 13.24
CA THR E 311 29.54 19.04 13.67
C THR E 311 29.45 19.11 15.19
N VAL E 312 29.16 17.98 15.83
CA VAL E 312 29.15 17.94 17.30
C VAL E 312 30.52 18.30 17.84
N ILE E 313 31.58 17.74 17.25
CA ILE E 313 32.94 18.06 17.71
C ILE E 313 33.25 19.54 17.50
N VAL E 314 32.85 20.09 16.36
CA VAL E 314 33.12 21.49 16.06
C VAL E 314 32.40 22.40 17.05
N LEU E 315 31.14 22.08 17.35
CA LEU E 315 30.40 22.88 18.33
C LEU E 315 30.99 22.74 19.73
N GLN E 316 31.52 21.55 20.06
CA GLN E 316 32.21 21.39 21.34
C GLN E 316 33.44 22.28 21.41
N TYR E 317 34.19 22.38 20.31
CA TYR E 317 35.33 23.28 20.26
C TYR E 317 34.90 24.74 20.35
N HIS E 318 33.82 25.10 19.65
CA HIS E 318 33.38 26.48 19.60
C HIS E 318 32.87 26.98 20.94
N HIS E 319 32.02 26.17 21.60
CA HIS E 319 31.44 26.54 22.89
C HIS E 319 32.33 26.00 24.01
N HIS E 320 33.53 26.55 24.11
CA HIS E 320 34.50 26.19 25.13
C HIS E 320 34.50 27.25 26.21
N ASP E 321 34.43 26.81 27.47
CA ASP E 321 34.34 27.75 28.58
C ASP E 321 35.62 28.57 28.69
N PRO E 322 35.51 29.86 29.04
CA PRO E 322 36.71 30.68 29.22
C PRO E 322 37.53 30.19 30.41
N ASP E 323 38.79 29.86 30.17
CA ASP E 323 39.71 29.34 31.17
C ASP E 323 39.21 28.05 31.82
N GLY E 324 38.32 27.33 31.14
CA GLY E 324 37.88 26.03 31.61
C GLY E 324 38.80 24.89 31.27
N GLY E 325 39.89 25.19 30.57
CA GLY E 325 40.87 24.18 30.20
C GLY E 325 42.03 24.85 29.49
N LYS E 326 43.04 24.05 29.20
CA LYS E 326 44.24 24.52 28.53
C LYS E 326 44.34 23.84 27.16
N MET E 327 44.56 24.65 26.12
CA MET E 327 44.69 24.13 24.77
C MET E 327 46.00 23.37 24.64
N PRO E 328 45.99 22.10 24.24
CA PRO E 328 47.24 21.34 24.15
C PRO E 328 48.19 21.94 23.12
N LYS E 329 49.49 21.78 23.39
CA LYS E 329 50.50 22.33 22.48
C LYS E 329 50.40 21.72 21.09
N TRP E 330 50.17 20.40 21.02
CA TRP E 330 49.98 19.76 19.72
C TRP E 330 48.75 20.31 19.02
N THR E 331 47.66 20.53 19.77
CA THR E 331 46.46 21.11 19.18
C THR E 331 46.75 22.48 18.58
N ARG E 332 47.48 23.32 19.31
CA ARG E 332 47.83 24.64 18.78
C ARG E 332 48.68 24.52 17.54
N VAL E 333 49.81 23.81 17.63
CA VAL E 333 50.75 23.75 16.52
C VAL E 333 50.15 23.10 15.29
N ILE E 334 49.12 22.27 15.45
CA ILE E 334 48.46 21.74 14.28
C ILE E 334 47.43 22.74 13.78
N LEU E 335 46.38 22.99 14.57
CA LEU E 335 45.23 23.71 14.05
C LEU E 335 45.55 25.17 13.74
N LEU E 336 46.18 25.88 14.68
CA LEU E 336 46.35 27.31 14.53
C LEU E 336 47.51 27.68 13.61
N ASN E 337 48.41 26.74 13.30
CA ASN E 337 49.54 27.04 12.44
C ASN E 337 49.53 26.24 11.14
N TRP E 338 49.57 24.90 11.21
CA TRP E 338 49.77 24.12 10.00
C TRP E 338 48.52 24.12 9.13
N CYS E 339 47.37 23.88 9.74
CA CYS E 339 46.12 23.91 8.98
C CYS E 339 45.72 25.33 8.63
N ALA E 340 46.10 26.31 9.46
CA ALA E 340 45.85 27.70 9.12
C ALA E 340 46.62 28.11 7.87
N TRP E 341 47.87 27.67 7.75
CA TRP E 341 48.64 27.97 6.55
C TRP E 341 48.20 27.13 5.36
N PHE E 342 47.79 25.88 5.60
CA PHE E 342 47.35 25.02 4.50
C PHE E 342 46.11 25.57 3.82
N LEU E 343 45.15 26.06 4.60
CA LEU E 343 43.87 26.52 4.07
C LEU E 343 43.76 28.04 4.06
N ARG E 344 44.88 28.75 4.12
CA ARG E 344 44.92 30.21 4.00
C ARG E 344 44.08 30.89 5.08
N MET E 345 44.49 30.72 6.32
CA MET E 345 43.88 31.38 7.47
C MET E 345 44.85 32.40 8.04
N LYS E 346 44.33 33.56 8.43
CA LYS E 346 45.15 34.67 8.91
C LYS E 346 45.02 34.92 10.40
N ARG E 347 43.80 35.05 10.90
CA ARG E 347 43.60 35.35 12.31
C ARG E 347 43.84 34.10 13.16
N PRO E 348 44.81 34.13 14.09
CA PRO E 348 45.06 32.98 14.97
C PRO E 348 44.00 32.82 16.05
N PRO E 431 43.00 62.65 51.43
CA PRO E 431 42.64 61.38 52.07
C PRO E 431 41.75 60.51 51.19
N ASP E 432 40.62 61.07 50.74
CA ASP E 432 39.69 60.32 49.90
C ASP E 432 40.19 60.13 48.48
N LEU E 433 41.29 60.79 48.09
CA LEU E 433 41.79 60.68 46.73
C LEU E 433 42.38 59.30 46.44
N ALA E 434 42.82 58.58 47.47
CA ALA E 434 43.33 57.22 47.24
C ALA E 434 42.20 56.21 47.09
N LYS E 435 41.10 56.40 47.83
CA LYS E 435 40.00 55.45 47.79
C LYS E 435 39.35 55.42 46.42
N ILE E 436 39.16 56.58 45.78
CA ILE E 436 38.55 56.61 44.46
C ILE E 436 39.41 55.88 43.45
N LEU E 437 40.73 56.08 43.50
CA LEU E 437 41.63 55.38 42.59
C LEU E 437 41.59 53.87 42.82
N GLU E 438 41.64 53.45 44.09
CA GLU E 438 41.60 52.03 44.41
C GLU E 438 40.27 51.41 43.99
N GLU E 439 39.19 52.18 44.04
CA GLU E 439 37.88 51.69 43.63
C GLU E 439 37.78 51.57 42.12
N VAL E 440 38.31 52.55 41.39
CA VAL E 440 38.22 52.53 39.94
C VAL E 440 39.20 51.55 39.31
N ARG E 441 40.24 51.14 40.05
CA ARG E 441 41.18 50.16 39.51
C ARG E 441 40.49 48.83 39.22
N TYR E 442 39.54 48.44 40.07
CA TYR E 442 38.91 47.12 39.95
C TYR E 442 38.11 47.00 38.66
N ILE E 443 37.43 48.08 38.24
CA ILE E 443 36.62 48.02 37.03
C ILE E 443 37.49 47.73 35.82
N ALA E 444 38.61 48.44 35.69
CA ALA E 444 39.50 48.20 34.56
C ALA E 444 40.18 46.85 34.65
N ASN E 445 40.51 46.39 35.86
CA ASN E 445 41.09 45.05 35.98
C ASN E 445 40.10 43.99 35.52
N ARG E 446 38.83 44.13 35.91
CA ARG E 446 37.80 43.19 35.47
C ARG E 446 37.62 43.24 33.96
N PHE E 447 37.66 44.45 33.38
CA PHE E 447 37.55 44.57 31.93
C PHE E 447 38.73 43.90 31.23
N ARG E 448 39.94 44.06 31.77
CA ARG E 448 41.10 43.40 31.17
C ARG E 448 40.98 41.88 31.25
N CYS E 449 40.49 41.37 32.39
CA CYS E 449 40.28 39.93 32.50
C CYS E 449 39.24 39.44 31.50
N GLN E 450 38.17 40.20 31.32
CA GLN E 450 37.16 39.84 30.32
C GLN E 450 37.74 39.85 28.91
N ASP E 451 38.61 40.83 28.62
CA ASP E 451 39.24 40.88 27.31
C ASP E 451 40.15 39.67 27.07
N GLU E 452 40.91 39.27 28.10
CA GLU E 452 41.74 38.07 27.97
C GLU E 452 40.88 36.83 27.74
N SER E 453 39.78 36.71 28.48
CA SER E 453 38.88 35.57 28.27
C SER E 453 38.29 35.59 26.87
N GLU E 454 37.95 36.78 26.37
CA GLU E 454 37.42 36.89 25.01
C GLU E 454 38.47 36.50 23.99
N ALA E 455 39.74 36.85 24.23
CA ALA E 455 40.81 36.43 23.32
C ALA E 455 40.94 34.91 23.30
N VAL E 456 40.87 34.27 24.47
CA VAL E 456 40.93 32.81 24.52
C VAL E 456 39.75 32.20 23.76
N CYS E 457 38.55 32.76 23.97
CA CYS E 457 37.38 32.26 23.26
C CYS E 457 37.52 32.45 21.76
N SER E 458 38.12 33.57 21.33
CA SER E 458 38.35 33.79 19.91
C SER E 458 39.32 32.77 19.33
N GLU E 459 40.36 32.42 20.09
CA GLU E 459 41.27 31.36 19.65
C GLU E 459 40.52 30.04 19.48
N TRP E 460 39.68 29.69 20.45
CA TRP E 460 38.91 28.45 20.35
C TRP E 460 37.97 28.48 19.15
N LYS E 461 37.32 29.62 18.91
CA LYS E 461 36.40 29.74 17.78
C LYS E 461 37.15 29.62 16.45
N PHE E 462 38.34 30.20 16.36
CA PHE E 462 39.13 30.05 15.14
C PHE E 462 39.56 28.60 14.93
N ALA E 463 39.90 27.91 16.02
CA ALA E 463 40.21 26.48 15.89
C ALA E 463 39.00 25.71 15.39
N ALA E 464 37.81 26.06 15.88
CA ALA E 464 36.59 25.41 15.41
C ALA E 464 36.36 25.67 13.93
N CYS E 465 36.60 26.91 13.48
CA CYS E 465 36.44 27.22 12.06
C CYS E 465 37.44 26.46 11.20
N VAL E 466 38.68 26.33 11.68
CA VAL E 466 39.69 25.56 10.96
C VAL E 466 39.25 24.10 10.83
N VAL E 467 38.75 23.52 11.91
CA VAL E 467 38.23 22.15 11.85
C VAL E 467 37.07 22.06 10.88
N ASP E 468 36.21 23.09 10.87
CA ASP E 468 35.07 23.11 9.95
C ASP E 468 35.54 23.04 8.50
N ARG E 469 36.53 23.87 8.14
CA ARG E 469 36.97 23.90 6.74
C ARG E 469 37.72 22.62 6.38
N LEU E 470 38.55 22.10 7.29
CA LEU E 470 39.23 20.85 7.05
C LEU E 470 38.24 19.72 6.79
N CYS E 471 37.20 19.64 7.62
CA CYS E 471 36.20 18.59 7.45
C CYS E 471 35.37 18.82 6.20
N LEU E 472 35.13 20.08 5.82
CA LEU E 472 34.46 20.35 4.56
C LEU E 472 35.24 19.77 3.39
N MET E 473 36.54 20.04 3.33
CA MET E 473 37.36 19.50 2.26
C MET E 473 37.38 17.97 2.29
N ALA E 474 37.59 17.40 3.48
CA ALA E 474 37.70 15.95 3.59
C ALA E 474 36.40 15.26 3.19
N PHE E 475 35.25 15.79 3.64
CA PHE E 475 33.98 15.16 3.33
C PHE E 475 33.59 15.37 1.87
N SER E 476 33.94 16.51 1.27
CA SER E 476 33.73 16.66 -0.16
C SER E 476 34.52 15.61 -0.94
N VAL E 477 35.78 15.42 -0.58
CA VAL E 477 36.61 14.42 -1.25
C VAL E 477 36.02 13.03 -1.05
N PHE E 478 35.61 12.71 0.18
CA PHE E 478 35.04 11.39 0.45
C PHE E 478 33.76 11.16 -0.34
N THR E 479 32.87 12.15 -0.38
CA THR E 479 31.62 11.99 -1.11
C THR E 479 31.87 11.79 -2.59
N ILE E 480 32.76 12.61 -3.18
CA ILE E 480 33.05 12.48 -4.60
C ILE E 480 33.64 11.10 -4.90
N ILE E 481 34.62 10.67 -4.09
CA ILE E 481 35.27 9.39 -4.34
C ILE E 481 34.28 8.25 -4.22
N CYS E 482 33.48 8.24 -3.15
CA CYS E 482 32.53 7.16 -2.95
C CYS E 482 31.51 7.10 -4.08
N THR E 483 30.92 8.24 -4.44
CA THR E 483 29.92 8.25 -5.50
C THR E 483 30.51 7.77 -6.81
N ILE E 484 31.65 8.33 -7.22
CA ILE E 484 32.24 7.97 -8.51
C ILE E 484 32.62 6.50 -8.53
N GLY E 485 33.28 6.02 -7.47
CA GLY E 485 33.73 4.64 -7.45
C GLY E 485 32.58 3.65 -7.47
N ILE E 486 31.56 3.89 -6.64
CA ILE E 486 30.43 2.97 -6.59
C ILE E 486 29.67 2.99 -7.92
N LEU E 487 29.46 4.16 -8.50
CA LEU E 487 28.68 4.23 -9.74
C LEU E 487 29.45 3.60 -10.90
N MET E 488 30.75 3.83 -10.99
CA MET E 488 31.53 3.30 -12.12
C MET E 488 32.00 1.86 -11.90
N SER E 489 31.86 1.32 -10.69
CA SER E 489 32.25 -0.07 -10.46
C SER E 489 31.30 -1.05 -11.16
N ALA E 490 30.08 -0.65 -11.45
CA ALA E 490 29.12 -1.54 -12.08
C ALA E 490 29.52 -1.79 -13.54
N PRO E 491 29.42 -3.03 -14.00
CA PRO E 491 29.66 -3.30 -15.42
C PRO E 491 28.61 -2.64 -16.31
N ASN E 492 29.00 -2.39 -17.55
CA ASN E 492 28.17 -1.74 -18.58
C ASN E 492 27.48 -0.49 -18.06
N PHE E 493 28.12 0.20 -17.11
CA PHE E 493 27.63 1.49 -16.64
C PHE E 493 27.68 2.54 -17.75
N VAL E 494 28.78 2.56 -18.50
CA VAL E 494 28.92 3.52 -19.59
C VAL E 494 27.88 3.27 -20.67
N GLU E 495 27.62 2.00 -21.00
CA GLU E 495 26.61 1.70 -22.01
C GLU E 495 25.23 2.19 -21.57
N ALA E 496 24.86 1.90 -20.31
CA ALA E 496 23.55 2.29 -19.81
C ALA E 496 23.41 3.81 -19.76
N VAL E 497 24.48 4.52 -19.39
CA VAL E 497 24.39 5.98 -19.34
C VAL E 497 24.28 6.55 -20.74
N SER E 498 25.10 6.06 -21.68
CA SER E 498 25.05 6.58 -23.04
C SER E 498 23.76 6.20 -23.75
N LYS E 499 23.08 5.14 -23.31
CA LYS E 499 21.85 4.72 -23.96
C LYS E 499 20.59 5.26 -23.31
N ASP E 500 20.65 5.61 -22.02
CA ASP E 500 19.50 6.20 -21.33
C ASP E 500 19.59 7.72 -21.30
N PHE E 501 20.68 8.27 -20.75
CA PHE E 501 20.76 9.72 -20.60
C PHE E 501 21.11 10.44 -21.90
N ALA E 502 21.55 9.72 -22.92
CA ALA E 502 21.94 10.34 -24.18
C ALA E 502 21.27 9.64 -25.37
C1 NAG F . 6.76 -49.84 -16.62
C2 NAG F . 7.68 -51.01 -16.96
C3 NAG F . 7.80 -51.96 -15.77
C4 NAG F . 8.23 -51.21 -14.53
C5 NAG F . 7.26 -50.06 -14.27
C6 NAG F . 7.66 -49.20 -13.09
C7 NAG F . 7.91 -51.80 -19.28
C8 NAG F . 7.26 -52.58 -20.38
N2 NAG F . 7.20 -51.72 -18.14
O3 NAG F . 8.75 -52.98 -16.08
O4 NAG F . 8.25 -52.09 -13.40
O5 NAG F . 7.21 -49.20 -15.41
O6 NAG F . 7.82 -47.84 -13.47
O7 NAG F . 9.00 -51.28 -19.40
C1 NAG F . 9.59 -52.12 -12.87
C2 NAG F . 9.52 -52.53 -11.40
C3 NAG F . 10.91 -52.61 -10.79
C4 NAG F . 11.82 -53.51 -11.64
C5 NAG F . 11.79 -53.06 -13.09
C6 NAG F . 12.57 -53.98 -14.01
C7 NAG F . 7.61 -52.02 -9.94
C8 NAG F . 6.87 -50.94 -9.22
N2 NAG F . 8.68 -51.62 -10.64
O3 NAG F . 10.84 -53.11 -9.47
O4 NAG F . 13.15 -53.46 -11.15
O5 NAG F . 10.44 -53.03 -13.58
O6 NAG F . 13.70 -53.33 -14.57
O7 NAG F . 7.25 -53.19 -9.91
C1 NAG G . -22.40 -47.47 7.10
C2 NAG G . -22.61 -48.73 7.95
C3 NAG G . -23.89 -48.61 8.78
C4 NAG G . -23.86 -47.32 9.60
C5 NAG G . -23.65 -46.13 8.68
C6 NAG G . -23.51 -44.82 9.42
C7 NAG G . -21.76 -50.91 7.20
C8 NAG G . -21.97 -52.06 6.26
N2 NAG G . -22.66 -49.92 7.11
O3 NAG G . -23.99 -49.73 9.64
O4 NAG G . -25.08 -47.17 10.31
O5 NAG G . -22.42 -46.31 7.95
O6 NAG G . -22.28 -44.18 9.12
O7 NAG G . -20.84 -50.88 8.00
C1 NAG G . -24.80 -47.13 11.72
C2 NAG G . -25.95 -46.40 12.42
C3 NAG G . -25.70 -46.35 13.93
C4 NAG G . -25.46 -47.75 14.47
C5 NAG G . -24.34 -48.44 13.69
C6 NAG G . -24.13 -49.88 14.09
C7 NAG G . -27.25 -44.61 11.36
C8 NAG G . -27.24 -43.19 10.87
N2 NAG G . -26.10 -45.05 11.89
O3 NAG G . -26.83 -45.77 14.58
O4 NAG G . -25.10 -47.69 15.84
O5 NAG G . -24.65 -48.44 12.29
O6 NAG G . -22.85 -50.06 14.69
O7 NAG G . -28.26 -45.31 11.29
C1 NAG H . -47.13 -23.03 -7.30
C2 NAG H . -48.58 -23.27 -6.85
C3 NAG H . -49.53 -22.34 -7.58
C4 NAG H . -49.08 -20.89 -7.40
C5 NAG H . -47.64 -20.74 -7.87
C6 NAG H . -47.08 -19.35 -7.65
C7 NAG H . -49.30 -25.49 -6.08
C8 NAG H . -49.66 -26.89 -6.49
N2 NAG H . -48.96 -24.67 -7.07
O3 NAG H . -50.84 -22.51 -7.06
O4 NAG H . -49.93 -20.02 -8.15
O5 NAG H . -46.80 -21.64 -7.14
O6 NAG H . -45.91 -19.39 -6.84
O7 NAG H . -49.30 -25.14 -4.91
C1 NAG H . -50.56 -19.09 -7.25
C2 NAG H . -50.96 -17.85 -8.04
C3 NAG H . -51.66 -16.84 -7.13
C4 NAG H . -52.82 -17.51 -6.40
C5 NAG H . -52.36 -18.76 -5.69
C6 NAG H . -53.48 -19.54 -5.05
C7 NAG H . -49.71 -17.03 -10.00
C8 NAG H . -48.45 -16.39 -10.48
N2 NAG H . -49.80 -17.23 -8.68
O3 NAG H . -52.12 -15.74 -7.90
O4 NAG H . -53.38 -16.60 -5.46
O5 NAG H . -51.72 -19.65 -6.61
O6 NAG H . -53.37 -19.55 -3.63
O7 NAG H . -50.62 -17.35 -10.76
C1 NAG I . -33.29 -10.30 -39.88
C2 NAG I . -34.36 -9.84 -40.87
C3 NAG I . -33.73 -9.46 -42.21
C4 NAG I . -32.62 -8.44 -42.01
C5 NAG I . -31.60 -8.99 -41.01
C6 NAG I . -30.50 -8.00 -40.68
C7 NAG I . -36.66 -10.69 -40.72
C8 NAG I . -37.57 -11.85 -40.99
N2 NAG I . -35.38 -10.86 -41.05
O3 NAG I . -34.73 -8.93 -43.07
O4 NAG I . -31.98 -8.16 -43.25
O5 NAG I . -32.26 -9.30 -39.78
O6 NAG I . -30.45 -7.74 -39.28
O7 NAG I . -37.07 -9.64 -40.24
C1 NAG I . -32.12 -6.75 -43.53
C2 NAG I . -30.99 -6.33 -44.48
C3 NAG I . -31.12 -4.85 -44.83
C4 NAG I . -32.51 -4.56 -45.37
C5 NAG I . -33.58 -5.04 -44.41
C6 NAG I . -34.98 -4.89 -44.93
C7 NAG I . -28.78 -7.38 -44.48
C8 NAG I . -27.48 -7.56 -43.73
N2 NAG I . -29.69 -6.61 -43.89
O3 NAG I . -30.13 -4.52 -45.81
O4 NAG I . -32.66 -3.15 -45.57
O5 NAG I . -33.39 -6.45 -44.13
O6 NAG I . -35.73 -3.95 -44.17
O7 NAG I . -28.97 -7.92 -45.57
C1 NAG J . 0.03 -26.86 -45.65
C2 NAG J . 0.41 -26.98 -47.12
C3 NAG J . 1.71 -27.77 -47.28
C4 NAG J . 2.80 -27.17 -46.41
C5 NAG J . 2.33 -27.10 -44.96
C6 NAG J . 3.32 -26.44 -44.04
C7 NAG J . -1.30 -26.95 -48.88
C8 NAG J . -2.38 -27.72 -49.57
N2 NAG J . -0.66 -27.58 -47.89
O3 NAG J . 2.10 -27.77 -48.65
O4 NAG J . 3.98 -27.97 -46.49
O5 NAG J . 1.12 -26.33 -44.89
O6 NAG J . 2.76 -25.32 -43.39
O7 NAG J . -1.03 -25.79 -49.19
C1 NAG J . 5.06 -27.15 -47.01
C2 NAG J . 6.38 -27.77 -46.56
C3 NAG J . 7.56 -26.95 -47.10
C4 NAG J . 7.44 -26.81 -48.62
C5 NAG J . 6.07 -26.24 -48.99
C6 NAG J . 5.83 -26.18 -50.48
C7 NAG J . 6.66 -29.00 -44.45
C8 NAG J . 6.70 -28.91 -42.96
N2 NAG J . 6.45 -27.86 -45.11
O3 NAG J . 8.78 -27.61 -46.77
O4 NAG J . 8.46 -25.94 -49.10
O5 NAG J . 5.03 -27.07 -48.44
O6 NAG J . 5.72 -24.83 -50.93
O7 NAG J . 6.79 -30.07 -45.04
C1 YLI K . 8.04 0.76 24.05
C2 YLI K . 7.92 -0.72 24.01
C3 YLI K . 7.10 -1.12 23.07
C10 YLI K . 7.40 -1.49 19.91
C11 YLI K . 8.15 -1.84 18.76
C12 YLI K . 9.29 -1.04 18.56
C13 YLI K . 9.64 0.01 19.39
C18 YLI K . 8.71 3.53 22.60
C19 YLI K . 8.02 4.72 22.35
C20 YLI K . 8.41 5.95 22.90
C21 YLI K . 9.53 5.99 23.71
C22 YLI K . 10.24 4.85 23.98
C23 YLI K . 9.84 3.63 23.42
C4 YLI K . 6.89 -0.07 22.01
C5 YLI K . 7.32 1.26 22.77
C6 YLI K . 8.19 2.22 21.93
C8 YLI K . 8.87 0.33 20.53
C9 YLI K . 7.71 -0.44 20.78
N17 YLI K . 9.12 -3.69 17.00
N7 YLI K . 9.26 1.40 21.34
O15 YLI K . 6.99 -2.64 16.60
O16 YLI K . 7.23 -4.21 18.45
S14 YLI K . 7.76 -3.11 17.70
BR24 YLI K . 10.08 7.68 24.47
CA CA L . 7.59 -12.84 3.59
C1 NAG M . -9.04 -62.30 -2.08
C2 NAG M . -8.86 -63.71 -2.63
C3 NAG M . -9.39 -64.73 -1.63
C4 NAG M . -8.75 -64.53 -0.27
C5 NAG M . -8.94 -63.09 0.19
C6 NAG M . -8.22 -62.77 1.48
C7 NAG M . -9.10 -64.68 -4.87
C8 NAG M . -9.92 -64.71 -6.14
N2 NAG M . -9.54 -63.86 -3.91
O3 NAG M . -9.11 -66.05 -2.10
O4 NAG M . -9.34 -65.40 0.69
O5 NAG M . -8.40 -62.19 -0.80
O6 NAG M . -7.35 -61.66 1.34
O7 NAG M . -8.09 -65.37 -4.73
C1 NAG N . 2.26 -62.16 -26.03
C2 NAG N . 1.89 -63.31 -25.12
C3 NAG N . 2.91 -64.43 -25.24
C4 NAG N . 3.06 -64.85 -26.70
C5 NAG N . 3.38 -63.64 -27.57
C6 NAG N . 3.42 -63.95 -29.04
C7 NAG N . 0.78 -63.21 -22.92
C8 NAG N . 0.85 -62.67 -21.53
N2 NAG N . 1.79 -62.87 -23.73
O3 NAG N . 2.49 -65.55 -24.46
O4 NAG N . 4.11 -65.81 -26.83
O5 NAG N . 2.37 -62.63 -27.39
O6 NAG N . 2.36 -63.32 -29.74
O7 NAG N . -0.13 -63.94 -23.29
C1 CLR O . 19.57 14.91 44.38
C2 CLR O . 19.60 15.76 45.70
C3 CLR O . 20.41 14.96 46.71
C4 CLR O . 21.89 14.94 46.25
C5 CLR O . 21.93 14.22 44.87
C6 CLR O . 22.86 13.24 44.65
C7 CLR O . 23.01 12.45 43.33
C8 CLR O . 22.22 13.02 42.13
C9 CLR O . 20.82 13.44 42.63
C10 CLR O . 20.96 14.60 43.75
C11 CLR O . 19.94 13.90 41.42
C12 CLR O . 19.98 13.03 40.11
C13 CLR O . 21.44 12.65 39.74
C14 CLR O . 22.07 11.96 40.96
C15 CLR O . 23.39 11.38 40.39
C16 CLR O . 22.99 10.95 38.92
C17 CLR O . 21.59 11.60 38.58
C18 CLR O . 22.28 13.92 39.34
C19 CLR O . 21.47 15.88 43.04
C20 CLR O . 21.58 12.27 37.12
C21 CLR O . 20.16 12.40 36.58
C22 CLR O . 22.44 11.35 36.14
C23 CLR O . 21.62 10.07 35.66
C24 CLR O . 22.44 8.74 35.87
C25 CLR O . 22.11 7.63 34.77
C26 CLR O . 20.58 7.36 34.80
C27 CLR O . 22.86 6.33 35.14
O1 CLR O . 20.37 15.80 47.97
C1 YLI P . -9.22 15.14 18.12
C2 YLI P . -10.29 14.12 18.26
C3 YLI P . -10.41 13.38 17.18
C10 YLI P . -8.77 10.89 16.02
C11 YLI P . -8.03 9.69 16.20
C12 YLI P . -6.86 9.85 16.94
C13 YLI P . -6.43 11.07 17.45
C18 YLI P . -6.18 15.91 17.52
C19 YLI P . -5.51 16.73 16.58
C20 YLI P . -4.80 17.86 16.95
C21 YLI P . -4.71 18.20 18.29
C22 YLI P . -5.34 17.42 19.25
C23 YLI P . -6.06 16.30 18.85
C4 YLI P . -9.18 13.43 16.32
C5 YLI P . -8.48 14.77 16.81
C6 YLI P . -6.96 14.68 16.99
C8 YLI P . -7.19 12.25 17.26
C9 YLI P . -8.38 12.14 16.52
N17 YLI P . -7.91 7.00 16.55
N7 YLI P . -6.71 13.45 17.78
O15 YLI P . -7.92 7.93 14.33
O16 YLI P . -9.92 8.05 15.69
S14 YLI P . -8.51 8.18 15.59
BR24 YLI P . -3.71 19.77 18.82
CA CA Q . -7.49 -8.17 10.59
C1 NAG R . -46.30 -42.59 2.55
C2 NAG R . -46.90 -43.99 2.70
C3 NAG R . -48.42 -43.90 2.91
C4 NAG R . -48.74 -42.96 4.06
C5 NAG R . -48.07 -41.61 3.84
C6 NAG R . -48.26 -40.66 5.02
C7 NAG R . -46.43 -46.15 1.62
C8 NAG R . -46.12 -46.84 0.33
N2 NAG R . -46.60 -44.82 1.55
O3 NAG R . -48.94 -45.19 3.16
O4 NAG R . -50.15 -42.78 4.15
O5 NAG R . -46.66 -41.79 3.68
O6 NAG R . -47.01 -40.19 5.50
O7 NAG R . -46.54 -46.75 2.68
C1 NAG S . -27.76 -61.45 1.02
C2 NAG S . -29.25 -61.53 1.35
C3 NAG S . -29.50 -62.63 2.37
C4 NAG S . -28.91 -63.95 1.91
C5 NAG S . -27.44 -63.77 1.55
C6 NAG S . -26.82 -65.01 0.94
C7 NAG S . -30.89 -59.71 1.41
C8 NAG S . -31.27 -58.39 2.02
N2 NAG S . -29.75 -60.25 1.83
O3 NAG S . -30.90 -62.77 2.58
O4 NAG S . -29.03 -64.93 2.92
O5 NAG S . -27.30 -62.72 0.57
O6 NAG S . -26.46 -64.80 -0.41
O7 NAG S . -31.61 -60.26 0.58
C1 CLR T . -5.51 36.26 35.06
C2 CLR T . -5.63 37.75 35.55
C3 CLR T . -6.39 37.70 36.87
C4 CLR T . -5.48 37.02 37.93
C5 CLR T . -5.20 35.57 37.45
C6 CLR T . -5.34 34.53 38.34
C7 CLR T . -5.08 33.05 37.98
C8 CLR T . -4.38 32.80 36.63
C9 CLR T . -4.99 33.75 35.59
C10 CLR T . -4.75 35.29 36.02
C11 CLR T . -4.39 33.45 34.18
C12 CLR T . -4.25 31.94 33.76
C13 CLR T . -3.64 31.09 34.90
C14 CLR T . -4.53 31.30 36.15
C15 CLR T . -4.03 30.20 37.12
C16 CLR T . -3.68 29.00 36.16
C17 CLR T . -3.67 29.53 34.69
C18 CLR T . -2.16 31.51 35.21
C19 CLR T . -3.22 35.57 35.89
C20 CLR T . -2.40 29.00 33.86
C21 CLR T . -2.64 29.04 32.36
C22 CLR T . -2.10 27.51 34.31
C23 CLR T . -3.09 26.47 33.61
C24 CLR T . -3.77 25.50 34.66
C25 CLR T . -4.07 24.06 34.06
C26 CLR T . -4.96 24.24 32.79
C27 CLR T . -4.85 23.24 35.12
O1 CLR T . -6.53 39.14 37.28
C1 YLI U . -3.75 25.00 -2.19
C2 YLI U . -5.03 24.63 -2.86
C3 YLI U . -4.99 23.41 -3.34
C10 YLI U . -5.33 20.51 -2.01
C11 YLI U . -5.94 19.64 -1.08
C12 YLI U . -5.70 19.99 0.26
C13 YLI U . -4.94 21.09 0.64
C18 YLI U . -1.50 24.44 0.01
C19 YLI U . -0.11 24.22 -0.02
C20 YLI U . 0.81 25.10 0.58
C21 YLI U . 0.32 26.22 1.22
C22 YLI U . -1.03 26.48 1.27
C23 YLI U . -1.92 25.59 0.67
C4 YLI U . -3.91 22.58 -2.69
C5 YLI U . -2.94 23.69 -2.10
C6 YLI U . -2.41 23.40 -0.69
C8 YLI U . -4.35 21.94 -0.31
C9 YLI U . -4.56 21.64 -1.68
N17 YLI U . -7.94 17.97 -0.30
N7 YLI U . -3.60 23.03 0.12
O15 YLI U . -6.06 17.11 -1.53
O16 YLI U . -7.65 18.58 -2.64
S14 YLI U . -6.86 18.28 -1.50
BR24 YLI U . 1.58 27.45 2.05
CA CA V . -14.98 3.27 0.01
C1 NAG W . -52.03 -17.33 -30.95
C2 NAG W . -53.36 -18.06 -31.14
C3 NAG W . -54.09 -17.51 -32.37
C4 NAG W . -54.23 -16.00 -32.27
C5 NAG W . -52.87 -15.36 -32.05
C6 NAG W . -52.95 -13.86 -31.82
C7 NAG W . -54.05 -20.40 -30.86
C8 NAG W . -53.68 -21.84 -31.07
N2 NAG W . -53.16 -19.49 -31.27
O3 NAG W . -55.38 -18.12 -32.46
O4 NAG W . -54.80 -15.49 -33.47
O5 NAG W . -52.26 -15.92 -30.87
O6 NAG W . -52.33 -13.49 -30.61
O7 NAG W . -55.10 -20.08 -30.34
C1 NAG X . -55.89 -35.67 -12.24
C2 NAG X . -56.81 -35.17 -13.35
C3 NAG X . -58.26 -35.17 -12.88
C4 NAG X . -58.64 -36.55 -12.37
C5 NAG X . -57.65 -37.00 -11.29
C6 NAG X . -57.90 -38.41 -10.81
C7 NAG X . -56.33 -33.48 -15.08
C8 NAG X . -55.91 -32.07 -15.35
N2 NAG X . -56.41 -33.84 -13.79
O3 NAG X . -59.11 -34.81 -13.97
O4 NAG X . -59.95 -36.51 -11.80
O5 NAG X . -56.32 -36.98 -11.81
O6 NAG X . -56.84 -39.28 -11.18
O7 NAG X . -56.56 -34.28 -15.98
C1 CLR Y . 3.19 50.40 5.15
C2 CLR Y . 3.89 51.79 5.01
C3 CLR Y . 2.77 52.83 4.98
C4 CLR Y . 2.12 52.88 6.39
C5 CLR Y . 1.51 51.47 6.67
C6 CLR Y . 0.23 51.39 7.16
C7 CLR Y . -0.49 50.06 7.49
C8 CLR Y . 0.41 48.81 7.50
C9 CLR Y . 1.38 48.90 6.31
C10 CLR Y . 2.31 50.20 6.44
C11 CLR Y . 2.22 47.59 6.21
C12 CLR Y . 1.47 46.22 6.42
C13 CLR Y . 0.51 46.27 7.62
C14 CLR Y . -0.43 47.47 7.42
C15 CLR Y . -1.51 47.26 8.51
C16 CLR Y . -1.66 45.69 8.58
C17 CLR Y . -0.46 45.05 7.79
C18 CLR Y . 1.30 46.43 8.98
C19 CLR Y . 3.28 49.97 7.64
C20 CLR Y . 0.20 43.83 8.60
C21 CLR Y . 0.96 42.88 7.67
C22 CLR Y . -0.95 43.04 9.34
C23 CLR Y . -1.72 42.06 8.35
C24 CLR Y . -3.29 42.26 8.42
C25 CLR Y . -4.10 40.91 8.15
C26 CLR Y . -3.67 40.38 6.74
C27 CLR Y . -5.61 41.25 8.14
O1 CLR Y . 3.49 54.14 4.80
C1 YLI Z . 16.93 16.69 -8.81
C2 YLI Z . 16.46 16.27 -10.16
C3 YLI Z . 15.89 15.09 -10.13
C10 YLI Z . 12.99 14.06 -9.27
C11 YLI Z . 11.59 14.22 -9.19
C12 YLI Z . 11.20 15.32 -8.42
C13 YLI Z . 12.08 16.18 -7.78
C18 YLI Z . 16.33 17.29 -5.73
C19 YLI Z . 16.82 16.80 -4.50
C20 YLI Z . 17.50 17.61 -3.59
C21 YLI Z . 17.72 18.95 -3.91
C22 YLI Z . 17.26 19.47 -5.10
C23 YLI Z . 16.57 18.64 -5.99
C4 YLI Z . 15.44 14.71 -8.74
C5 YLI Z . 16.32 15.65 -7.83
C6 YLI Z . 15.57 16.30 -6.66
C8 YLI Z . 13.47 15.99 -7.89
C9 YLI Z . 13.93 14.89 -8.65
N17 YLI Z . 9.08 14.05 -10.26
N7 YLI Z . 14.33 16.87 -7.23
O15 YLI Z . 10.02 12.19 -9.05
O16 YLI Z . 10.95 12.81 -11.22
S14 YLI Z . 10.45 13.21 -9.94
BR24 YLI Z . 18.67 20.08 -2.66
CA CA AA . -4.51 5.67 -13.50
C1 NAG BA . -18.34 -21.38 -56.31
C2 NAG BA . -19.35 -21.72 -57.42
C3 NAG BA . -18.62 -22.01 -58.72
C4 NAG BA . -17.68 -20.86 -59.08
C5 NAG BA . -16.75 -20.57 -57.91
C6 NAG BA . -15.87 -19.36 -58.16
C7 NAG BA . -21.46 -23.00 -57.44
C8 NAG BA . -22.16 -24.22 -56.96
N2 NAG BA . -20.19 -22.85 -57.04
O3 NAG BA . -19.57 -22.20 -59.77
O4 NAG BA . -16.91 -21.20 -60.23
O5 NAG BA . -17.51 -20.29 -56.73
O6 NAG BA . -16.00 -18.41 -57.11
O7 NAG BA . -22.00 -22.17 -58.17
C1 NAG CA . -43.29 -20.45 -47.46
C2 NAG CA . -42.73 -20.67 -48.88
C3 NAG CA . -43.66 -20.01 -49.90
C4 NAG CA . -45.08 -20.52 -49.73
C5 NAG CA . -45.55 -20.33 -48.30
C6 NAG CA . -46.91 -20.92 -48.02
C7 NAG CA . -40.39 -20.78 -49.58
C8 NAG CA . -39.07 -20.08 -49.60
N2 NAG CA . -41.39 -20.12 -48.99
O3 NAG CA . -43.19 -20.31 -51.21
O4 NAG CA . -45.96 -19.82 -50.61
O5 NAG CA . -44.63 -20.97 -47.39
O6 NAG CA . -46.83 -22.02 -47.13
O7 NAG CA . -40.54 -21.89 -50.07
C1 CLR DA . 33.65 37.77 -4.00
C2 CLR DA . 35.01 38.48 -3.71
C3 CLR DA . 35.25 39.43 -4.87
C4 CLR DA . 34.20 40.58 -4.78
C5 CLR DA . 32.80 39.93 -4.92
C6 CLR DA . 31.89 40.50 -5.78
C7 CLR DA . 30.46 39.96 -6.00
C8 CLR DA . 29.98 38.90 -4.99
C9 CLR DA . 31.15 37.93 -4.74
C10 CLR DA . 32.40 38.70 -4.11
C11 CLR DA . 30.67 36.76 -3.82
C12 CLR DA . 29.27 36.11 -4.12
C13 CLR DA . 28.19 37.20 -4.38
C14 CLR DA . 28.72 38.10 -5.51
C15 CLR DA . 27.47 38.95 -5.89
C16 CLR DA . 26.27 37.94 -5.71
C17 CLR DA . 26.81 36.68 -4.92
C18 CLR DA . 27.91 38.06 -3.09
C19 CLR DA . 32.01 39.14 -2.66
C20 CLR DA . 25.81 36.24 -3.74
C21 CLR DA . 26.02 34.77 -3.35
C22 CLR DA . 24.32 36.45 -4.25
C23 CLR DA . 23.85 35.27 -5.20
C24 CLR DA . 23.23 35.83 -6.55
C25 CLR DA . 22.09 34.88 -7.14
C26 CLR DA . 22.68 33.46 -7.34
C27 CLR DA . 21.64 35.44 -8.51
O1 CLR DA . 36.59 40.05 -4.58
C1 YLI EA . 24.19 1.74 7.40
C2 YLI EA . 24.44 0.64 6.43
C3 YLI EA . 23.34 -0.04 6.17
C10 YLI EA . 20.84 0.50 4.26
C11 YLI EA . 20.27 0.98 3.06
C12 YLI EA . 20.43 2.36 2.89
C13 YLI EA . 21.07 3.18 3.78
C18 YLI EA . 22.61 4.40 8.22
C19 YLI EA . 21.81 4.79 9.31
C20 YLI EA . 22.19 5.81 10.18
C21 YLI EA . 23.38 6.47 9.98
C22 YLI EA . 24.21 6.13 8.92
C23 YLI EA . 23.81 5.10 8.06
C4 YLI EA . 22.10 0.74 6.51
C5 YLI EA . 22.65 1.83 7.53
C6 YLI EA . 22.11 3.25 7.30
C8 YLI EA . 21.63 2.67 4.98
C9 YLI EA . 21.50 1.28 5.22
N17 YLI EA . 19.62 0.69 0.42
N7 YLI EA . 22.27 3.54 5.87
O15 YLI EA . 18.07 0.01 2.14
O16 YLI EA . 20.13 -1.24 1.81
S14 YLI EA . 19.47 0.02 1.91
BR24 YLI EA . 23.91 7.90 11.18
CA CA FA . 9.44 -4.27 -11.30
C1 NAG GA . 8.22 -49.16 -38.47
C2 NAG GA . 8.15 -49.92 -39.81
C3 NAG GA . 9.00 -51.19 -39.73
C4 NAG GA . 10.42 -50.84 -39.30
C5 NAG GA . 10.41 -50.05 -38.00
C6 NAG GA . 11.77 -49.58 -37.57
C7 NAG GA . 6.33 -50.35 -41.39
C8 NAG GA . 4.88 -50.71 -41.55
N2 NAG GA . 6.77 -50.26 -40.13
O3 NAG GA . 9.02 -51.81 -41.01
O4 NAG GA . 11.18 -52.03 -39.12
O5 NAG GA . 9.59 -48.88 -38.15
O6 NAG GA . 11.80 -48.18 -37.37
O7 NAG GA . 7.05 -50.16 -42.35
C1 NAG HA . -7.34 -36.83 -56.00
C2 NAG HA . -6.45 -38.06 -56.14
C3 NAG HA . -5.85 -38.10 -57.54
C4 NAG HA . -6.94 -38.02 -58.60
C5 NAG HA . -7.82 -36.80 -58.35
C6 NAG HA . -9.00 -36.72 -59.29
C7 NAG HA . -5.09 -39.16 -54.42
C8 NAG HA . -3.98 -38.98 -53.43
N2 NAG HA . -5.41 -38.06 -55.13
O3 NAG HA . -5.11 -39.31 -57.70
O4 NAG HA . -6.36 -37.94 -59.89
O5 NAG HA . -8.34 -36.84 -57.02
O6 NAG HA . -10.23 -36.89 -58.60
O7 NAG HA . -5.65 -40.23 -54.59
C1 CLR IA . 43.75 15.88 20.24
C2 CLR IA . 44.69 16.25 21.43
C3 CLR IA . 46.12 16.07 20.90
C4 CLR IA . 46.39 17.16 19.84
C5 CLR IA . 45.37 16.94 18.67
C6 CLR IA . 45.84 16.95 17.37
C7 CLR IA . 44.94 16.75 16.14
C8 CLR IA . 43.43 16.81 16.40
C9 CLR IA . 43.13 16.05 17.70
C10 CLR IA . 43.90 16.73 18.95
C11 CLR IA . 41.59 15.97 17.94
C12 CLR IA . 40.67 15.64 16.70
C13 CLR IA . 41.09 16.46 15.45
C14 CLR IA . 42.58 16.19 15.21
C15 CLR IA . 42.82 16.80 13.81
C16 CLR IA . 41.48 16.49 13.04
C17 CLR IA . 40.40 16.04 14.11
C18 CLR IA . 40.84 18.00 15.66
C19 CLR IA . 43.22 18.12 19.20
C20 CLR IA . 39.00 16.76 13.87
C21 CLR IA . 37.85 15.97 14.50
C22 CLR IA . 38.74 16.90 12.32
C23 CLR IA . 38.24 15.54 11.67
C24 CLR IA . 39.10 15.13 10.40
C25 CLR IA . 38.25 14.35 9.31
C26 CLR IA . 37.64 13.09 9.99
C27 CLR IA . 39.21 13.90 8.17
O1 CLR IA . 46.98 16.39 22.09
#